data_3LGO
# 
_entry.id   3LGO 
# 
_audit_conform.dict_name       mmcif_pdbx.dic 
_audit_conform.dict_version    5.387 
_audit_conform.dict_location   http://mmcif.pdb.org/dictionaries/ascii/mmcif_pdbx.dic 
# 
loop_
_database_2.database_id 
_database_2.database_code 
_database_2.pdbx_database_accession 
_database_2.pdbx_DOI 
PDB   3LGO         pdb_00003lgo 10.2210/pdb3lgo/pdb 
RCSB  RCSB057255   ?            ?                   
WWPDB D_1000057255 ?            ?                   
# 
loop_
_pdbx_audit_revision_history.ordinal 
_pdbx_audit_revision_history.data_content_type 
_pdbx_audit_revision_history.major_revision 
_pdbx_audit_revision_history.minor_revision 
_pdbx_audit_revision_history.revision_date 
1 'Structure model' 1 0 2010-08-04 
2 'Structure model' 1 1 2011-07-13 
3 'Structure model' 1 2 2024-02-21 
# 
_pdbx_audit_revision_details.ordinal             1 
_pdbx_audit_revision_details.revision_ordinal    1 
_pdbx_audit_revision_details.data_content_type   'Structure model' 
_pdbx_audit_revision_details.provider            repository 
_pdbx_audit_revision_details.type                'Initial release' 
_pdbx_audit_revision_details.description         ? 
_pdbx_audit_revision_details.details             ? 
# 
loop_
_pdbx_audit_revision_group.ordinal 
_pdbx_audit_revision_group.revision_ordinal 
_pdbx_audit_revision_group.data_content_type 
_pdbx_audit_revision_group.group 
1 2 'Structure model' 'Version format compliance' 
2 3 'Structure model' 'Data collection'           
3 3 'Structure model' 'Database references'       
# 
loop_
_pdbx_audit_revision_category.ordinal 
_pdbx_audit_revision_category.revision_ordinal 
_pdbx_audit_revision_category.data_content_type 
_pdbx_audit_revision_category.category 
1 3 'Structure model' chem_comp_atom     
2 3 'Structure model' chem_comp_bond     
3 3 'Structure model' database_2         
4 3 'Structure model' struct_ref_seq_dif 
# 
loop_
_pdbx_audit_revision_item.ordinal 
_pdbx_audit_revision_item.revision_ordinal 
_pdbx_audit_revision_item.data_content_type 
_pdbx_audit_revision_item.item 
1 3 'Structure model' '_database_2.pdbx_DOI'                
2 3 'Structure model' '_database_2.pdbx_database_accession' 
3 3 'Structure model' '_struct_ref_seq_dif.details'         
# 
_pdbx_database_status.status_code                     REL 
_pdbx_database_status.entry_id                        3LGO 
_pdbx_database_status.recvd_initial_deposition_date   2010-01-21 
_pdbx_database_status.deposit_site                    RCSB 
_pdbx_database_status.process_site                    RCSB 
_pdbx_database_status.status_code_sf                  REL 
_pdbx_database_status.status_code_mr                  ? 
_pdbx_database_status.SG_entry                        ? 
_pdbx_database_status.status_code_cs                  ? 
_pdbx_database_status.pdb_format_compatible           Y 
_pdbx_database_status.status_code_nmr_data            ? 
_pdbx_database_status.methods_development_category    ? 
# 
loop_
_audit_author.name 
_audit_author.pdbx_ordinal 
'Kogan, K.' 1 
'Fass, D.'  2 
# 
_citation.id                        primary 
_citation.title                     
'Structural conservation of components in the amino acid sensing branch of the TOR pathway in yeast and mammals.' 
_citation.journal_abbrev            J.Mol.Biol. 
_citation.journal_volume            402 
_citation.page_first                388 
_citation.page_last                 398 
_citation.year                      2010 
_citation.journal_id_ASTM           JMOBAK 
_citation.country                   UK 
_citation.journal_id_ISSN           0022-2836 
_citation.journal_id_CSD            0070 
_citation.book_publisher            ? 
_citation.pdbx_database_id_PubMed   20655927 
_citation.pdbx_database_id_DOI      10.1016/j.jmb.2010.07.034 
# 
loop_
_citation_author.citation_id 
_citation_author.name 
_citation_author.ordinal 
_citation_author.identifier_ORCID 
primary 'Kogan, K.'    1 ? 
primary 'Spear, E.D.'  2 ? 
primary 'Kaiser, C.A.' 3 ? 
primary 'Fass, D.'     4 ? 
# 
loop_
_entity.id 
_entity.type 
_entity.src_method 
_entity.pdbx_description 
_entity.formula_weight 
_entity.pdbx_number_of_molecules 
_entity.pdbx_ec 
_entity.pdbx_mutation 
_entity.pdbx_fragment 
_entity.details 
1 polymer man 'Protein SLM4' 19563.164 1 ? ? ? ? 
2 water   nat water          18.015    2 ? ? ? ? 
# 
_entity_name_com.entity_id   1 
_entity_name_com.name        'GSE complex subunit 1, EGO complex subunit 3' 
# 
_entity_poly.entity_id                      1 
_entity_poly.type                           'polypeptide(L)' 
_entity_poly.nstd_linkage                   no 
_entity_poly.nstd_monomer                   no 
_entity_poly.pdbx_seq_one_letter_code       
;MGSSHHHHHHMVMLHSKNVKGFLENTLKPYDLHSVDFKTSSLQSSMIITATNGGILSYATSNNDVPKNSINEINSVNNLK
MMSLLIKDKWSEDENDTEEQHSNSCYPVEIDSFKTKIYTYEMEDLHTCVAQIPNSDLLLLFIAEGSFPYGLLVIKIERAM
RELTDLFGYKLG
;
_entity_poly.pdbx_seq_one_letter_code_can   
;MGSSHHHHHHMVMLHSKNVKGFLENTLKPYDLHSVDFKTSSLQSSMIITATNGGILSYATSNNDVPKNSINEINSVNNLK
MMSLLIKDKWSEDENDTEEQHSNSCYPVEIDSFKTKIYTYEMEDLHTCVAQIPNSDLLLLFIAEGSFPYGLLVIKIERAM
RELTDLFGYKLG
;
_entity_poly.pdbx_strand_id                 A 
_entity_poly.pdbx_target_identifier         ? 
# 
_pdbx_entity_nonpoly.entity_id   2 
_pdbx_entity_nonpoly.name        water 
_pdbx_entity_nonpoly.comp_id     HOH 
# 
loop_
_entity_poly_seq.entity_id 
_entity_poly_seq.num 
_entity_poly_seq.mon_id 
_entity_poly_seq.hetero 
1 1   MET n 
1 2   GLY n 
1 3   SER n 
1 4   SER n 
1 5   HIS n 
1 6   HIS n 
1 7   HIS n 
1 8   HIS n 
1 9   HIS n 
1 10  HIS n 
1 11  MET n 
1 12  VAL n 
1 13  MET n 
1 14  LEU n 
1 15  HIS n 
1 16  SER n 
1 17  LYS n 
1 18  ASN n 
1 19  VAL n 
1 20  LYS n 
1 21  GLY n 
1 22  PHE n 
1 23  LEU n 
1 24  GLU n 
1 25  ASN n 
1 26  THR n 
1 27  LEU n 
1 28  LYS n 
1 29  PRO n 
1 30  TYR n 
1 31  ASP n 
1 32  LEU n 
1 33  HIS n 
1 34  SER n 
1 35  VAL n 
1 36  ASP n 
1 37  PHE n 
1 38  LYS n 
1 39  THR n 
1 40  SER n 
1 41  SER n 
1 42  LEU n 
1 43  GLN n 
1 44  SER n 
1 45  SER n 
1 46  MET n 
1 47  ILE n 
1 48  ILE n 
1 49  THR n 
1 50  ALA n 
1 51  THR n 
1 52  ASN n 
1 53  GLY n 
1 54  GLY n 
1 55  ILE n 
1 56  LEU n 
1 57  SER n 
1 58  TYR n 
1 59  ALA n 
1 60  THR n 
1 61  SER n 
1 62  ASN n 
1 63  ASN n 
1 64  ASP n 
1 65  VAL n 
1 66  PRO n 
1 67  LYS n 
1 68  ASN n 
1 69  SER n 
1 70  ILE n 
1 71  ASN n 
1 72  GLU n 
1 73  ILE n 
1 74  ASN n 
1 75  SER n 
1 76  VAL n 
1 77  ASN n 
1 78  ASN n 
1 79  LEU n 
1 80  LYS n 
1 81  MET n 
1 82  MET n 
1 83  SER n 
1 84  LEU n 
1 85  LEU n 
1 86  ILE n 
1 87  LYS n 
1 88  ASP n 
1 89  LYS n 
1 90  TRP n 
1 91  SER n 
1 92  GLU n 
1 93  ASP n 
1 94  GLU n 
1 95  ASN n 
1 96  ASP n 
1 97  THR n 
1 98  GLU n 
1 99  GLU n 
1 100 GLN n 
1 101 HIS n 
1 102 SER n 
1 103 ASN n 
1 104 SER n 
1 105 CYS n 
1 106 TYR n 
1 107 PRO n 
1 108 VAL n 
1 109 GLU n 
1 110 ILE n 
1 111 ASP n 
1 112 SER n 
1 113 PHE n 
1 114 LYS n 
1 115 THR n 
1 116 LYS n 
1 117 ILE n 
1 118 TYR n 
1 119 THR n 
1 120 TYR n 
1 121 GLU n 
1 122 MET n 
1 123 GLU n 
1 124 ASP n 
1 125 LEU n 
1 126 HIS n 
1 127 THR n 
1 128 CYS n 
1 129 VAL n 
1 130 ALA n 
1 131 GLN n 
1 132 ILE n 
1 133 PRO n 
1 134 ASN n 
1 135 SER n 
1 136 ASP n 
1 137 LEU n 
1 138 LEU n 
1 139 LEU n 
1 140 LEU n 
1 141 PHE n 
1 142 ILE n 
1 143 ALA n 
1 144 GLU n 
1 145 GLY n 
1 146 SER n 
1 147 PHE n 
1 148 PRO n 
1 149 TYR n 
1 150 GLY n 
1 151 LEU n 
1 152 LEU n 
1 153 VAL n 
1 154 ILE n 
1 155 LYS n 
1 156 ILE n 
1 157 GLU n 
1 158 ARG n 
1 159 ALA n 
1 160 MET n 
1 161 ARG n 
1 162 GLU n 
1 163 LEU n 
1 164 THR n 
1 165 ASP n 
1 166 LEU n 
1 167 PHE n 
1 168 GLY n 
1 169 TYR n 
1 170 LYS n 
1 171 LEU n 
1 172 GLY n 
# 
_entity_src_gen.entity_id                          1 
_entity_src_gen.pdbx_src_id                        1 
_entity_src_gen.pdbx_alt_source_flag               sample 
_entity_src_gen.pdbx_seq_type                      ? 
_entity_src_gen.pdbx_beg_seq_num                   ? 
_entity_src_gen.pdbx_end_seq_num                   ? 
_entity_src_gen.gene_src_common_name               
;brewer's yeast,lager beer yeast,yeast
;
_entity_src_gen.gene_src_genus                     ? 
_entity_src_gen.pdbx_gene_src_gene                 'EGO3, GSE1, SLM4, YBR0723, YBR077C' 
_entity_src_gen.gene_src_species                   ? 
_entity_src_gen.gene_src_strain                    ? 
_entity_src_gen.gene_src_tissue                    ? 
_entity_src_gen.gene_src_tissue_fraction           ? 
_entity_src_gen.gene_src_details                   ? 
_entity_src_gen.pdbx_gene_src_fragment             ? 
_entity_src_gen.pdbx_gene_src_scientific_name      'Saccharomyces cerevisiae' 
_entity_src_gen.pdbx_gene_src_ncbi_taxonomy_id     4932 
_entity_src_gen.pdbx_gene_src_variant              ? 
_entity_src_gen.pdbx_gene_src_cell_line            ? 
_entity_src_gen.pdbx_gene_src_atcc                 ? 
_entity_src_gen.pdbx_gene_src_organ                ? 
_entity_src_gen.pdbx_gene_src_organelle            ? 
_entity_src_gen.pdbx_gene_src_cell                 ? 
_entity_src_gen.pdbx_gene_src_cellular_location    ? 
_entity_src_gen.host_org_common_name               ? 
_entity_src_gen.pdbx_host_org_scientific_name      'Escherichia coli' 
_entity_src_gen.pdbx_host_org_ncbi_taxonomy_id     469008 
_entity_src_gen.host_org_genus                     ? 
_entity_src_gen.pdbx_host_org_gene                 ? 
_entity_src_gen.pdbx_host_org_organ                ? 
_entity_src_gen.host_org_species                   ? 
_entity_src_gen.pdbx_host_org_tissue               ? 
_entity_src_gen.pdbx_host_org_tissue_fraction      ? 
_entity_src_gen.pdbx_host_org_strain               'BL21(DE3)' 
_entity_src_gen.pdbx_host_org_variant              ? 
_entity_src_gen.pdbx_host_org_cell_line            ? 
_entity_src_gen.pdbx_host_org_atcc                 ? 
_entity_src_gen.pdbx_host_org_culture_collection   ? 
_entity_src_gen.pdbx_host_org_cell                 ? 
_entity_src_gen.pdbx_host_org_organelle            ? 
_entity_src_gen.pdbx_host_org_cellular_location    ? 
_entity_src_gen.pdbx_host_org_vector_type          plasmid 
_entity_src_gen.pdbx_host_org_vector               ? 
_entity_src_gen.host_org_details                   ? 
_entity_src_gen.expression_system_id               ? 
_entity_src_gen.plasmid_name                       pet15b 
_entity_src_gen.plasmid_details                    ? 
_entity_src_gen.pdbx_description                   ? 
# 
loop_
_chem_comp.id 
_chem_comp.type 
_chem_comp.mon_nstd_flag 
_chem_comp.name 
_chem_comp.pdbx_synonyms 
_chem_comp.formula 
_chem_comp.formula_weight 
ALA 'L-peptide linking' y ALANINE         ? 'C3 H7 N O2'     89.093  
ARG 'L-peptide linking' y ARGININE        ? 'C6 H15 N4 O2 1' 175.209 
ASN 'L-peptide linking' y ASPARAGINE      ? 'C4 H8 N2 O3'    132.118 
ASP 'L-peptide linking' y 'ASPARTIC ACID' ? 'C4 H7 N O4'     133.103 
CYS 'L-peptide linking' y CYSTEINE        ? 'C3 H7 N O2 S'   121.158 
GLN 'L-peptide linking' y GLUTAMINE       ? 'C5 H10 N2 O3'   146.144 
GLU 'L-peptide linking' y 'GLUTAMIC ACID' ? 'C5 H9 N O4'     147.129 
GLY 'peptide linking'   y GLYCINE         ? 'C2 H5 N O2'     75.067  
HIS 'L-peptide linking' y HISTIDINE       ? 'C6 H10 N3 O2 1' 156.162 
HOH non-polymer         . WATER           ? 'H2 O'           18.015  
ILE 'L-peptide linking' y ISOLEUCINE      ? 'C6 H13 N O2'    131.173 
LEU 'L-peptide linking' y LEUCINE         ? 'C6 H13 N O2'    131.173 
LYS 'L-peptide linking' y LYSINE          ? 'C6 H15 N2 O2 1' 147.195 
MET 'L-peptide linking' y METHIONINE      ? 'C5 H11 N O2 S'  149.211 
PHE 'L-peptide linking' y PHENYLALANINE   ? 'C9 H11 N O2'    165.189 
PRO 'L-peptide linking' y PROLINE         ? 'C5 H9 N O2'     115.130 
SER 'L-peptide linking' y SERINE          ? 'C3 H7 N O3'     105.093 
THR 'L-peptide linking' y THREONINE       ? 'C4 H9 N O3'     119.119 
TRP 'L-peptide linking' y TRYPTOPHAN      ? 'C11 H12 N2 O2'  204.225 
TYR 'L-peptide linking' y TYROSINE        ? 'C9 H11 N O3'    181.189 
VAL 'L-peptide linking' y VALINE          ? 'C5 H11 N O2'    117.146 
# 
loop_
_pdbx_poly_seq_scheme.asym_id 
_pdbx_poly_seq_scheme.entity_id 
_pdbx_poly_seq_scheme.seq_id 
_pdbx_poly_seq_scheme.mon_id 
_pdbx_poly_seq_scheme.ndb_seq_num 
_pdbx_poly_seq_scheme.pdb_seq_num 
_pdbx_poly_seq_scheme.auth_seq_num 
_pdbx_poly_seq_scheme.pdb_mon_id 
_pdbx_poly_seq_scheme.auth_mon_id 
_pdbx_poly_seq_scheme.pdb_strand_id 
_pdbx_poly_seq_scheme.pdb_ins_code 
_pdbx_poly_seq_scheme.hetero 
A 1 1   MET 1   -9  ?   ?   ?   A . n 
A 1 2   GLY 2   -8  ?   ?   ?   A . n 
A 1 3   SER 3   -7  ?   ?   ?   A . n 
A 1 4   SER 4   -6  ?   ?   ?   A . n 
A 1 5   HIS 5   -5  ?   ?   ?   A . n 
A 1 6   HIS 6   -4  ?   ?   ?   A . n 
A 1 7   HIS 7   -3  ?   ?   ?   A . n 
A 1 8   HIS 8   -2  ?   ?   ?   A . n 
A 1 9   HIS 9   -1  ?   ?   ?   A . n 
A 1 10  HIS 10  0   ?   ?   ?   A . n 
A 1 11  MET 11  1   ?   ?   ?   A . n 
A 1 12  VAL 12  2   ?   ?   ?   A . n 
A 1 13  MET 13  3   ?   ?   ?   A . n 
A 1 14  LEU 14  4   4   LEU ALA A . n 
A 1 15  HIS 15  5   5   HIS HIS A . n 
A 1 16  SER 16  6   6   SER SER A . n 
A 1 17  LYS 17  7   7   LYS LYS A . n 
A 1 18  ASN 18  8   8   ASN ASN A . n 
A 1 19  VAL 19  9   9   VAL VAL A . n 
A 1 20  LYS 20  10  10  LYS LYS A . n 
A 1 21  GLY 21  11  11  GLY GLY A . n 
A 1 22  PHE 22  12  12  PHE PHE A . n 
A 1 23  LEU 23  13  13  LEU LEU A . n 
A 1 24  GLU 24  14  14  GLU GLU A . n 
A 1 25  ASN 25  15  15  ASN ASN A . n 
A 1 26  THR 26  16  16  THR THR A . n 
A 1 27  LEU 27  17  17  LEU LEU A . n 
A 1 28  LYS 28  18  18  LYS LYS A . n 
A 1 29  PRO 29  19  19  PRO PRO A . n 
A 1 30  TYR 30  20  20  TYR TYR A . n 
A 1 31  ASP 31  21  21  ASP ASP A . n 
A 1 32  LEU 32  22  22  LEU LEU A . n 
A 1 33  HIS 33  23  23  HIS HIS A . n 
A 1 34  SER 34  24  24  SER SER A . n 
A 1 35  VAL 35  25  25  VAL VAL A . n 
A 1 36  ASP 36  26  26  ASP ASP A . n 
A 1 37  PHE 37  27  27  PHE PHE A . n 
A 1 38  LYS 38  28  28  LYS LYS A . n 
A 1 39  THR 39  29  29  THR THR A . n 
A 1 40  SER 40  30  30  SER SER A . n 
A 1 41  SER 41  31  31  SER SER A . n 
A 1 42  LEU 42  32  32  LEU LEU A . n 
A 1 43  GLN 43  33  33  GLN GLN A . n 
A 1 44  SER 44  34  34  SER SER A . n 
A 1 45  SER 45  35  35  SER SER A . n 
A 1 46  MET 46  36  36  MET MET A . n 
A 1 47  ILE 47  37  37  ILE ILE A . n 
A 1 48  ILE 48  38  38  ILE ILE A . n 
A 1 49  THR 49  39  39  THR THR A . n 
A 1 50  ALA 50  40  40  ALA ALA A . n 
A 1 51  THR 51  41  41  THR THR A . n 
A 1 52  ASN 52  42  42  ASN ASN A . n 
A 1 53  GLY 53  43  43  GLY GLY A . n 
A 1 54  GLY 54  44  44  GLY GLY A . n 
A 1 55  ILE 55  45  45  ILE ILE A . n 
A 1 56  LEU 56  46  46  LEU LEU A . n 
A 1 57  SER 57  47  47  SER SER A . n 
A 1 58  TYR 58  48  48  TYR TYR A . n 
A 1 59  ALA 59  49  49  ALA ALA A . n 
A 1 60  THR 60  50  50  THR THR A . n 
A 1 61  SER 61  51  51  SER SER A . n 
A 1 62  ASN 62  52  52  ASN ALA A . n 
A 1 63  ASN 63  53  ?   ?   ?   A . n 
A 1 64  ASP 64  54  ?   ?   ?   A . n 
A 1 65  VAL 65  55  ?   ?   ?   A . n 
A 1 66  PRO 66  56  ?   ?   ?   A . n 
A 1 67  LYS 67  57  ?   ?   ?   A . n 
A 1 68  ASN 68  58  ?   ?   ?   A . n 
A 1 69  SER 69  59  ?   ?   ?   A . n 
A 1 70  ILE 70  60  ?   ?   ?   A . n 
A 1 71  ASN 71  61  ?   ?   ?   A . n 
A 1 72  GLU 72  62  ?   ?   ?   A . n 
A 1 73  ILE 73  63  ?   ?   ?   A . n 
A 1 74  ASN 74  64  ?   ?   ?   A . n 
A 1 75  SER 75  65  65  SER SER A . n 
A 1 76  VAL 76  66  66  VAL VAL A . n 
A 1 77  ASN 77  67  67  ASN ASN A . n 
A 1 78  ASN 78  68  68  ASN ASN A . n 
A 1 79  LEU 79  69  69  LEU LEU A . n 
A 1 80  LYS 80  70  70  LYS LYS A . n 
A 1 81  MET 81  71  71  MET MET A . n 
A 1 82  MET 82  72  72  MET MET A . n 
A 1 83  SER 83  73  73  SER SER A . n 
A 1 84  LEU 84  74  74  LEU LEU A . n 
A 1 85  LEU 85  75  75  LEU LEU A . n 
A 1 86  ILE 86  76  76  ILE ILE A . n 
A 1 87  LYS 87  77  77  LYS LYS A . n 
A 1 88  ASP 88  78  78  ASP ASP A . n 
A 1 89  LYS 89  79  79  LYS LYS A . n 
A 1 90  TRP 90  80  80  TRP TRP A . n 
A 1 91  SER 91  81  81  SER SER A . n 
A 1 92  GLU 92  82  82  GLU GLU A . n 
A 1 93  ASP 93  83  83  ASP ASP A . n 
A 1 94  GLU 94  84  84  GLU GLU A . n 
A 1 95  ASN 95  85  85  ASN ASN A . n 
A 1 96  ASP 96  86  86  ASP ASP A . n 
A 1 97  THR 97  87  87  THR THR A . n 
A 1 98  GLU 98  88  ?   ?   ?   A . n 
A 1 99  GLU 99  89  ?   ?   ?   A . n 
A 1 100 GLN 100 90  ?   ?   ?   A . n 
A 1 101 HIS 101 91  91  HIS HIS A . n 
A 1 102 SER 102 92  92  SER SER A . n 
A 1 103 ASN 103 93  93  ASN ASN A . n 
A 1 104 SER 104 94  94  SER SER A . n 
A 1 105 CYS 105 95  95  CYS CYS A . n 
A 1 106 TYR 106 96  96  TYR TYR A . n 
A 1 107 PRO 107 97  97  PRO PRO A . n 
A 1 108 VAL 108 98  98  VAL VAL A . n 
A 1 109 GLU 109 99  99  GLU GLU A . n 
A 1 110 ILE 110 100 100 ILE ILE A . n 
A 1 111 ASP 111 101 101 ASP ASP A . n 
A 1 112 SER 112 102 102 SER SER A . n 
A 1 113 PHE 113 103 103 PHE ALA A . n 
A 1 114 LYS 114 104 104 LYS ALA A . n 
A 1 115 THR 115 105 105 THR THR A . n 
A 1 116 LYS 116 106 106 LYS LYS A . n 
A 1 117 ILE 117 107 107 ILE ILE A . n 
A 1 118 TYR 118 108 108 TYR TYR A . n 
A 1 119 THR 119 109 109 THR THR A . n 
A 1 120 TYR 120 110 110 TYR TYR A . n 
A 1 121 GLU 121 111 111 GLU GLU A . n 
A 1 122 MET 122 112 112 MET MET A . n 
A 1 123 GLU 123 113 113 GLU GLU A . n 
A 1 124 ASP 124 114 114 ASP ASP A . n 
A 1 125 LEU 125 115 115 LEU LEU A . n 
A 1 126 HIS 126 116 116 HIS HIS A . n 
A 1 127 THR 127 117 117 THR THR A . n 
A 1 128 CYS 128 118 118 CYS CYS A . n 
A 1 129 VAL 129 119 119 VAL VAL A . n 
A 1 130 ALA 130 120 120 ALA ALA A . n 
A 1 131 GLN 131 121 121 GLN GLN A . n 
A 1 132 ILE 132 122 122 ILE ILE A . n 
A 1 133 PRO 133 123 123 PRO PRO A . n 
A 1 134 ASN 134 124 124 ASN ASN A . n 
A 1 135 SER 135 125 125 SER SER A . n 
A 1 136 ASP 136 126 126 ASP ASP A . n 
A 1 137 LEU 137 127 127 LEU LEU A . n 
A 1 138 LEU 138 128 128 LEU LEU A . n 
A 1 139 LEU 139 129 129 LEU LEU A . n 
A 1 140 LEU 140 130 130 LEU LEU A . n 
A 1 141 PHE 141 131 131 PHE PHE A . n 
A 1 142 ILE 142 132 132 ILE ILE A . n 
A 1 143 ALA 143 133 133 ALA ALA A . n 
A 1 144 GLU 144 134 134 GLU GLU A . n 
A 1 145 GLY 145 135 135 GLY GLY A . n 
A 1 146 SER 146 136 136 SER SER A . n 
A 1 147 PHE 147 137 137 PHE PHE A . n 
A 1 148 PRO 148 138 138 PRO PRO A . n 
A 1 149 TYR 149 139 139 TYR TYR A . n 
A 1 150 GLY 150 140 140 GLY GLY A . n 
A 1 151 LEU 151 141 141 LEU LEU A . n 
A 1 152 LEU 152 142 142 LEU LEU A . n 
A 1 153 VAL 153 143 143 VAL VAL A . n 
A 1 154 ILE 154 144 144 ILE ILE A . n 
A 1 155 LYS 155 145 145 LYS LYS A . n 
A 1 156 ILE 156 146 146 ILE ILE A . n 
A 1 157 GLU 157 147 147 GLU GLU A . n 
A 1 158 ARG 158 148 148 ARG ARG A . n 
A 1 159 ALA 159 149 149 ALA ALA A . n 
A 1 160 MET 160 150 150 MET MET A . n 
A 1 161 ARG 161 151 151 ARG ARG A . n 
A 1 162 GLU 162 152 152 GLU GLU A . n 
A 1 163 LEU 163 153 153 LEU LEU A . n 
A 1 164 THR 164 154 154 THR THR A . n 
A 1 165 ASP 165 155 155 ASP ASP A . n 
A 1 166 LEU 166 156 156 LEU LEU A . n 
A 1 167 PHE 167 157 157 PHE PHE A . n 
A 1 168 GLY 168 158 158 GLY GLY A . n 
A 1 169 TYR 169 159 ?   ?   ?   A . n 
A 1 170 LYS 170 160 ?   ?   ?   A . n 
A 1 171 LEU 171 161 ?   ?   ?   A . n 
A 1 172 GLY 172 162 ?   ?   ?   A . n 
# 
loop_
_pdbx_nonpoly_scheme.asym_id 
_pdbx_nonpoly_scheme.entity_id 
_pdbx_nonpoly_scheme.mon_id 
_pdbx_nonpoly_scheme.ndb_seq_num 
_pdbx_nonpoly_scheme.pdb_seq_num 
_pdbx_nonpoly_scheme.auth_seq_num 
_pdbx_nonpoly_scheme.pdb_mon_id 
_pdbx_nonpoly_scheme.auth_mon_id 
_pdbx_nonpoly_scheme.pdb_strand_id 
_pdbx_nonpoly_scheme.pdb_ins_code 
B 2 HOH 1 163 1 HOH HOH A . 
B 2 HOH 2 164 2 HOH HOH A . 
# 
loop_
_pdbx_unobs_or_zero_occ_atoms.id 
_pdbx_unobs_or_zero_occ_atoms.PDB_model_num 
_pdbx_unobs_or_zero_occ_atoms.polymer_flag 
_pdbx_unobs_or_zero_occ_atoms.occupancy_flag 
_pdbx_unobs_or_zero_occ_atoms.auth_asym_id 
_pdbx_unobs_or_zero_occ_atoms.auth_comp_id 
_pdbx_unobs_or_zero_occ_atoms.auth_seq_id 
_pdbx_unobs_or_zero_occ_atoms.PDB_ins_code 
_pdbx_unobs_or_zero_occ_atoms.auth_atom_id 
_pdbx_unobs_or_zero_occ_atoms.label_alt_id 
_pdbx_unobs_or_zero_occ_atoms.label_asym_id 
_pdbx_unobs_or_zero_occ_atoms.label_comp_id 
_pdbx_unobs_or_zero_occ_atoms.label_seq_id 
_pdbx_unobs_or_zero_occ_atoms.label_atom_id 
1  1 Y 1 A LEU 4   ? CG  ? A LEU 14  CG  
2  1 Y 1 A LEU 4   ? CD1 ? A LEU 14  CD1 
3  1 Y 1 A LEU 4   ? CD2 ? A LEU 14  CD2 
4  1 Y 1 A ASN 52  ? CG  ? A ASN 62  CG  
5  1 Y 1 A ASN 52  ? OD1 ? A ASN 62  OD1 
6  1 Y 1 A ASN 52  ? ND2 ? A ASN 62  ND2 
7  1 Y 1 A PHE 103 ? CG  ? A PHE 113 CG  
8  1 Y 1 A PHE 103 ? CD1 ? A PHE 113 CD1 
9  1 Y 1 A PHE 103 ? CD2 ? A PHE 113 CD2 
10 1 Y 1 A PHE 103 ? CE1 ? A PHE 113 CE1 
11 1 Y 1 A PHE 103 ? CE2 ? A PHE 113 CE2 
12 1 Y 1 A PHE 103 ? CZ  ? A PHE 113 CZ  
13 1 Y 1 A LYS 104 ? CG  ? A LYS 114 CG  
14 1 Y 1 A LYS 104 ? CD  ? A LYS 114 CD  
15 1 Y 1 A LYS 104 ? CE  ? A LYS 114 CE  
16 1 Y 1 A LYS 104 ? NZ  ? A LYS 114 NZ  
# 
loop_
_software.name 
_software.classification 
_software.version 
_software.citation_id 
_software.pdbx_ordinal 
SHELXS   phasing          .   ? 1 
CNS      refinement       1.1 ? 2 
HKL-2000 'data reduction' .   ? 3 
HKL-2000 'data scaling'   .   ? 4 
# 
_cell.entry_id           3LGO 
_cell.length_a           73.290 
_cell.length_b           73.290 
_cell.length_c           147.280 
_cell.angle_alpha        90.00 
_cell.angle_beta         90.00 
_cell.angle_gamma        120.00 
_cell.Z_PDB              12 
_cell.pdbx_unique_axis   ? 
_cell.length_a_esd       ? 
_cell.length_b_esd       ? 
_cell.length_c_esd       ? 
_cell.angle_alpha_esd    ? 
_cell.angle_beta_esd     ? 
_cell.angle_gamma_esd    ? 
# 
_symmetry.entry_id                         3LGO 
_symmetry.space_group_name_H-M             'P 64 2 2' 
_symmetry.pdbx_full_space_group_name_H-M   ? 
_symmetry.cell_setting                     ? 
_symmetry.Int_Tables_number                181 
_symmetry.space_group_name_Hall            ? 
# 
_exptl.entry_id          3LGO 
_exptl.method            'X-RAY DIFFRACTION' 
_exptl.crystals_number   1 
# 
_exptl_crystal.id                    1 
_exptl_crystal.density_meas          ? 
_exptl_crystal.density_Matthews      2.92 
_exptl_crystal.density_percent_sol   57.85 
_exptl_crystal.description           ? 
_exptl_crystal.F_000                 ? 
_exptl_crystal.preparation           ? 
# 
_exptl_crystal_grow.crystal_id      1 
_exptl_crystal_grow.method          'VAPOR DIFFUSION, HANGING DROP' 
_exptl_crystal_grow.temp            293 
_exptl_crystal_grow.temp_details    ? 
_exptl_crystal_grow.pH              3 
_exptl_crystal_grow.pdbx_details    
;100 mM sodium citrate buffer, pH 2.0,  500-800 mM ammonium sulfate,  
200 mM lithium sulfate, 200-350 mM L-arginine-HCl, pH 5.75, 5% DMSO, VAPOR DIFFUSION, HANGING DROP, temperature 293K
;
_exptl_crystal_grow.pdbx_pH_range   ? 
# 
_diffrn.id                     1 
_diffrn.ambient_temp           100 
_diffrn.ambient_temp_details   ? 
_diffrn.crystal_id             1 
# 
_diffrn_detector.diffrn_id              1 
_diffrn_detector.detector               CCD 
_diffrn_detector.type                   'ADSC QUANTUM 210' 
_diffrn_detector.pdbx_collection_date   2009-07-23 
_diffrn_detector.details                ? 
# 
_diffrn_radiation.diffrn_id                        1 
_diffrn_radiation.wavelength_id                    1 
_diffrn_radiation.pdbx_monochromatic_or_laue_m_l   M 
_diffrn_radiation.monochromator                    ? 
_diffrn_radiation.pdbx_diffrn_protocol             'SINGLE WAVELENGTH' 
_diffrn_radiation.pdbx_scattering_type             x-ray 
# 
_diffrn_radiation_wavelength.id           1 
_diffrn_radiation_wavelength.wavelength   0.9334 
_diffrn_radiation_wavelength.wt           1.0 
# 
_diffrn_source.diffrn_id                   1 
_diffrn_source.source                      SYNCHROTRON 
_diffrn_source.type                        'ESRF BEAMLINE ID14-1' 
_diffrn_source.pdbx_synchrotron_site       ESRF 
_diffrn_source.pdbx_synchrotron_beamline   ID14-1 
_diffrn_source.pdbx_wavelength             ? 
_diffrn_source.pdbx_wavelength_list        0.9334 
# 
_reflns.entry_id                     3LGO 
_reflns.observed_criterion_sigma_I   ? 
_reflns.observed_criterion_sigma_F   ? 
_reflns.d_resolution_low             50 
_reflns.d_resolution_high            2.85 
_reflns.number_obs                   5873 
_reflns.number_all                   5995 
_reflns.percent_possible_obs         98.8 
_reflns.pdbx_Rmerge_I_obs            ? 
_reflns.pdbx_Rsym_value              0.065 
_reflns.pdbx_netI_over_sigmaI        13.8 
_reflns.B_iso_Wilson_estimate        83.5 
_reflns.pdbx_redundancy              13.9 
_reflns.R_free_details               ? 
_reflns.limit_h_max                  ? 
_reflns.limit_h_min                  ? 
_reflns.limit_k_max                  ? 
_reflns.limit_k_min                  ? 
_reflns.limit_l_max                  ? 
_reflns.limit_l_min                  ? 
_reflns.observed_criterion_F_max     ? 
_reflns.observed_criterion_F_min     ? 
_reflns.pdbx_chi_squared             ? 
_reflns.pdbx_scaling_rejects         ? 
_reflns.pdbx_diffrn_id               1 
_reflns.pdbx_ordinal                 1 
# 
_reflns_shell.d_res_high             2.85 
_reflns_shell.d_res_low              2.9 
_reflns_shell.percent_possible_all   97.9 
_reflns_shell.Rmerge_I_obs           ? 
_reflns_shell.pdbx_Rsym_value        0.949 
_reflns_shell.meanI_over_sigI_obs    4.0 
_reflns_shell.pdbx_redundancy        14.5 
_reflns_shell.percent_possible_obs   ? 
_reflns_shell.number_unique_all      ? 
_reflns_shell.number_measured_all    ? 
_reflns_shell.number_measured_obs    ? 
_reflns_shell.number_unique_obs      ? 
_reflns_shell.pdbx_chi_squared       ? 
_reflns_shell.pdbx_diffrn_id         ? 
_reflns_shell.pdbx_ordinal           1 
# 
_refine.entry_id                                 3LGO 
_refine.ls_number_reflns_obs                     5862 
_refine.ls_number_reflns_all                     5949 
_refine.pdbx_ls_sigma_I                          ? 
_refine.pdbx_ls_sigma_F                          ? 
_refine.pdbx_data_cutoff_high_absF               ? 
_refine.pdbx_data_cutoff_low_absF                ? 
_refine.pdbx_data_cutoff_high_rms_absF           ? 
_refine.ls_d_res_low                             50 
_refine.ls_d_res_high                            2.85 
_refine.ls_percent_reflns_obs                    98.5 
_refine.ls_R_factor_obs                          ? 
_refine.ls_R_factor_all                          ? 
_refine.ls_R_factor_R_work                       0.317 
_refine.ls_R_factor_R_free                       0.351 
_refine.ls_R_factor_R_free_error                 ? 
_refine.ls_R_factor_R_free_error_details         ? 
_refine.ls_percent_reflns_R_free                 ? 
_refine.ls_number_reflns_R_free                  463 
_refine.ls_number_parameters                     ? 
_refine.ls_number_restraints                     ? 
_refine.occupancy_min                            ? 
_refine.occupancy_max                            ? 
_refine.correlation_coeff_Fo_to_Fc               ? 
_refine.correlation_coeff_Fo_to_Fc_free          ? 
_refine.B_iso_mean                               ? 
_refine.aniso_B[1][1]                            ? 
_refine.aniso_B[2][2]                            ? 
_refine.aniso_B[3][3]                            ? 
_refine.aniso_B[1][2]                            ? 
_refine.aniso_B[1][3]                            ? 
_refine.aniso_B[2][3]                            ? 
_refine.solvent_model_details                    ? 
_refine.solvent_model_param_ksol                 ? 
_refine.solvent_model_param_bsol                 ? 
_refine.pdbx_solvent_vdw_probe_radii             ? 
_refine.pdbx_solvent_ion_probe_radii             ? 
_refine.pdbx_solvent_shrinkage_radii             ? 
_refine.pdbx_ls_cross_valid_method               THROUGHOUT 
_refine.details                                  ? 
_refine.pdbx_starting_model                      ? 
_refine.pdbx_method_to_determine_struct          ? 
_refine.pdbx_isotropic_thermal_model             ? 
_refine.pdbx_stereochemistry_target_values       ? 
_refine.pdbx_stereochem_target_val_spec_case     ? 
_refine.pdbx_R_Free_selection_details            random 
_refine.pdbx_overall_ESU_R_Free                  ? 
_refine.overall_SU_ML                            ? 
_refine.overall_SU_B                             ? 
_refine.ls_redundancy_reflns_obs                 ? 
_refine.B_iso_min                                ? 
_refine.B_iso_max                                ? 
_refine.overall_SU_R_Cruickshank_DPI             ? 
_refine.overall_SU_R_free                        ? 
_refine.ls_wR_factor_R_free                      ? 
_refine.ls_wR_factor_R_work                      ? 
_refine.overall_FOM_free_R_set                   ? 
_refine.overall_FOM_work_R_set                   ? 
_refine.pdbx_overall_phase_error                 ? 
_refine.pdbx_refine_id                           'X-RAY DIFFRACTION' 
_refine.pdbx_overall_ESU_R                       ? 
_refine.pdbx_diffrn_id                           1 
_refine.pdbx_TLS_residual_ADP_flag               ? 
_refine.pdbx_overall_SU_R_free_Cruickshank_DPI   ? 
_refine.pdbx_overall_SU_R_Blow_DPI               ? 
_refine.pdbx_overall_SU_R_free_Blow_DPI          ? 
# 
_refine_hist.pdbx_refine_id                   'X-RAY DIFFRACTION' 
_refine_hist.cycle_id                         LAST 
_refine_hist.pdbx_number_atoms_protein        1092 
_refine_hist.pdbx_number_atoms_nucleic_acid   0 
_refine_hist.pdbx_number_atoms_ligand         0 
_refine_hist.number_atoms_solvent             2 
_refine_hist.number_atoms_total               1094 
_refine_hist.d_res_high                       2.85 
_refine_hist.d_res_low                        50 
# 
loop_
_refine_ls_restr.type 
_refine_ls_restr.dev_ideal 
_refine_ls_restr.dev_ideal_target 
_refine_ls_restr.weight 
_refine_ls_restr.number 
_refine_ls_restr.pdbx_refine_id 
_refine_ls_restr.pdbx_restraint_function 
c_bond_d    0.01  ? ? ? 'X-RAY DIFFRACTION' ? 
c_angle_deg 1.587 ? ? ? 'X-RAY DIFFRACTION' ? 
# 
_struct.entry_id                  3LGO 
_struct.title                     'Structure of Gse1p, member of the GSE/EGO complex' 
_struct.pdbx_model_details        ? 
_struct.pdbx_CASP_flag            ? 
_struct.pdbx_model_type_details   ? 
# 
_struct_keywords.entry_id        3LGO 
_struct_keywords.pdbx_keywords   'PROTEIN BINDING' 
_struct_keywords.text            
'Roadblock/LC7, domain swap, Autophagy, Membrane, Transmembrane, Transport, Vacuole, Protein binding' 
# 
loop_
_struct_asym.id 
_struct_asym.pdbx_blank_PDB_chainid_flag 
_struct_asym.pdbx_modified 
_struct_asym.entity_id 
_struct_asym.details 
A N N 1 ? 
B N N 2 ? 
# 
_struct_ref.id                         1 
_struct_ref.db_name                    UNP 
_struct_ref.db_code                    SLM4_YEAST 
_struct_ref.pdbx_db_accession          P38247 
_struct_ref.entity_id                  1 
_struct_ref.pdbx_seq_one_letter_code   
;MVMLHSKNVKGFLENTLKPYDLHSVDFKTSSLQSSMIITATNGGILSYATSNNDVPKNSINEINSVNNLKMMSLLIKDKW
SEDENDTEEQHSNSCYPVEIDSFKTKIYTYEMEDLHTCVAQIPNSDLLLLFIAEGSFPYGLLVIKIERAMRELTDLFGYK
LG
;
_struct_ref.pdbx_align_begin           1 
_struct_ref.pdbx_db_isoform            ? 
# 
_struct_ref_seq.align_id                      1 
_struct_ref_seq.ref_id                        1 
_struct_ref_seq.pdbx_PDB_id_code              3LGO 
_struct_ref_seq.pdbx_strand_id                A 
_struct_ref_seq.seq_align_beg                 11 
_struct_ref_seq.pdbx_seq_align_beg_ins_code   ? 
_struct_ref_seq.seq_align_end                 172 
_struct_ref_seq.pdbx_seq_align_end_ins_code   ? 
_struct_ref_seq.pdbx_db_accession             P38247 
_struct_ref_seq.db_align_beg                  1 
_struct_ref_seq.pdbx_db_align_beg_ins_code    ? 
_struct_ref_seq.db_align_end                  162 
_struct_ref_seq.pdbx_db_align_end_ins_code    ? 
_struct_ref_seq.pdbx_auth_seq_align_beg       1 
_struct_ref_seq.pdbx_auth_seq_align_end       162 
# 
loop_
_struct_ref_seq_dif.align_id 
_struct_ref_seq_dif.pdbx_pdb_id_code 
_struct_ref_seq_dif.mon_id 
_struct_ref_seq_dif.pdbx_pdb_strand_id 
_struct_ref_seq_dif.seq_num 
_struct_ref_seq_dif.pdbx_pdb_ins_code 
_struct_ref_seq_dif.pdbx_seq_db_name 
_struct_ref_seq_dif.pdbx_seq_db_accession_code 
_struct_ref_seq_dif.db_mon_id 
_struct_ref_seq_dif.pdbx_seq_db_seq_num 
_struct_ref_seq_dif.details 
_struct_ref_seq_dif.pdbx_auth_seq_num 
_struct_ref_seq_dif.pdbx_ordinal 
1 3LGO MET A 1  ? UNP P38247 ? ? 'expression tag' -9 1  
1 3LGO GLY A 2  ? UNP P38247 ? ? 'expression tag' -8 2  
1 3LGO SER A 3  ? UNP P38247 ? ? 'expression tag' -7 3  
1 3LGO SER A 4  ? UNP P38247 ? ? 'expression tag' -6 4  
1 3LGO HIS A 5  ? UNP P38247 ? ? 'expression tag' -5 5  
1 3LGO HIS A 6  ? UNP P38247 ? ? 'expression tag' -4 6  
1 3LGO HIS A 7  ? UNP P38247 ? ? 'expression tag' -3 7  
1 3LGO HIS A 8  ? UNP P38247 ? ? 'expression tag' -2 8  
1 3LGO HIS A 9  ? UNP P38247 ? ? 'expression tag' -1 9  
1 3LGO HIS A 10 ? UNP P38247 ? ? 'expression tag' 0  10 
# 
loop_
_pdbx_struct_assembly.id 
_pdbx_struct_assembly.details 
_pdbx_struct_assembly.method_details 
_pdbx_struct_assembly.oligomeric_details 
_pdbx_struct_assembly.oligomeric_count 
1 software_defined_assembly PISA tetrameric 4 
2 software_defined_assembly PISA dimeric    2 
# 
loop_
_pdbx_struct_assembly_prop.biol_id 
_pdbx_struct_assembly_prop.type 
_pdbx_struct_assembly_prop.value 
_pdbx_struct_assembly_prop.details 
1 'ABSA (A^2)' 12530 ? 
1 MORE         -83   ? 
1 'SSA (A^2)'  25080 ? 
2 'ABSA (A^2)' 3780  ? 
2 MORE         -31   ? 
2 'SSA (A^2)'  15030 ? 
# 
loop_
_pdbx_struct_assembly_gen.assembly_id 
_pdbx_struct_assembly_gen.oper_expression 
_pdbx_struct_assembly_gen.asym_id_list 
1 1,2,3,4 A,B 
2 1,2     A,B 
# 
loop_
_pdbx_struct_oper_list.id 
_pdbx_struct_oper_list.type 
_pdbx_struct_oper_list.name 
_pdbx_struct_oper_list.symmetry_operation 
_pdbx_struct_oper_list.matrix[1][1] 
_pdbx_struct_oper_list.matrix[1][2] 
_pdbx_struct_oper_list.matrix[1][3] 
_pdbx_struct_oper_list.vector[1] 
_pdbx_struct_oper_list.matrix[2][1] 
_pdbx_struct_oper_list.matrix[2][2] 
_pdbx_struct_oper_list.matrix[2][3] 
_pdbx_struct_oper_list.vector[2] 
_pdbx_struct_oper_list.matrix[3][1] 
_pdbx_struct_oper_list.matrix[3][2] 
_pdbx_struct_oper_list.matrix[3][3] 
_pdbx_struct_oper_list.vector[3] 
1 'identity operation'         1_555  x,y,z       1.0000000000  0.0000000000  0.0000000000  0.0000000000   0.0000000000  1.0000000000  0.0000000000  0.0000000000  0.0000000000  0.0000000000  1.0000000000  0.0000000000  
2 'crystal symmetry operation' 4_655  -x+1,-y,z   -0.8085827983 -0.5059046719 0.3004235699  12.9717177514  -0.5059046719 0.3370769957  -0.7940022431 17.7049229214 0.3004235699  -0.7940022431 -0.5284941974 21.5495518883 
3 'crystal symmetry operation' 8_555  x-y,-y,-z   -0.0473728093 0.7513228450  0.6582323295  -12.0118741455 0.7513228450  -0.4074428875 0.5191380125  15.3703457145 0.6582323295  0.5191380125  -0.5451843031 -0.1599039487 
4 'crystal symmetry operation' 11_655 -x+y+1,y,-z -0.1440443924 -0.2454181731 -0.9586558993 14.8603439404  -0.2454181731 -0.9296341082 0.2748642305  29.0897402194 -0.9586558993 0.2748642305  0.0736785006  5.8213211119 
# 
_struct_biol.id        1 
_struct_biol.details   'AS PER THE AUTHORS THE BIOLOGICAL ASSEMBLY IS UNKNOWN' 
# 
loop_
_struct_conf.conf_type_id 
_struct_conf.id 
_struct_conf.pdbx_PDB_helix_id 
_struct_conf.beg_label_comp_id 
_struct_conf.beg_label_asym_id 
_struct_conf.beg_label_seq_id 
_struct_conf.pdbx_beg_PDB_ins_code 
_struct_conf.end_label_comp_id 
_struct_conf.end_label_asym_id 
_struct_conf.end_label_seq_id 
_struct_conf.pdbx_end_PDB_ins_code 
_struct_conf.beg_auth_comp_id 
_struct_conf.beg_auth_asym_id 
_struct_conf.beg_auth_seq_id 
_struct_conf.end_auth_comp_id 
_struct_conf.end_auth_asym_id 
_struct_conf.end_auth_seq_id 
_struct_conf.pdbx_PDB_helix_class 
_struct_conf.details 
_struct_conf.pdbx_PDB_helix_length 
HELX_P HELX_P1 1 SER A 16  ? THR A 26  ? SER A 6   THR A 16  1 ? 11 
HELX_P HELX_P2 2 SER A 75  ? GLU A 92  ? SER A 65  GLU A 82  1 ? 18 
HELX_P HELX_P3 3 PRO A 148 ? LEU A 166 ? PRO A 138 LEU A 156 1 ? 19 
# 
_struct_conf_type.id          HELX_P 
_struct_conf_type.criteria    ? 
_struct_conf_type.reference   ? 
# 
loop_
_struct_sheet.id 
_struct_sheet.type 
_struct_sheet.number_strands 
_struct_sheet.details 
A ? 5 ? 
B ? 2 ? 
# 
loop_
_struct_sheet_order.sheet_id 
_struct_sheet_order.range_id_1 
_struct_sheet_order.range_id_2 
_struct_sheet_order.offset 
_struct_sheet_order.sense 
A 1 2 ? anti-parallel 
A 2 3 ? anti-parallel 
A 3 4 ? anti-parallel 
A 4 5 ? anti-parallel 
B 1 2 ? anti-parallel 
# 
loop_
_struct_sheet_range.sheet_id 
_struct_sheet_range.id 
_struct_sheet_range.beg_label_comp_id 
_struct_sheet_range.beg_label_asym_id 
_struct_sheet_range.beg_label_seq_id 
_struct_sheet_range.pdbx_beg_PDB_ins_code 
_struct_sheet_range.end_label_comp_id 
_struct_sheet_range.end_label_asym_id 
_struct_sheet_range.end_label_seq_id 
_struct_sheet_range.pdbx_end_PDB_ins_code 
_struct_sheet_range.beg_auth_comp_id 
_struct_sheet_range.beg_auth_asym_id 
_struct_sheet_range.beg_auth_seq_id 
_struct_sheet_range.end_auth_comp_id 
_struct_sheet_range.end_auth_asym_id 
_struct_sheet_range.end_auth_seq_id 
A 1 ILE A 55  ? ALA A 59  ? ILE A 45  ALA A 49  
A 2 SER A 44  ? THR A 49  ? SER A 34  THR A 39  
A 3 LEU A 137 ? ALA A 143 ? LEU A 127 ALA A 133 
A 4 HIS A 126 ? GLN A 131 ? HIS A 116 GLN A 121 
A 5 ILE A 117 ? GLU A 121 ? ILE A 107 GLU A 111 
B 1 VAL A 108 ? ILE A 110 ? VAL A 98  ILE A 100 
B 2 PHE A 113 ? THR A 115 ? PHE A 103 THR A 105 
# 
loop_
_pdbx_struct_sheet_hbond.sheet_id 
_pdbx_struct_sheet_hbond.range_id_1 
_pdbx_struct_sheet_hbond.range_id_2 
_pdbx_struct_sheet_hbond.range_1_label_atom_id 
_pdbx_struct_sheet_hbond.range_1_label_comp_id 
_pdbx_struct_sheet_hbond.range_1_label_asym_id 
_pdbx_struct_sheet_hbond.range_1_label_seq_id 
_pdbx_struct_sheet_hbond.range_1_PDB_ins_code 
_pdbx_struct_sheet_hbond.range_1_auth_atom_id 
_pdbx_struct_sheet_hbond.range_1_auth_comp_id 
_pdbx_struct_sheet_hbond.range_1_auth_asym_id 
_pdbx_struct_sheet_hbond.range_1_auth_seq_id 
_pdbx_struct_sheet_hbond.range_2_label_atom_id 
_pdbx_struct_sheet_hbond.range_2_label_comp_id 
_pdbx_struct_sheet_hbond.range_2_label_asym_id 
_pdbx_struct_sheet_hbond.range_2_label_seq_id 
_pdbx_struct_sheet_hbond.range_2_PDB_ins_code 
_pdbx_struct_sheet_hbond.range_2_auth_atom_id 
_pdbx_struct_sheet_hbond.range_2_auth_comp_id 
_pdbx_struct_sheet_hbond.range_2_auth_asym_id 
_pdbx_struct_sheet_hbond.range_2_auth_seq_id 
A 1 2 O LEU A 56  ? O LEU A 46  N ILE A 47  ? N ILE A 37  
A 2 3 N ILE A 48  ? N ILE A 38  O LEU A 138 ? O LEU A 128 
A 3 4 O LEU A 139 ? O LEU A 129 N ALA A 130 ? N ALA A 120 
A 4 5 O VAL A 129 ? O VAL A 119 N TYR A 118 ? N TYR A 108 
B 1 2 N VAL A 108 ? N VAL A 98  O THR A 115 ? O THR A 105 
# 
loop_
_pdbx_validate_torsion.id 
_pdbx_validate_torsion.PDB_model_num 
_pdbx_validate_torsion.auth_comp_id 
_pdbx_validate_torsion.auth_asym_id 
_pdbx_validate_torsion.auth_seq_id 
_pdbx_validate_torsion.PDB_ins_code 
_pdbx_validate_torsion.label_alt_id 
_pdbx_validate_torsion.phi 
_pdbx_validate_torsion.psi 
1 1 SER A 6   ? ? -39.38  148.24 
2 1 ILE A 45  ? ? -50.61  105.56 
3 1 ASN A 85  ? ? -132.99 -59.96 
4 1 SER A 92  ? ? -138.27 -36.15 
5 1 SER A 102 ? ? 58.82   10.88  
6 1 TYR A 110 ? ? -179.47 125.13 
7 1 GLU A 134 ? ? -55.93  172.70 
8 1 PRO A 138 ? ? -53.29  109.49 
# 
loop_
_pdbx_unobs_or_zero_occ_residues.id 
_pdbx_unobs_or_zero_occ_residues.PDB_model_num 
_pdbx_unobs_or_zero_occ_residues.polymer_flag 
_pdbx_unobs_or_zero_occ_residues.occupancy_flag 
_pdbx_unobs_or_zero_occ_residues.auth_asym_id 
_pdbx_unobs_or_zero_occ_residues.auth_comp_id 
_pdbx_unobs_or_zero_occ_residues.auth_seq_id 
_pdbx_unobs_or_zero_occ_residues.PDB_ins_code 
_pdbx_unobs_or_zero_occ_residues.label_asym_id 
_pdbx_unobs_or_zero_occ_residues.label_comp_id 
_pdbx_unobs_or_zero_occ_residues.label_seq_id 
1  1 Y 1 A MET -9  ? A MET 1   
2  1 Y 1 A GLY -8  ? A GLY 2   
3  1 Y 1 A SER -7  ? A SER 3   
4  1 Y 1 A SER -6  ? A SER 4   
5  1 Y 1 A HIS -5  ? A HIS 5   
6  1 Y 1 A HIS -4  ? A HIS 6   
7  1 Y 1 A HIS -3  ? A HIS 7   
8  1 Y 1 A HIS -2  ? A HIS 8   
9  1 Y 1 A HIS -1  ? A HIS 9   
10 1 Y 1 A HIS 0   ? A HIS 10  
11 1 Y 1 A MET 1   ? A MET 11  
12 1 Y 1 A VAL 2   ? A VAL 12  
13 1 Y 1 A MET 3   ? A MET 13  
14 1 Y 1 A ASN 53  ? A ASN 63  
15 1 Y 1 A ASP 54  ? A ASP 64  
16 1 Y 1 A VAL 55  ? A VAL 65  
17 1 Y 1 A PRO 56  ? A PRO 66  
18 1 Y 1 A LYS 57  ? A LYS 67  
19 1 Y 1 A ASN 58  ? A ASN 68  
20 1 Y 1 A SER 59  ? A SER 69  
21 1 Y 1 A ILE 60  ? A ILE 70  
22 1 Y 1 A ASN 61  ? A ASN 71  
23 1 Y 1 A GLU 62  ? A GLU 72  
24 1 Y 1 A ILE 63  ? A ILE 73  
25 1 Y 1 A ASN 64  ? A ASN 74  
26 1 Y 1 A GLU 88  ? A GLU 98  
27 1 Y 1 A GLU 89  ? A GLU 99  
28 1 Y 1 A GLN 90  ? A GLN 100 
29 1 Y 1 A TYR 159 ? A TYR 169 
30 1 Y 1 A LYS 160 ? A LYS 170 
31 1 Y 1 A LEU 161 ? A LEU 171 
32 1 Y 1 A GLY 162 ? A GLY 172 
# 
loop_
_chem_comp_atom.comp_id 
_chem_comp_atom.atom_id 
_chem_comp_atom.type_symbol 
_chem_comp_atom.pdbx_aromatic_flag 
_chem_comp_atom.pdbx_stereo_config 
_chem_comp_atom.pdbx_ordinal 
ALA N    N N N 1   
ALA CA   C N S 2   
ALA C    C N N 3   
ALA O    O N N 4   
ALA CB   C N N 5   
ALA OXT  O N N 6   
ALA H    H N N 7   
ALA H2   H N N 8   
ALA HA   H N N 9   
ALA HB1  H N N 10  
ALA HB2  H N N 11  
ALA HB3  H N N 12  
ALA HXT  H N N 13  
ARG N    N N N 14  
ARG CA   C N S 15  
ARG C    C N N 16  
ARG O    O N N 17  
ARG CB   C N N 18  
ARG CG   C N N 19  
ARG CD   C N N 20  
ARG NE   N N N 21  
ARG CZ   C N N 22  
ARG NH1  N N N 23  
ARG NH2  N N N 24  
ARG OXT  O N N 25  
ARG H    H N N 26  
ARG H2   H N N 27  
ARG HA   H N N 28  
ARG HB2  H N N 29  
ARG HB3  H N N 30  
ARG HG2  H N N 31  
ARG HG3  H N N 32  
ARG HD2  H N N 33  
ARG HD3  H N N 34  
ARG HE   H N N 35  
ARG HH11 H N N 36  
ARG HH12 H N N 37  
ARG HH21 H N N 38  
ARG HH22 H N N 39  
ARG HXT  H N N 40  
ASN N    N N N 41  
ASN CA   C N S 42  
ASN C    C N N 43  
ASN O    O N N 44  
ASN CB   C N N 45  
ASN CG   C N N 46  
ASN OD1  O N N 47  
ASN ND2  N N N 48  
ASN OXT  O N N 49  
ASN H    H N N 50  
ASN H2   H N N 51  
ASN HA   H N N 52  
ASN HB2  H N N 53  
ASN HB3  H N N 54  
ASN HD21 H N N 55  
ASN HD22 H N N 56  
ASN HXT  H N N 57  
ASP N    N N N 58  
ASP CA   C N S 59  
ASP C    C N N 60  
ASP O    O N N 61  
ASP CB   C N N 62  
ASP CG   C N N 63  
ASP OD1  O N N 64  
ASP OD2  O N N 65  
ASP OXT  O N N 66  
ASP H    H N N 67  
ASP H2   H N N 68  
ASP HA   H N N 69  
ASP HB2  H N N 70  
ASP HB3  H N N 71  
ASP HD2  H N N 72  
ASP HXT  H N N 73  
CYS N    N N N 74  
CYS CA   C N R 75  
CYS C    C N N 76  
CYS O    O N N 77  
CYS CB   C N N 78  
CYS SG   S N N 79  
CYS OXT  O N N 80  
CYS H    H N N 81  
CYS H2   H N N 82  
CYS HA   H N N 83  
CYS HB2  H N N 84  
CYS HB3  H N N 85  
CYS HG   H N N 86  
CYS HXT  H N N 87  
GLN N    N N N 88  
GLN CA   C N S 89  
GLN C    C N N 90  
GLN O    O N N 91  
GLN CB   C N N 92  
GLN CG   C N N 93  
GLN CD   C N N 94  
GLN OE1  O N N 95  
GLN NE2  N N N 96  
GLN OXT  O N N 97  
GLN H    H N N 98  
GLN H2   H N N 99  
GLN HA   H N N 100 
GLN HB2  H N N 101 
GLN HB3  H N N 102 
GLN HG2  H N N 103 
GLN HG3  H N N 104 
GLN HE21 H N N 105 
GLN HE22 H N N 106 
GLN HXT  H N N 107 
GLU N    N N N 108 
GLU CA   C N S 109 
GLU C    C N N 110 
GLU O    O N N 111 
GLU CB   C N N 112 
GLU CG   C N N 113 
GLU CD   C N N 114 
GLU OE1  O N N 115 
GLU OE2  O N N 116 
GLU OXT  O N N 117 
GLU H    H N N 118 
GLU H2   H N N 119 
GLU HA   H N N 120 
GLU HB2  H N N 121 
GLU HB3  H N N 122 
GLU HG2  H N N 123 
GLU HG3  H N N 124 
GLU HE2  H N N 125 
GLU HXT  H N N 126 
GLY N    N N N 127 
GLY CA   C N N 128 
GLY C    C N N 129 
GLY O    O N N 130 
GLY OXT  O N N 131 
GLY H    H N N 132 
GLY H2   H N N 133 
GLY HA2  H N N 134 
GLY HA3  H N N 135 
GLY HXT  H N N 136 
HIS N    N N N 137 
HIS CA   C N S 138 
HIS C    C N N 139 
HIS O    O N N 140 
HIS CB   C N N 141 
HIS CG   C Y N 142 
HIS ND1  N Y N 143 
HIS CD2  C Y N 144 
HIS CE1  C Y N 145 
HIS NE2  N Y N 146 
HIS OXT  O N N 147 
HIS H    H N N 148 
HIS H2   H N N 149 
HIS HA   H N N 150 
HIS HB2  H N N 151 
HIS HB3  H N N 152 
HIS HD1  H N N 153 
HIS HD2  H N N 154 
HIS HE1  H N N 155 
HIS HE2  H N N 156 
HIS HXT  H N N 157 
HOH O    O N N 158 
HOH H1   H N N 159 
HOH H2   H N N 160 
ILE N    N N N 161 
ILE CA   C N S 162 
ILE C    C N N 163 
ILE O    O N N 164 
ILE CB   C N S 165 
ILE CG1  C N N 166 
ILE CG2  C N N 167 
ILE CD1  C N N 168 
ILE OXT  O N N 169 
ILE H    H N N 170 
ILE H2   H N N 171 
ILE HA   H N N 172 
ILE HB   H N N 173 
ILE HG12 H N N 174 
ILE HG13 H N N 175 
ILE HG21 H N N 176 
ILE HG22 H N N 177 
ILE HG23 H N N 178 
ILE HD11 H N N 179 
ILE HD12 H N N 180 
ILE HD13 H N N 181 
ILE HXT  H N N 182 
LEU N    N N N 183 
LEU CA   C N S 184 
LEU C    C N N 185 
LEU O    O N N 186 
LEU CB   C N N 187 
LEU CG   C N N 188 
LEU CD1  C N N 189 
LEU CD2  C N N 190 
LEU OXT  O N N 191 
LEU H    H N N 192 
LEU H2   H N N 193 
LEU HA   H N N 194 
LEU HB2  H N N 195 
LEU HB3  H N N 196 
LEU HG   H N N 197 
LEU HD11 H N N 198 
LEU HD12 H N N 199 
LEU HD13 H N N 200 
LEU HD21 H N N 201 
LEU HD22 H N N 202 
LEU HD23 H N N 203 
LEU HXT  H N N 204 
LYS N    N N N 205 
LYS CA   C N S 206 
LYS C    C N N 207 
LYS O    O N N 208 
LYS CB   C N N 209 
LYS CG   C N N 210 
LYS CD   C N N 211 
LYS CE   C N N 212 
LYS NZ   N N N 213 
LYS OXT  O N N 214 
LYS H    H N N 215 
LYS H2   H N N 216 
LYS HA   H N N 217 
LYS HB2  H N N 218 
LYS HB3  H N N 219 
LYS HG2  H N N 220 
LYS HG3  H N N 221 
LYS HD2  H N N 222 
LYS HD3  H N N 223 
LYS HE2  H N N 224 
LYS HE3  H N N 225 
LYS HZ1  H N N 226 
LYS HZ2  H N N 227 
LYS HZ3  H N N 228 
LYS HXT  H N N 229 
MET N    N N N 230 
MET CA   C N S 231 
MET C    C N N 232 
MET O    O N N 233 
MET CB   C N N 234 
MET CG   C N N 235 
MET SD   S N N 236 
MET CE   C N N 237 
MET OXT  O N N 238 
MET H    H N N 239 
MET H2   H N N 240 
MET HA   H N N 241 
MET HB2  H N N 242 
MET HB3  H N N 243 
MET HG2  H N N 244 
MET HG3  H N N 245 
MET HE1  H N N 246 
MET HE2  H N N 247 
MET HE3  H N N 248 
MET HXT  H N N 249 
PHE N    N N N 250 
PHE CA   C N S 251 
PHE C    C N N 252 
PHE O    O N N 253 
PHE CB   C N N 254 
PHE CG   C Y N 255 
PHE CD1  C Y N 256 
PHE CD2  C Y N 257 
PHE CE1  C Y N 258 
PHE CE2  C Y N 259 
PHE CZ   C Y N 260 
PHE OXT  O N N 261 
PHE H    H N N 262 
PHE H2   H N N 263 
PHE HA   H N N 264 
PHE HB2  H N N 265 
PHE HB3  H N N 266 
PHE HD1  H N N 267 
PHE HD2  H N N 268 
PHE HE1  H N N 269 
PHE HE2  H N N 270 
PHE HZ   H N N 271 
PHE HXT  H N N 272 
PRO N    N N N 273 
PRO CA   C N S 274 
PRO C    C N N 275 
PRO O    O N N 276 
PRO CB   C N N 277 
PRO CG   C N N 278 
PRO CD   C N N 279 
PRO OXT  O N N 280 
PRO H    H N N 281 
PRO HA   H N N 282 
PRO HB2  H N N 283 
PRO HB3  H N N 284 
PRO HG2  H N N 285 
PRO HG3  H N N 286 
PRO HD2  H N N 287 
PRO HD3  H N N 288 
PRO HXT  H N N 289 
SER N    N N N 290 
SER CA   C N S 291 
SER C    C N N 292 
SER O    O N N 293 
SER CB   C N N 294 
SER OG   O N N 295 
SER OXT  O N N 296 
SER H    H N N 297 
SER H2   H N N 298 
SER HA   H N N 299 
SER HB2  H N N 300 
SER HB3  H N N 301 
SER HG   H N N 302 
SER HXT  H N N 303 
THR N    N N N 304 
THR CA   C N S 305 
THR C    C N N 306 
THR O    O N N 307 
THR CB   C N R 308 
THR OG1  O N N 309 
THR CG2  C N N 310 
THR OXT  O N N 311 
THR H    H N N 312 
THR H2   H N N 313 
THR HA   H N N 314 
THR HB   H N N 315 
THR HG1  H N N 316 
THR HG21 H N N 317 
THR HG22 H N N 318 
THR HG23 H N N 319 
THR HXT  H N N 320 
TRP N    N N N 321 
TRP CA   C N S 322 
TRP C    C N N 323 
TRP O    O N N 324 
TRP CB   C N N 325 
TRP CG   C Y N 326 
TRP CD1  C Y N 327 
TRP CD2  C Y N 328 
TRP NE1  N Y N 329 
TRP CE2  C Y N 330 
TRP CE3  C Y N 331 
TRP CZ2  C Y N 332 
TRP CZ3  C Y N 333 
TRP CH2  C Y N 334 
TRP OXT  O N N 335 
TRP H    H N N 336 
TRP H2   H N N 337 
TRP HA   H N N 338 
TRP HB2  H N N 339 
TRP HB3  H N N 340 
TRP HD1  H N N 341 
TRP HE1  H N N 342 
TRP HE3  H N N 343 
TRP HZ2  H N N 344 
TRP HZ3  H N N 345 
TRP HH2  H N N 346 
TRP HXT  H N N 347 
TYR N    N N N 348 
TYR CA   C N S 349 
TYR C    C N N 350 
TYR O    O N N 351 
TYR CB   C N N 352 
TYR CG   C Y N 353 
TYR CD1  C Y N 354 
TYR CD2  C Y N 355 
TYR CE1  C Y N 356 
TYR CE2  C Y N 357 
TYR CZ   C Y N 358 
TYR OH   O N N 359 
TYR OXT  O N N 360 
TYR H    H N N 361 
TYR H2   H N N 362 
TYR HA   H N N 363 
TYR HB2  H N N 364 
TYR HB3  H N N 365 
TYR HD1  H N N 366 
TYR HD2  H N N 367 
TYR HE1  H N N 368 
TYR HE2  H N N 369 
TYR HH   H N N 370 
TYR HXT  H N N 371 
VAL N    N N N 372 
VAL CA   C N S 373 
VAL C    C N N 374 
VAL O    O N N 375 
VAL CB   C N N 376 
VAL CG1  C N N 377 
VAL CG2  C N N 378 
VAL OXT  O N N 379 
VAL H    H N N 380 
VAL H2   H N N 381 
VAL HA   H N N 382 
VAL HB   H N N 383 
VAL HG11 H N N 384 
VAL HG12 H N N 385 
VAL HG13 H N N 386 
VAL HG21 H N N 387 
VAL HG22 H N N 388 
VAL HG23 H N N 389 
VAL HXT  H N N 390 
# 
loop_
_chem_comp_bond.comp_id 
_chem_comp_bond.atom_id_1 
_chem_comp_bond.atom_id_2 
_chem_comp_bond.value_order 
_chem_comp_bond.pdbx_aromatic_flag 
_chem_comp_bond.pdbx_stereo_config 
_chem_comp_bond.pdbx_ordinal 
ALA N   CA   sing N N 1   
ALA N   H    sing N N 2   
ALA N   H2   sing N N 3   
ALA CA  C    sing N N 4   
ALA CA  CB   sing N N 5   
ALA CA  HA   sing N N 6   
ALA C   O    doub N N 7   
ALA C   OXT  sing N N 8   
ALA CB  HB1  sing N N 9   
ALA CB  HB2  sing N N 10  
ALA CB  HB3  sing N N 11  
ALA OXT HXT  sing N N 12  
ARG N   CA   sing N N 13  
ARG N   H    sing N N 14  
ARG N   H2   sing N N 15  
ARG CA  C    sing N N 16  
ARG CA  CB   sing N N 17  
ARG CA  HA   sing N N 18  
ARG C   O    doub N N 19  
ARG C   OXT  sing N N 20  
ARG CB  CG   sing N N 21  
ARG CB  HB2  sing N N 22  
ARG CB  HB3  sing N N 23  
ARG CG  CD   sing N N 24  
ARG CG  HG2  sing N N 25  
ARG CG  HG3  sing N N 26  
ARG CD  NE   sing N N 27  
ARG CD  HD2  sing N N 28  
ARG CD  HD3  sing N N 29  
ARG NE  CZ   sing N N 30  
ARG NE  HE   sing N N 31  
ARG CZ  NH1  sing N N 32  
ARG CZ  NH2  doub N N 33  
ARG NH1 HH11 sing N N 34  
ARG NH1 HH12 sing N N 35  
ARG NH2 HH21 sing N N 36  
ARG NH2 HH22 sing N N 37  
ARG OXT HXT  sing N N 38  
ASN N   CA   sing N N 39  
ASN N   H    sing N N 40  
ASN N   H2   sing N N 41  
ASN CA  C    sing N N 42  
ASN CA  CB   sing N N 43  
ASN CA  HA   sing N N 44  
ASN C   O    doub N N 45  
ASN C   OXT  sing N N 46  
ASN CB  CG   sing N N 47  
ASN CB  HB2  sing N N 48  
ASN CB  HB3  sing N N 49  
ASN CG  OD1  doub N N 50  
ASN CG  ND2  sing N N 51  
ASN ND2 HD21 sing N N 52  
ASN ND2 HD22 sing N N 53  
ASN OXT HXT  sing N N 54  
ASP N   CA   sing N N 55  
ASP N   H    sing N N 56  
ASP N   H2   sing N N 57  
ASP CA  C    sing N N 58  
ASP CA  CB   sing N N 59  
ASP CA  HA   sing N N 60  
ASP C   O    doub N N 61  
ASP C   OXT  sing N N 62  
ASP CB  CG   sing N N 63  
ASP CB  HB2  sing N N 64  
ASP CB  HB3  sing N N 65  
ASP CG  OD1  doub N N 66  
ASP CG  OD2  sing N N 67  
ASP OD2 HD2  sing N N 68  
ASP OXT HXT  sing N N 69  
CYS N   CA   sing N N 70  
CYS N   H    sing N N 71  
CYS N   H2   sing N N 72  
CYS CA  C    sing N N 73  
CYS CA  CB   sing N N 74  
CYS CA  HA   sing N N 75  
CYS C   O    doub N N 76  
CYS C   OXT  sing N N 77  
CYS CB  SG   sing N N 78  
CYS CB  HB2  sing N N 79  
CYS CB  HB3  sing N N 80  
CYS SG  HG   sing N N 81  
CYS OXT HXT  sing N N 82  
GLN N   CA   sing N N 83  
GLN N   H    sing N N 84  
GLN N   H2   sing N N 85  
GLN CA  C    sing N N 86  
GLN CA  CB   sing N N 87  
GLN CA  HA   sing N N 88  
GLN C   O    doub N N 89  
GLN C   OXT  sing N N 90  
GLN CB  CG   sing N N 91  
GLN CB  HB2  sing N N 92  
GLN CB  HB3  sing N N 93  
GLN CG  CD   sing N N 94  
GLN CG  HG2  sing N N 95  
GLN CG  HG3  sing N N 96  
GLN CD  OE1  doub N N 97  
GLN CD  NE2  sing N N 98  
GLN NE2 HE21 sing N N 99  
GLN NE2 HE22 sing N N 100 
GLN OXT HXT  sing N N 101 
GLU N   CA   sing N N 102 
GLU N   H    sing N N 103 
GLU N   H2   sing N N 104 
GLU CA  C    sing N N 105 
GLU CA  CB   sing N N 106 
GLU CA  HA   sing N N 107 
GLU C   O    doub N N 108 
GLU C   OXT  sing N N 109 
GLU CB  CG   sing N N 110 
GLU CB  HB2  sing N N 111 
GLU CB  HB3  sing N N 112 
GLU CG  CD   sing N N 113 
GLU CG  HG2  sing N N 114 
GLU CG  HG3  sing N N 115 
GLU CD  OE1  doub N N 116 
GLU CD  OE2  sing N N 117 
GLU OE2 HE2  sing N N 118 
GLU OXT HXT  sing N N 119 
GLY N   CA   sing N N 120 
GLY N   H    sing N N 121 
GLY N   H2   sing N N 122 
GLY CA  C    sing N N 123 
GLY CA  HA2  sing N N 124 
GLY CA  HA3  sing N N 125 
GLY C   O    doub N N 126 
GLY C   OXT  sing N N 127 
GLY OXT HXT  sing N N 128 
HIS N   CA   sing N N 129 
HIS N   H    sing N N 130 
HIS N   H2   sing N N 131 
HIS CA  C    sing N N 132 
HIS CA  CB   sing N N 133 
HIS CA  HA   sing N N 134 
HIS C   O    doub N N 135 
HIS C   OXT  sing N N 136 
HIS CB  CG   sing N N 137 
HIS CB  HB2  sing N N 138 
HIS CB  HB3  sing N N 139 
HIS CG  ND1  sing Y N 140 
HIS CG  CD2  doub Y N 141 
HIS ND1 CE1  doub Y N 142 
HIS ND1 HD1  sing N N 143 
HIS CD2 NE2  sing Y N 144 
HIS CD2 HD2  sing N N 145 
HIS CE1 NE2  sing Y N 146 
HIS CE1 HE1  sing N N 147 
HIS NE2 HE2  sing N N 148 
HIS OXT HXT  sing N N 149 
HOH O   H1   sing N N 150 
HOH O   H2   sing N N 151 
ILE N   CA   sing N N 152 
ILE N   H    sing N N 153 
ILE N   H2   sing N N 154 
ILE CA  C    sing N N 155 
ILE CA  CB   sing N N 156 
ILE CA  HA   sing N N 157 
ILE C   O    doub N N 158 
ILE C   OXT  sing N N 159 
ILE CB  CG1  sing N N 160 
ILE CB  CG2  sing N N 161 
ILE CB  HB   sing N N 162 
ILE CG1 CD1  sing N N 163 
ILE CG1 HG12 sing N N 164 
ILE CG1 HG13 sing N N 165 
ILE CG2 HG21 sing N N 166 
ILE CG2 HG22 sing N N 167 
ILE CG2 HG23 sing N N 168 
ILE CD1 HD11 sing N N 169 
ILE CD1 HD12 sing N N 170 
ILE CD1 HD13 sing N N 171 
ILE OXT HXT  sing N N 172 
LEU N   CA   sing N N 173 
LEU N   H    sing N N 174 
LEU N   H2   sing N N 175 
LEU CA  C    sing N N 176 
LEU CA  CB   sing N N 177 
LEU CA  HA   sing N N 178 
LEU C   O    doub N N 179 
LEU C   OXT  sing N N 180 
LEU CB  CG   sing N N 181 
LEU CB  HB2  sing N N 182 
LEU CB  HB3  sing N N 183 
LEU CG  CD1  sing N N 184 
LEU CG  CD2  sing N N 185 
LEU CG  HG   sing N N 186 
LEU CD1 HD11 sing N N 187 
LEU CD1 HD12 sing N N 188 
LEU CD1 HD13 sing N N 189 
LEU CD2 HD21 sing N N 190 
LEU CD2 HD22 sing N N 191 
LEU CD2 HD23 sing N N 192 
LEU OXT HXT  sing N N 193 
LYS N   CA   sing N N 194 
LYS N   H    sing N N 195 
LYS N   H2   sing N N 196 
LYS CA  C    sing N N 197 
LYS CA  CB   sing N N 198 
LYS CA  HA   sing N N 199 
LYS C   O    doub N N 200 
LYS C   OXT  sing N N 201 
LYS CB  CG   sing N N 202 
LYS CB  HB2  sing N N 203 
LYS CB  HB3  sing N N 204 
LYS CG  CD   sing N N 205 
LYS CG  HG2  sing N N 206 
LYS CG  HG3  sing N N 207 
LYS CD  CE   sing N N 208 
LYS CD  HD2  sing N N 209 
LYS CD  HD3  sing N N 210 
LYS CE  NZ   sing N N 211 
LYS CE  HE2  sing N N 212 
LYS CE  HE3  sing N N 213 
LYS NZ  HZ1  sing N N 214 
LYS NZ  HZ2  sing N N 215 
LYS NZ  HZ3  sing N N 216 
LYS OXT HXT  sing N N 217 
MET N   CA   sing N N 218 
MET N   H    sing N N 219 
MET N   H2   sing N N 220 
MET CA  C    sing N N 221 
MET CA  CB   sing N N 222 
MET CA  HA   sing N N 223 
MET C   O    doub N N 224 
MET C   OXT  sing N N 225 
MET CB  CG   sing N N 226 
MET CB  HB2  sing N N 227 
MET CB  HB3  sing N N 228 
MET CG  SD   sing N N 229 
MET CG  HG2  sing N N 230 
MET CG  HG3  sing N N 231 
MET SD  CE   sing N N 232 
MET CE  HE1  sing N N 233 
MET CE  HE2  sing N N 234 
MET CE  HE3  sing N N 235 
MET OXT HXT  sing N N 236 
PHE N   CA   sing N N 237 
PHE N   H    sing N N 238 
PHE N   H2   sing N N 239 
PHE CA  C    sing N N 240 
PHE CA  CB   sing N N 241 
PHE CA  HA   sing N N 242 
PHE C   O    doub N N 243 
PHE C   OXT  sing N N 244 
PHE CB  CG   sing N N 245 
PHE CB  HB2  sing N N 246 
PHE CB  HB3  sing N N 247 
PHE CG  CD1  doub Y N 248 
PHE CG  CD2  sing Y N 249 
PHE CD1 CE1  sing Y N 250 
PHE CD1 HD1  sing N N 251 
PHE CD2 CE2  doub Y N 252 
PHE CD2 HD2  sing N N 253 
PHE CE1 CZ   doub Y N 254 
PHE CE1 HE1  sing N N 255 
PHE CE2 CZ   sing Y N 256 
PHE CE2 HE2  sing N N 257 
PHE CZ  HZ   sing N N 258 
PHE OXT HXT  sing N N 259 
PRO N   CA   sing N N 260 
PRO N   CD   sing N N 261 
PRO N   H    sing N N 262 
PRO CA  C    sing N N 263 
PRO CA  CB   sing N N 264 
PRO CA  HA   sing N N 265 
PRO C   O    doub N N 266 
PRO C   OXT  sing N N 267 
PRO CB  CG   sing N N 268 
PRO CB  HB2  sing N N 269 
PRO CB  HB3  sing N N 270 
PRO CG  CD   sing N N 271 
PRO CG  HG2  sing N N 272 
PRO CG  HG3  sing N N 273 
PRO CD  HD2  sing N N 274 
PRO CD  HD3  sing N N 275 
PRO OXT HXT  sing N N 276 
SER N   CA   sing N N 277 
SER N   H    sing N N 278 
SER N   H2   sing N N 279 
SER CA  C    sing N N 280 
SER CA  CB   sing N N 281 
SER CA  HA   sing N N 282 
SER C   O    doub N N 283 
SER C   OXT  sing N N 284 
SER CB  OG   sing N N 285 
SER CB  HB2  sing N N 286 
SER CB  HB3  sing N N 287 
SER OG  HG   sing N N 288 
SER OXT HXT  sing N N 289 
THR N   CA   sing N N 290 
THR N   H    sing N N 291 
THR N   H2   sing N N 292 
THR CA  C    sing N N 293 
THR CA  CB   sing N N 294 
THR CA  HA   sing N N 295 
THR C   O    doub N N 296 
THR C   OXT  sing N N 297 
THR CB  OG1  sing N N 298 
THR CB  CG2  sing N N 299 
THR CB  HB   sing N N 300 
THR OG1 HG1  sing N N 301 
THR CG2 HG21 sing N N 302 
THR CG2 HG22 sing N N 303 
THR CG2 HG23 sing N N 304 
THR OXT HXT  sing N N 305 
TRP N   CA   sing N N 306 
TRP N   H    sing N N 307 
TRP N   H2   sing N N 308 
TRP CA  C    sing N N 309 
TRP CA  CB   sing N N 310 
TRP CA  HA   sing N N 311 
TRP C   O    doub N N 312 
TRP C   OXT  sing N N 313 
TRP CB  CG   sing N N 314 
TRP CB  HB2  sing N N 315 
TRP CB  HB3  sing N N 316 
TRP CG  CD1  doub Y N 317 
TRP CG  CD2  sing Y N 318 
TRP CD1 NE1  sing Y N 319 
TRP CD1 HD1  sing N N 320 
TRP CD2 CE2  doub Y N 321 
TRP CD2 CE3  sing Y N 322 
TRP NE1 CE2  sing Y N 323 
TRP NE1 HE1  sing N N 324 
TRP CE2 CZ2  sing Y N 325 
TRP CE3 CZ3  doub Y N 326 
TRP CE3 HE3  sing N N 327 
TRP CZ2 CH2  doub Y N 328 
TRP CZ2 HZ2  sing N N 329 
TRP CZ3 CH2  sing Y N 330 
TRP CZ3 HZ3  sing N N 331 
TRP CH2 HH2  sing N N 332 
TRP OXT HXT  sing N N 333 
TYR N   CA   sing N N 334 
TYR N   H    sing N N 335 
TYR N   H2   sing N N 336 
TYR CA  C    sing N N 337 
TYR CA  CB   sing N N 338 
TYR CA  HA   sing N N 339 
TYR C   O    doub N N 340 
TYR C   OXT  sing N N 341 
TYR CB  CG   sing N N 342 
TYR CB  HB2  sing N N 343 
TYR CB  HB3  sing N N 344 
TYR CG  CD1  doub Y N 345 
TYR CG  CD2  sing Y N 346 
TYR CD1 CE1  sing Y N 347 
TYR CD1 HD1  sing N N 348 
TYR CD2 CE2  doub Y N 349 
TYR CD2 HD2  sing N N 350 
TYR CE1 CZ   doub Y N 351 
TYR CE1 HE1  sing N N 352 
TYR CE2 CZ   sing Y N 353 
TYR CE2 HE2  sing N N 354 
TYR CZ  OH   sing N N 355 
TYR OH  HH   sing N N 356 
TYR OXT HXT  sing N N 357 
VAL N   CA   sing N N 358 
VAL N   H    sing N N 359 
VAL N   H2   sing N N 360 
VAL CA  C    sing N N 361 
VAL CA  CB   sing N N 362 
VAL CA  HA   sing N N 363 
VAL C   O    doub N N 364 
VAL C   OXT  sing N N 365 
VAL CB  CG1  sing N N 366 
VAL CB  CG2  sing N N 367 
VAL CB  HB   sing N N 368 
VAL CG1 HG11 sing N N 369 
VAL CG1 HG12 sing N N 370 
VAL CG1 HG13 sing N N 371 
VAL CG2 HG21 sing N N 372 
VAL CG2 HG22 sing N N 373 
VAL CG2 HG23 sing N N 374 
VAL OXT HXT  sing N N 375 
# 
_atom_sites.entry_id                    3LGO 
_atom_sites.fract_transf_matrix[1][1]   -0.00426268 
_atom_sites.fract_transf_matrix[1][2]   -0.00890432 
_atom_sites.fract_transf_matrix[1][3]   -0.01227861 
_atom_sites.fract_transf_matrix[2][1]   0.01030692 
_atom_sites.fract_transf_matrix[2][2]   -0.00295518 
_atom_sites.fract_transf_matrix[2][3]   -0.01154358 
_atom_sites.fract_transf_matrix[3][1]   0.00210061 
_atom_sites.fract_transf_matrix[3][2]   -0.00555179 
_atom_sites.fract_transf_matrix[3][3]   0.00329684 
_atom_sites.fract_transf_vector[1]      0.738756 
_atom_sites.fract_transf_vector[2]      0.083691 
_atom_sites.fract_transf_vector[3]      0.055546 
# 
loop_
_atom_type.symbol 
C 
N 
O 
S 
# 
loop_
_atom_site.group_PDB 
_atom_site.id 
_atom_site.type_symbol 
_atom_site.label_atom_id 
_atom_site.label_alt_id 
_atom_site.label_comp_id 
_atom_site.label_asym_id 
_atom_site.label_entity_id 
_atom_site.label_seq_id 
_atom_site.pdbx_PDB_ins_code 
_atom_site.Cartn_x 
_atom_site.Cartn_y 
_atom_site.Cartn_z 
_atom_site.occupancy 
_atom_site.B_iso_or_equiv 
_atom_site.pdbx_formal_charge 
_atom_site.auth_seq_id 
_atom_site.auth_comp_id 
_atom_site.auth_asym_id 
_atom_site.auth_atom_id 
_atom_site.pdbx_PDB_model_num 
ATOM   1    N N   . LEU A 1 14  ? 8.147   31.044  41.086  1.00 118.47 ? 4   LEU A N   1 
ATOM   2    C CA  . LEU A 1 14  ? 8.364   29.567  41.144  1.00 119.04 ? 4   LEU A CA  1 
ATOM   3    C C   . LEU A 1 14  ? 7.026   28.825  41.167  1.00 119.45 ? 4   LEU A C   1 
ATOM   4    O O   . LEU A 1 14  ? 6.272   28.920  42.129  1.00 119.38 ? 4   LEU A O   1 
ATOM   5    C CB  . LEU A 1 14  ? 9.188   29.211  42.379  1.00 118.46 ? 4   LEU A CB  1 
ATOM   6    N N   . HIS A 1 15  ? 6.747   28.085  40.098  1.00 120.20 ? 5   HIS A N   1 
ATOM   7    C CA  . HIS A 1 15  ? 5.501   27.326  39.940  1.00 121.02 ? 5   HIS A CA  1 
ATOM   8    C C   . HIS A 1 15  ? 4.280   28.238  39.737  1.00 121.05 ? 5   HIS A C   1 
ATOM   9    O O   . HIS A 1 15  ? 3.144   27.766  39.600  1.00 120.77 ? 5   HIS A O   1 
ATOM   10   C CB  . HIS A 1 15  ? 5.277   26.388  41.138  1.00 121.38 ? 5   HIS A CB  1 
ATOM   11   C CG  . HIS A 1 15  ? 4.018   25.579  41.038  1.00 122.44 ? 5   HIS A CG  1 
ATOM   12   N ND1 . HIS A 1 15  ? 2.787   26.067  41.419  1.00 122.95 ? 5   HIS A ND1 1 
ATOM   13   C CD2 . HIS A 1 15  ? 3.793   24.340  40.538  1.00 122.42 ? 5   HIS A CD2 1 
ATOM   14   C CE1 . HIS A 1 15  ? 1.857   25.164  41.160  1.00 123.08 ? 5   HIS A CE1 1 
ATOM   15   N NE2 . HIS A 1 15  ? 2.441   24.108  40.624  1.00 122.91 ? 5   HIS A NE2 1 
ATOM   16   N N   . SER A 1 16  ? 4.535   29.546  39.694  1.00 120.96 ? 6   SER A N   1 
ATOM   17   C CA  . SER A 1 16  ? 3.491   30.556  39.513  1.00 120.47 ? 6   SER A CA  1 
ATOM   18   C C   . SER A 1 16  ? 2.437   30.110  38.507  1.00 120.06 ? 6   SER A C   1 
ATOM   19   O O   . SER A 1 16  ? 2.750   29.375  37.571  1.00 120.26 ? 6   SER A O   1 
ATOM   20   C CB  . SER A 1 16  ? 4.118   31.875  39.044  1.00 120.20 ? 6   SER A CB  1 
ATOM   21   O OG  . SER A 1 16  ? 4.744   31.720  37.782  1.00 119.30 ? 6   SER A OG  1 
ATOM   22   N N   . LYS A 1 17  ? 1.195   30.548  38.710  1.00 119.29 ? 7   LYS A N   1 
ATOM   23   C CA  . LYS A 1 17  ? 0.099   30.210  37.803  1.00 118.52 ? 7   LYS A CA  1 
ATOM   24   C C   . LYS A 1 17  ? 0.680   30.185  36.396  1.00 117.58 ? 7   LYS A C   1 
ATOM   25   O O   . LYS A 1 17  ? 0.409   29.272  35.617  1.00 117.69 ? 7   LYS A O   1 
ATOM   26   C CB  . LYS A 1 17  ? -0.992  31.281  37.857  1.00 119.59 ? 7   LYS A CB  1 
ATOM   27   C CG  . LYS A 1 17  ? -1.398  31.710  39.254  1.00 120.60 ? 7   LYS A CG  1 
ATOM   28   C CD  . LYS A 1 17  ? -2.051  33.093  39.247  1.00 121.12 ? 7   LYS A CD  1 
ATOM   29   C CE  . LYS A 1 17  ? -3.360  33.108  38.471  1.00 122.19 ? 7   LYS A CE  1 
ATOM   30   N NZ  . LYS A 1 17  ? -4.012  34.452  38.517  1.00 123.25 ? 7   LYS A NZ  1 
ATOM   31   N N   . ASN A 1 18  ? 1.498   31.199  36.102  1.00 115.75 ? 8   ASN A N   1 
ATOM   32   C CA  . ASN A 1 18  ? 2.157   31.362  34.808  1.00 113.60 ? 8   ASN A CA  1 
ATOM   33   C C   . ASN A 1 18  ? 3.127   30.245  34.441  1.00 111.49 ? 8   ASN A C   1 
ATOM   34   O O   . ASN A 1 18  ? 3.039   29.688  33.346  1.00 111.61 ? 8   ASN A O   1 
ATOM   35   C CB  . ASN A 1 18  ? 2.920   32.688  34.771  1.00 114.65 ? 8   ASN A CB  1 
ATOM   36   C CG  . ASN A 1 18  ? 2.016   33.880  34.943  1.00 115.12 ? 8   ASN A CG  1 
ATOM   37   O OD1 . ASN A 1 18  ? 1.173   34.168  34.091  1.00 115.21 ? 8   ASN A OD1 1 
ATOM   38   N ND2 . ASN A 1 18  ? 2.181   34.583  36.055  1.00 115.68 ? 8   ASN A ND2 1 
ATOM   39   N N   . VAL A 1 19  ? 4.060   29.933  35.341  1.00 108.42 ? 9   VAL A N   1 
ATOM   40   C CA  . VAL A 1 19  ? 5.054   28.888  35.078  1.00 105.15 ? 9   VAL A CA  1 
ATOM   41   C C   . VAL A 1 19  ? 4.456   27.496  34.859  1.00 102.74 ? 9   VAL A C   1 
ATOM   42   O O   . VAL A 1 19  ? 5.085   26.630  34.240  1.00 101.77 ? 9   VAL A O   1 
ATOM   43   C CB  . VAL A 1 19  ? 6.092   28.825  36.203  1.00 104.76 ? 9   VAL A CB  1 
ATOM   44   C CG1 . VAL A 1 19  ? 7.074   27.694  35.944  1.00 104.08 ? 9   VAL A CG1 1 
ATOM   45   C CG2 . VAL A 1 19  ? 6.824   30.145  36.281  1.00 104.23 ? 9   VAL A CG2 1 
ATOM   46   N N   . LYS A 1 20  ? 3.243   27.287  35.366  1.00 99.98  ? 10  LYS A N   1 
ATOM   47   C CA  . LYS A 1 20  ? 2.553   26.017  35.195  1.00 96.85  ? 10  LYS A CA  1 
ATOM   48   C C   . LYS A 1 20  ? 1.799   26.102  33.868  1.00 94.68  ? 10  LYS A C   1 
ATOM   49   O O   . LYS A 1 20  ? 2.053   25.328  32.945  1.00 94.30  ? 10  LYS A O   1 
ATOM   50   C CB  . LYS A 1 20  ? 1.569   25.784  36.343  1.00 97.11  ? 10  LYS A CB  1 
ATOM   51   C CG  . LYS A 1 20  ? 0.964   24.372  36.394  1.00 96.56  ? 10  LYS A CG  1 
ATOM   52   C CD  . LYS A 1 20  ? 1.964   23.330  36.896  1.00 96.50  ? 10  LYS A CD  1 
ATOM   53   C CE  . LYS A 1 20  ? 1.299   21.975  37.130  1.00 95.47  ? 10  LYS A CE  1 
ATOM   54   N NZ  . LYS A 1 20  ? 2.173   21.081  37.949  1.00 96.19  ? 10  LYS A NZ  1 
ATOM   55   N N   . GLY A 1 21  ? 0.886   27.065  33.773  1.00 92.23  ? 11  GLY A N   1 
ATOM   56   C CA  . GLY A 1 21  ? 0.113   27.247  32.553  1.00 90.59  ? 11  GLY A CA  1 
ATOM   57   C C   . GLY A 1 21  ? 0.984   27.517  31.338  1.00 88.98  ? 11  GLY A C   1 
ATOM   58   O O   . GLY A 1 21  ? 0.508   27.590  30.199  1.00 88.49  ? 11  GLY A O   1 
ATOM   59   N N   . PHE A 1 22  ? 2.274   27.682  31.595  1.00 87.13  ? 12  PHE A N   1 
ATOM   60   C CA  . PHE A 1 22  ? 3.239   27.929  30.545  1.00 85.28  ? 12  PHE A CA  1 
ATOM   61   C C   . PHE A 1 22  ? 3.628   26.582  29.968  1.00 83.65  ? 12  PHE A C   1 
ATOM   62   O O   . PHE A 1 22  ? 3.490   26.334  28.769  1.00 82.93  ? 12  PHE A O   1 
ATOM   63   C CB  . PHE A 1 22  ? 4.483   28.602  31.118  1.00 85.33  ? 12  PHE A CB  1 
ATOM   64   C CG  . PHE A 1 22  ? 5.634   28.642  30.160  1.00 86.43  ? 12  PHE A CG  1 
ATOM   65   C CD1 . PHE A 1 22  ? 5.585   29.447  29.022  1.00 86.49  ? 12  PHE A CD1 1 
ATOM   66   C CD2 . PHE A 1 22  ? 6.758   27.854  30.379  1.00 85.85  ? 12  PHE A CD2 1 
ATOM   67   C CE1 . PHE A 1 22  ? 6.642   29.467  28.118  1.00 86.31  ? 12  PHE A CE1 1 
ATOM   68   C CE2 . PHE A 1 22  ? 7.821   27.866  29.481  1.00 86.33  ? 12  PHE A CE2 1 
ATOM   69   C CZ  . PHE A 1 22  ? 7.765   28.673  28.349  1.00 86.28  ? 12  PHE A CZ  1 
ATOM   70   N N   . LEU A 1 23  ? 4.122   25.719  30.848  1.00 81.47  ? 13  LEU A N   1 
ATOM   71   C CA  . LEU A 1 23  ? 4.550   24.391  30.465  1.00 78.86  ? 13  LEU A CA  1 
ATOM   72   C C   . LEU A 1 23  ? 3.416   23.643  29.775  1.00 78.28  ? 13  LEU A C   1 
ATOM   73   O O   . LEU A 1 23  ? 3.661   22.778  28.938  1.00 77.34  ? 13  LEU A O   1 
ATOM   74   C CB  . LEU A 1 23  ? 5.027   23.626  31.700  1.00 77.34  ? 13  LEU A CB  1 
ATOM   75   C CG  . LEU A 1 23  ? 6.172   24.280  32.472  1.00 76.08  ? 13  LEU A CG  1 
ATOM   76   C CD1 . LEU A 1 23  ? 6.796   23.265  33.415  1.00 75.64  ? 13  LEU A CD1 1 
ATOM   77   C CD2 . LEU A 1 23  ? 7.213   24.791  31.500  1.00 74.83  ? 13  LEU A CD2 1 
ATOM   78   N N   . GLU A 1 24  ? 2.179   23.996  30.120  1.00 77.32  ? 14  GLU A N   1 
ATOM   79   C CA  . GLU A 1 24  ? 0.999   23.367  29.534  1.00 76.87  ? 14  GLU A CA  1 
ATOM   80   C C   . GLU A 1 24  ? 0.736   23.887  28.145  1.00 74.33  ? 14  GLU A C   1 
ATOM   81   O O   . GLU A 1 24  ? 0.386   23.137  27.246  1.00 74.76  ? 14  GLU A O   1 
ATOM   82   C CB  . GLU A 1 24  ? -0.227  23.624  30.401  1.00 79.95  ? 14  GLU A CB  1 
ATOM   83   C CG  . GLU A 1 24  ? -0.450  22.575  31.479  1.00 84.98  ? 14  GLU A CG  1 
ATOM   84   C CD  . GLU A 1 24  ? -0.999  23.175  32.753  1.00 87.32  ? 14  GLU A CD  1 
ATOM   85   O OE1 . GLU A 1 24  ? -2.059  23.841  32.686  1.00 89.76  ? 14  GLU A OE1 1 
ATOM   86   O OE2 . GLU A 1 24  ? -0.366  22.984  33.817  1.00 89.10  ? 14  GLU A OE2 1 
ATOM   87   N N   . ASN A 1 25  ? 0.884   25.191  27.988  1.00 72.85  ? 15  ASN A N   1 
ATOM   88   C CA  . ASN A 1 25  ? 0.694   25.837  26.702  1.00 70.73  ? 15  ASN A CA  1 
ATOM   89   C C   . ASN A 1 25  ? 1.823   25.327  25.798  1.00 68.01  ? 15  ASN A C   1 
ATOM   90   O O   . ASN A 1 25  ? 1.776   25.453  24.578  1.00 69.06  ? 15  ASN A O   1 
ATOM   91   C CB  . ASN A 1 25  ? 0.757   27.360  26.905  1.00 72.10  ? 15  ASN A CB  1 
ATOM   92   C CG  . ASN A 1 25  ? 1.145   28.114  25.652  1.00 73.82  ? 15  ASN A CG  1 
ATOM   93   O OD1 . ASN A 1 25  ? 0.434   28.097  24.637  1.00 73.26  ? 15  ASN A OD1 1 
ATOM   94   N ND2 . ASN A 1 25  ? 2.287   28.794  25.718  1.00 73.90  ? 15  ASN A ND2 1 
ATOM   95   N N   . THR A 1 26  ? 2.814   24.706  26.421  1.00 64.29  ? 16  THR A N   1 
ATOM   96   C CA  . THR A 1 26  ? 3.974   24.169  25.730  1.00 61.84  ? 16  THR A CA  1 
ATOM   97   C C   . THR A 1 26  ? 3.772   22.742  25.214  1.00 61.38  ? 16  THR A C   1 
ATOM   98   O O   . THR A 1 26  ? 4.516   22.262  24.364  1.00 59.43  ? 16  THR A O   1 
ATOM   99   C CB  . THR A 1 26  ? 5.176   24.186  26.673  1.00 61.66  ? 16  THR A CB  1 
ATOM   100  O OG1 . THR A 1 26  ? 5.394   25.525  27.133  1.00 63.92  ? 16  THR A OG1 1 
ATOM   101  C CG2 . THR A 1 26  ? 6.406   23.702  25.979  1.00 60.50  ? 16  THR A CG2 1 
ATOM   102  N N   . LEU A 1 27  ? 2.768   22.056  25.739  1.00 60.87  ? 17  LEU A N   1 
ATOM   103  C CA  . LEU A 1 27  ? 2.503   20.691  25.336  1.00 59.30  ? 17  LEU A CA  1 
ATOM   104  C C   . LEU A 1 27  ? 1.978   20.656  23.917  1.00 59.49  ? 17  LEU A C   1 
ATOM   105  O O   . LEU A 1 27  ? 2.100   19.643  23.232  1.00 58.07  ? 17  LEU A O   1 
ATOM   106  C CB  . LEU A 1 27  ? 1.480   20.071  26.281  1.00 60.10  ? 17  LEU A CB  1 
ATOM   107  C CG  . LEU A 1 27  ? 1.958   19.877  27.719  1.00 60.84  ? 17  LEU A CG  1 
ATOM   108  C CD1 . LEU A 1 27  ? 0.817   19.446  28.604  1.00 56.23  ? 17  LEU A CD1 1 
ATOM   109  C CD2 . LEU A 1 27  ? 3.077   18.845  27.732  1.00 62.15  ? 17  LEU A CD2 1 
ATOM   110  N N   . LYS A 1 28  ? 1.405   21.784  23.493  1.00 59.46  ? 18  LYS A N   1 
ATOM   111  C CA  . LYS A 1 28  ? 0.807   21.973  22.165  1.00 58.07  ? 18  LYS A CA  1 
ATOM   112  C C   . LYS A 1 28  ? 1.611   21.443  20.977  1.00 54.78  ? 18  LYS A C   1 
ATOM   113  O O   . LYS A 1 28  ? 2.826   21.440  20.998  1.00 53.81  ? 18  LYS A O   1 
ATOM   114  C CB  . LYS A 1 28  ? 0.523   23.465  21.943  1.00 61.72  ? 18  LYS A CB  1 
ATOM   115  C CG  . LYS A 1 28  ? -0.533  24.084  22.888  1.00 66.08  ? 18  LYS A CG  1 
ATOM   116  C CD  . LYS A 1 28  ? -1.028  25.420  22.336  1.00 69.16  ? 18  LYS A CD  1 
ATOM   117  C CE  . LYS A 1 28  ? -2.245  25.938  23.082  1.00 72.75  ? 18  LYS A CE  1 
ATOM   118  N NZ  . LYS A 1 28  ? -2.754  27.226  22.488  1.00 74.88  ? 18  LYS A NZ  1 
ATOM   119  N N   . PRO A 1 29  ? 0.929   20.983  19.917  1.00 52.87  ? 19  PRO A N   1 
ATOM   120  C CA  . PRO A 1 29  ? 1.637   20.465  18.741  1.00 51.00  ? 19  PRO A CA  1 
ATOM   121  C C   . PRO A 1 29  ? 2.424   21.557  18.015  1.00 49.40  ? 19  PRO A C   1 
ATOM   122  O O   . PRO A 1 29  ? 2.344   22.742  18.344  1.00 47.55  ? 19  PRO A O   1 
ATOM   123  C CB  . PRO A 1 29  ? 0.510   19.934  17.857  1.00 49.23  ? 19  PRO A CB  1 
ATOM   124  C CG  . PRO A 1 29  ? -0.581  19.637  18.802  1.00 50.10  ? 19  PRO A CG  1 
ATOM   125  C CD  . PRO A 1 29  ? -0.521  20.773  19.784  1.00 52.02  ? 19  PRO A CD  1 
ATOM   126  N N   . TYR A 1 30  ? 3.219   21.136  17.047  1.00 49.07  ? 20  TYR A N   1 
ATOM   127  C CA  . TYR A 1 30  ? 3.961   22.076  16.237  1.00 48.50  ? 20  TYR A CA  1 
ATOM   128  C C   . TYR A 1 30  ? 3.174   22.027  14.935  1.00 47.85  ? 20  TYR A C   1 
ATOM   129  O O   . TYR A 1 30  ? 3.056   20.965  14.315  1.00 44.51  ? 20  TYR A O   1 
ATOM   130  C CB  . TYR A 1 30  ? 5.403   21.620  15.989  1.00 49.74  ? 20  TYR A CB  1 
ATOM   131  C CG  . TYR A 1 30  ? 6.203   22.612  15.154  1.00 54.67  ? 20  TYR A CG  1 
ATOM   132  C CD1 . TYR A 1 30  ? 7.289   23.305  15.700  1.00 54.83  ? 20  TYR A CD1 1 
ATOM   133  C CD2 . TYR A 1 30  ? 5.836   22.914  13.833  1.00 54.31  ? 20  TYR A CD2 1 
ATOM   134  C CE1 . TYR A 1 30  ? 7.986   24.275  14.954  1.00 54.65  ? 20  TYR A CE1 1 
ATOM   135  C CE2 . TYR A 1 30  ? 6.527   23.875  13.089  1.00 53.53  ? 20  TYR A CE2 1 
ATOM   136  C CZ  . TYR A 1 30  ? 7.603   24.553  13.654  1.00 53.95  ? 20  TYR A CZ  1 
ATOM   137  O OH  . TYR A 1 30  ? 8.308   25.488  12.907  1.00 55.92  ? 20  TYR A OH  1 
ATOM   138  N N   . ASP A 1 31  ? 2.616   23.165  14.536  1.00 48.26  ? 21  ASP A N   1 
ATOM   139  C CA  . ASP A 1 31  ? 1.831   23.211  13.308  1.00 50.41  ? 21  ASP A CA  1 
ATOM   140  C C   . ASP A 1 31  ? 2.622   23.575  12.082  1.00 47.79  ? 21  ASP A C   1 
ATOM   141  O O   . ASP A 1 31  ? 3.252   24.603  12.070  1.00 48.75  ? 21  ASP A O   1 
ATOM   142  C CB  . ASP A 1 31  ? 0.693   24.218  13.426  1.00 54.90  ? 21  ASP A CB  1 
ATOM   143  C CG  . ASP A 1 31  ? -0.321  23.828  14.468  1.00 60.85  ? 21  ASP A CG  1 
ATOM   144  O OD1 . ASP A 1 31  ? -0.418  22.616  14.787  1.00 63.27  ? 21  ASP A OD1 1 
ATOM   145  O OD2 . ASP A 1 31  ? -1.032  24.741  14.950  1.00 62.77  ? 21  ASP A OD2 1 
ATOM   146  N N   . LEU A 1 32  ? 2.595   22.732  11.060  1.00 46.22  ? 22  LEU A N   1 
ATOM   147  C CA  . LEU A 1 32  ? 3.276   23.047  9.820   1.00 47.95  ? 22  LEU A CA  1 
ATOM   148  C C   . LEU A 1 32  ? 2.174   23.588  8.881   1.00 48.64  ? 22  LEU A C   1 
ATOM   149  O O   . LEU A 1 32  ? 1.150   22.928  8.692   1.00 46.71  ? 22  LEU A O   1 
ATOM   150  C CB  . LEU A 1 32  ? 3.951   21.801  9.217   1.00 47.96  ? 22  LEU A CB  1 
ATOM   151  C CG  . LEU A 1 32  ? 5.175   21.124  9.844   1.00 50.54  ? 22  LEU A CG  1 
ATOM   152  C CD1 . LEU A 1 32  ? 5.465   19.874  9.034   1.00 51.60  ? 22  LEU A CD1 1 
ATOM   153  C CD2 . LEU A 1 32  ? 6.389   22.051  9.855   1.00 48.58  ? 22  LEU A CD2 1 
ATOM   154  N N   . HIS A 1 33  ? 2.355   24.789  8.317   1.00 49.57  ? 23  HIS A N   1 
ATOM   155  C CA  . HIS A 1 33  ? 1.318   25.343  7.416   1.00 50.30  ? 23  HIS A CA  1 
ATOM   156  C C   . HIS A 1 33  ? 1.701   25.320  5.927   1.00 49.17  ? 23  HIS A C   1 
ATOM   157  O O   . HIS A 1 33  ? 2.771   25.785  5.540   1.00 47.28  ? 23  HIS A O   1 
ATOM   158  C CB  . HIS A 1 33  ? 0.963   26.787  7.807   1.00 51.56  ? 23  HIS A CB  1 
ATOM   159  C CG  . HIS A 1 33  ? 0.939   27.032  9.278   1.00 52.92  ? 23  HIS A CG  1 
ATOM   160  N ND1 . HIS A 1 33  ? -0.114  26.648  10.093  1.00 53.48  ? 23  HIS A ND1 1 
ATOM   161  C CD2 . HIS A 1 33  ? 1.850   27.595  10.103  1.00 53.04  ? 23  HIS A CD2 1 
ATOM   162  C CE1 . HIS A 1 33  ? 0.155   26.964  11.339  1.00 53.43  ? 23  HIS A CE1 1 
ATOM   163  N NE2 . HIS A 1 33  ? 1.347   27.544  11.376  1.00 55.27  ? 23  HIS A NE2 1 
ATOM   164  N N   . SER A 1 34  ? 0.806   24.781  5.098   1.00 50.55  ? 24  SER A N   1 
ATOM   165  C CA  . SER A 1 34  ? 1.006   24.677  3.644   1.00 52.69  ? 24  SER A CA  1 
ATOM   166  C C   . SER A 1 34  ? 2.387   24.157  3.262   1.00 54.07  ? 24  SER A C   1 
ATOM   167  O O   . SER A 1 34  ? 3.122   24.784  2.486   1.00 55.91  ? 24  SER A O   1 
ATOM   168  C CB  . SER A 1 34  ? 0.780   26.028  2.993   1.00 51.68  ? 24  SER A CB  1 
ATOM   169  O OG  . SER A 1 34  ? -0.512  26.483  3.305   1.00 54.83  ? 24  SER A OG  1 
ATOM   170  N N   . VAL A 1 35  ? 2.720   22.993  3.800   1.00 52.36  ? 25  VAL A N   1 
ATOM   171  C CA  . VAL A 1 35  ? 4.006   22.372  3.554   1.00 51.70  ? 25  VAL A CA  1 
ATOM   172  C C   . VAL A 1 35  ? 3.931   21.415  2.377   1.00 48.55  ? 25  VAL A C   1 
ATOM   173  O O   . VAL A 1 35  ? 2.888   20.859  2.095   1.00 49.45  ? 25  VAL A O   1 
ATOM   174  C CB  . VAL A 1 35  ? 4.455   21.585  4.816   1.00 53.42  ? 25  VAL A CB  1 
ATOM   175  C CG1 . VAL A 1 35  ? 5.665   20.699  4.504   1.00 55.52  ? 25  VAL A CG1 1 
ATOM   176  C CG2 . VAL A 1 35  ? 4.779   22.554  5.933   1.00 53.34  ? 25  VAL A CG2 1 
ATOM   177  N N   . ASP A 1 36  ? 5.033   21.260  1.669   1.00 45.97  ? 26  ASP A N   1 
ATOM   178  C CA  . ASP A 1 36  ? 5.110   20.295  0.583   1.00 48.41  ? 26  ASP A CA  1 
ATOM   179  C C   . ASP A 1 36  ? 5.945   19.107  1.143   1.00 50.20  ? 26  ASP A C   1 
ATOM   180  O O   . ASP A 1 36  ? 7.072   19.293  1.633   1.00 49.92  ? 26  ASP A O   1 
ATOM   181  C CB  . ASP A 1 36  ? 5.809   20.905  -0.638  1.00 49.08  ? 26  ASP A CB  1 
ATOM   182  C CG  . ASP A 1 36  ? 4.828   21.397  -1.699  1.00 48.96  ? 26  ASP A CG  1 
ATOM   183  O OD1 . ASP A 1 36  ? 3.634   21.542  -1.407  1.00 49.06  ? 26  ASP A OD1 1 
ATOM   184  O OD2 . ASP A 1 36  ? 5.254   21.656  -2.839  1.00 50.63  ? 26  ASP A OD2 1 
ATOM   185  N N   . PHE A 1 37  ? 5.380   17.900  1.082   1.00 49.38  ? 27  PHE A N   1 
ATOM   186  C CA  . PHE A 1 37  ? 6.026   16.682  1.595   1.00 48.63  ? 27  PHE A CA  1 
ATOM   187  C C   . PHE A 1 37  ? 5.946   15.533  0.611   1.00 49.75  ? 27  PHE A C   1 
ATOM   188  O O   . PHE A 1 37  ? 4.895   15.290  0.025   1.00 50.35  ? 27  PHE A O   1 
ATOM   189  C CB  . PHE A 1 37  ? 5.338   16.199  2.878   1.00 47.53  ? 27  PHE A CB  1 
ATOM   190  C CG  . PHE A 1 37  ? 5.887   16.781  4.126   1.00 43.69  ? 27  PHE A CG  1 
ATOM   191  C CD1 . PHE A 1 37  ? 5.039   17.230  5.108   1.00 42.01  ? 27  PHE A CD1 1 
ATOM   192  C CD2 . PHE A 1 37  ? 7.252   16.875  4.320   1.00 46.78  ? 27  PHE A CD2 1 
ATOM   193  C CE1 . PHE A 1 37  ? 5.526   17.771  6.275   1.00 43.40  ? 27  PHE A CE1 1 
ATOM   194  C CE2 . PHE A 1 37  ? 7.762   17.418  5.496   1.00 47.57  ? 27  PHE A CE2 1 
ATOM   195  C CZ  . PHE A 1 37  ? 6.891   17.870  6.471   1.00 45.21  ? 27  PHE A CZ  1 
ATOM   196  N N   . LYS A 1 38  ? 7.049   14.815  0.442   1.00 51.16  ? 28  LYS A N   1 
ATOM   197  C CA  . LYS A 1 38  ? 7.071   13.638  -0.433  1.00 51.60  ? 28  LYS A CA  1 
ATOM   198  C C   . LYS A 1 38  ? 7.205   12.463  0.516   1.00 49.71  ? 28  LYS A C   1 
ATOM   199  O O   . LYS A 1 38  ? 7.869   12.567  1.541   1.00 49.21  ? 28  LYS A O   1 
ATOM   200  C CB  . LYS A 1 38  ? 8.272   13.675  -1.400  1.00 54.57  ? 28  LYS A CB  1 
ATOM   201  C CG  . LYS A 1 38  ? 8.263   14.883  -2.371  1.00 62.84  ? 28  LYS A CG  1 
ATOM   202  C CD  . LYS A 1 38  ? 8.180   16.226  -1.602  1.00 66.81  ? 28  LYS A CD  1 
ATOM   203  C CE  . LYS A 1 38  ? 7.880   17.398  -2.501  1.00 69.12  ? 28  LYS A CE  1 
ATOM   204  N NZ  . LYS A 1 38  ? 9.043   17.744  -3.365  1.00 71.04  ? 28  LYS A NZ  1 
ATOM   205  N N   . THR A 1 39  ? 6.538   11.359  0.211   1.00 48.70  ? 29  THR A N   1 
ATOM   206  C CA  . THR A 1 39  ? 6.671   10.175  1.047   1.00 45.89  ? 29  THR A CA  1 
ATOM   207  C C   . THR A 1 39  ? 7.929   9.542   0.462   1.00 48.41  ? 29  THR A C   1 
ATOM   208  O O   . THR A 1 39  ? 8.525   10.110  -0.460  1.00 47.65  ? 29  THR A O   1 
ATOM   209  C CB  . THR A 1 39  ? 5.464   9.240   0.880   1.00 42.79  ? 29  THR A CB  1 
ATOM   210  O OG1 . THR A 1 39  ? 5.399   8.754   -0.470  1.00 37.30  ? 29  THR A OG1 1 
ATOM   211  C CG2 . THR A 1 39  ? 4.202   9.984   1.208   1.00 39.13  ? 29  THR A CG2 1 
ATOM   212  N N   . SER A 1 40  ? 8.393   8.414   0.982   1.00 51.68  ? 30  SER A N   1 
ATOM   213  C CA  . SER A 1 40  ? 9.568   7.839   0.326   1.00 54.85  ? 30  SER A CA  1 
ATOM   214  C C   . SER A 1 40  ? 9.025   7.148   -0.929  1.00 54.05  ? 30  SER A C   1 
ATOM   215  O O   . SER A 1 40  ? 7.817   7.164   -1.191  1.00 53.30  ? 30  SER A O   1 
ATOM   216  C CB  . SER A 1 40  ? 10.330  6.859   1.246   1.00 56.24  ? 30  SER A CB  1 
ATOM   217  O OG  . SER A 1 40  ? 9.475   5.977   1.969   1.00 62.41  ? 30  SER A OG  1 
ATOM   218  N N   . SER A 1 41  ? 9.896   6.585   -1.743  1.00 54.33  ? 31  SER A N   1 
ATOM   219  C CA  . SER A 1 41  ? 9.385   5.909   -2.908  1.00 55.03  ? 31  SER A CA  1 
ATOM   220  C C   . SER A 1 41  ? 9.316   4.421   -2.548  1.00 55.66  ? 31  SER A C   1 
ATOM   221  O O   . SER A 1 41  ? 9.960   3.971   -1.610  1.00 54.63  ? 31  SER A O   1 
ATOM   222  C CB  . SER A 1 41  ? 10.290  6.156   -4.101  1.00 54.03  ? 31  SER A CB  1 
ATOM   223  O OG  . SER A 1 41  ? 11.465  5.424   -3.951  1.00 54.56  ? 31  SER A OG  1 
ATOM   224  N N   . LEU A 1 42  ? 8.490   3.676   -3.269  1.00 57.46  ? 32  LEU A N   1 
ATOM   225  C CA  . LEU A 1 42  ? 8.321   2.253   -3.036  1.00 58.80  ? 32  LEU A CA  1 
ATOM   226  C C   . LEU A 1 42  ? 9.629   1.494   -3.138  1.00 59.98  ? 32  LEU A C   1 
ATOM   227  O O   . LEU A 1 42  ? 10.650  2.024   -3.581  1.00 60.34  ? 32  LEU A O   1 
ATOM   228  C CB  . LEU A 1 42  ? 7.387   1.662   -4.086  1.00 58.98  ? 32  LEU A CB  1 
ATOM   229  C CG  . LEU A 1 42  ? 5.996   2.248   -4.284  1.00 59.93  ? 32  LEU A CG  1 
ATOM   230  C CD1 . LEU A 1 42  ? 5.304   1.445   -5.386  1.00 59.31  ? 32  LEU A CD1 1 
ATOM   231  C CD2 . LEU A 1 42  ? 5.202   2.203   -2.976  1.00 57.02  ? 32  LEU A CD2 1 
ATOM   232  N N   . GLN A 1 43  ? 9.586   0.233   -2.736  1.00 61.55  ? 33  GLN A N   1 
ATOM   233  C CA  . GLN A 1 43  ? 10.752  -0.627  -2.860  1.00 62.72  ? 33  GLN A CA  1 
ATOM   234  C C   . GLN A 1 43  ? 10.507  -1.497  -4.078  1.00 62.12  ? 33  GLN A C   1 
ATOM   235  O O   . GLN A 1 43  ? 11.316  -1.553  -4.996  1.00 61.17  ? 33  GLN A O   1 
ATOM   236  C CB  . GLN A 1 43  ? 10.895  -1.515  -1.650  1.00 63.32  ? 33  GLN A CB  1 
ATOM   237  C CG  . GLN A 1 43  ? 11.231  -0.772  -0.408  1.00 67.89  ? 33  GLN A CG  1 
ATOM   238  C CD  . GLN A 1 43  ? 11.559  -1.721  0.712   1.00 70.46  ? 33  GLN A CD  1 
ATOM   239  O OE1 . GLN A 1 43  ? 10.746  -2.574  1.070   1.00 73.01  ? 33  GLN A OE1 1 
ATOM   240  N NE2 . GLN A 1 43  ? 12.756  -1.589  1.271   1.00 69.48  ? 33  GLN A NE2 1 
ATOM   241  N N   . SER A 1 44  ? 9.356   -2.152  -4.085  1.00 62.94  ? 34  SER A N   1 
ATOM   242  C CA  . SER A 1 44  ? 8.994   -3.030  -5.176  1.00 64.96  ? 34  SER A CA  1 
ATOM   243  C C   . SER A 1 44  ? 7.617   -2.729  -5.746  1.00 66.37  ? 34  SER A C   1 
ATOM   244  O O   . SER A 1 44  ? 6.678   -2.404  -5.017  1.00 65.16  ? 34  SER A O   1 
ATOM   245  C CB  . SER A 1 44  ? 9.023   -4.486  -4.702  1.00 64.20  ? 34  SER A CB  1 
ATOM   246  O OG  . SER A 1 44  ? 10.275  -4.821  -4.136  1.00 65.06  ? 34  SER A OG  1 
ATOM   247  N N   . SER A 1 45  ? 7.521   -2.867  -7.063  1.00 68.31  ? 35  SER A N   1 
ATOM   248  C CA  . SER A 1 45  ? 6.288   -2.675  -7.812  1.00 71.52  ? 35  SER A CA  1 
ATOM   249  C C   . SER A 1 45  ? 6.238   -3.947  -8.683  1.00 74.18  ? 35  SER A C   1 
ATOM   250  O O   . SER A 1 45  ? 6.952   -4.051  -9.689  1.00 74.77  ? 35  SER A O   1 
ATOM   251  C CB  . SER A 1 45  ? 6.408   -1.410  -8.675  1.00 72.08  ? 35  SER A CB  1 
ATOM   252  O OG  . SER A 1 45  ? 5.152   -0.949  -9.149  1.00 71.89  ? 35  SER A OG  1 
ATOM   253  N N   . MET A 1 46  ? 5.410   -4.916  -8.288  1.00 75.34  ? 36  MET A N   1 
ATOM   254  C CA  . MET A 1 46  ? 5.314   -6.191  -9.006  1.00 75.77  ? 36  MET A CA  1 
ATOM   255  C C   . MET A 1 46  ? 3.986   -6.655  -9.570  1.00 76.45  ? 36  MET A C   1 
ATOM   256  O O   . MET A 1 46  ? 2.915   -6.311  -9.077  1.00 77.75  ? 36  MET A O   1 
ATOM   257  C CB  . MET A 1 46  ? 5.768   -7.323  -8.113  1.00 75.39  ? 36  MET A CB  1 
ATOM   258  C CG  . MET A 1 46  ? 7.216   -7.370  -7.842  1.00 76.60  ? 36  MET A CG  1 
ATOM   259  S SD  . MET A 1 46  ? 7.500   -8.950  -7.092  1.00 76.79  ? 36  MET A SD  1 
ATOM   260  C CE  . MET A 1 46  ? 7.349   -8.553  -5.306  1.00 74.14  ? 36  MET A CE  1 
ATOM   261  N N   . ILE A 1 47  ? 4.081   -7.497  -10.590 1.00 76.35  ? 37  ILE A N   1 
ATOM   262  C CA  . ILE A 1 47  ? 2.905   -8.108  -11.189 1.00 75.87  ? 37  ILE A CA  1 
ATOM   263  C C   . ILE A 1 47  ? 3.123   -9.626  -11.106 1.00 75.31  ? 37  ILE A C   1 
ATOM   264  O O   . ILE A 1 47  ? 4.112   -10.152 -11.611 1.00 74.41  ? 37  ILE A O   1 
ATOM   265  C CB  . ILE A 1 47  ? 2.703   -7.670  -12.666 1.00 75.06  ? 37  ILE A CB  1 
ATOM   266  C CG1 . ILE A 1 47  ? 2.251   -6.203  -12.711 1.00 73.02  ? 37  ILE A CG1 1 
ATOM   267  C CG2 . ILE A 1 47  ? 1.676   -8.581  -13.341 1.00 74.37  ? 37  ILE A CG2 1 
ATOM   268  C CD1 . ILE A 1 47  ? 1.968   -5.652  -14.099 1.00 70.91  ? 37  ILE A CD1 1 
ATOM   269  N N   . ILE A 1 48  ? 2.221   -10.319 -10.425 1.00 75.24  ? 38  ILE A N   1 
ATOM   270  C CA  . ILE A 1 48  ? 2.335   -11.762 -10.295 1.00 76.34  ? 38  ILE A CA  1 
ATOM   271  C C   . ILE A 1 48  ? 1.026   -12.427 -10.695 1.00 77.40  ? 38  ILE A C   1 
ATOM   272  O O   . ILE A 1 48  ? -0.059  -11.896 -10.448 1.00 78.57  ? 38  ILE A O   1 
ATOM   273  C CB  . ILE A 1 48  ? 2.671   -12.184 -8.850  1.00 75.56  ? 38  ILE A CB  1 
ATOM   274  C CG1 . ILE A 1 48  ? 1.444   -12.033 -7.958  1.00 74.71  ? 38  ILE A CG1 1 
ATOM   275  C CG2 . ILE A 1 48  ? 3.810   -11.341 -8.312  1.00 75.24  ? 38  ILE A CG2 1 
ATOM   276  C CD1 . ILE A 1 48  ? 1.604   -12.680 -6.622  1.00 74.26  ? 38  ILE A CD1 1 
ATOM   277  N N   . THR A 1 49  ? 1.124   -13.588 -11.323 1.00 78.04  ? 39  THR A N   1 
ATOM   278  C CA  . THR A 1 49  ? -0.074  -14.299 -11.722 1.00 79.39  ? 39  THR A CA  1 
ATOM   279  C C   . THR A 1 49  ? -0.858  -14.558 -10.449 1.00 80.86  ? 39  THR A C   1 
ATOM   280  O O   . THR A 1 49  ? -0.305  -15.037 -9.452  1.00 79.42  ? 39  THR A O   1 
ATOM   281  C CB  . THR A 1 49  ? 0.269   -15.635 -12.402 1.00 79.61  ? 39  THR A CB  1 
ATOM   282  O OG1 . THR A 1 49  ? 1.046   -16.449 -11.510 1.00 79.98  ? 39  THR A OG1 1 
ATOM   283  C CG2 . THR A 1 49  ? 1.058   -15.387 -13.684 1.00 77.60  ? 39  THR A CG2 1 
ATOM   284  N N   . ALA A 1 50  ? -2.138  -14.209 -10.461 1.00 82.94  ? 40  ALA A N   1 
ATOM   285  C CA  . ALA A 1 50  ? -2.950  -14.425 -9.274  1.00 86.62  ? 40  ALA A CA  1 
ATOM   286  C C   . ALA A 1 50  ? -2.814  -15.892 -8.893  1.00 89.28  ? 40  ALA A C   1 
ATOM   287  O O   . ALA A 1 50  ? -2.810  -16.253 -7.713  1.00 88.62  ? 40  ALA A O   1 
ATOM   288  C CB  . ALA A 1 50  ? -4.400  -14.094 -9.566  1.00 86.23  ? 40  ALA A CB  1 
ATOM   289  N N   . THR A 1 51  ? -2.691  -16.714 -9.934  1.00 92.59  ? 41  THR A N   1 
ATOM   290  C CA  . THR A 1 51  ? -2.565  -18.171 -9.860  1.00 95.21  ? 41  THR A CA  1 
ATOM   291  C C   . THR A 1 51  ? -1.629  -18.863 -8.878  1.00 95.87  ? 41  THR A C   1 
ATOM   292  O O   . THR A 1 51  ? -2.073  -19.553 -7.955  1.00 94.44  ? 41  THR A O   1 
ATOM   293  C CB  . THR A 1 51  ? -2.064  -18.740 -11.217 1.00 97.31  ? 41  THR A CB  1 
ATOM   294  O OG1 . THR A 1 51  ? -2.861  -18.214 -12.293 1.00 99.34  ? 41  THR A OG1 1 
ATOM   295  C CG2 . THR A 1 51  ? -2.140  -20.272 -11.219 1.00 97.27  ? 41  THR A CG2 1 
ATOM   296  N N   . ASN A 1 52  ? -0.336  -18.629 -9.055  1.00 97.78  ? 42  ASN A N   1 
ATOM   297  C CA  . ASN A 1 52  ? 0.694   -19.192 -8.188  1.00 99.98  ? 42  ASN A CA  1 
ATOM   298  C C   . ASN A 1 52  ? 1.637   -18.084 -7.749  1.00 100.10 ? 42  ASN A C   1 
ATOM   299  O O   . ASN A 1 52  ? 2.512   -18.293 -6.907  1.00 100.28 ? 42  ASN A O   1 
ATOM   300  C CB  . ASN A 1 52  ? 1.515   -20.302 -8.848  1.00 101.84 ? 42  ASN A CB  1 
ATOM   301  C CG  . ASN A 1 52  ? 0.708   -21.564 -9.079  1.00 103.99 ? 42  ASN A CG  1 
ATOM   302  O OD1 . ASN A 1 52  ? -0.374  -21.738 -8.509  1.00 105.07 ? 42  ASN A OD1 1 
ATOM   303  N ND2 . ASN A 1 52  ? 1.237   -22.464 -9.907  1.00 104.56 ? 42  ASN A ND2 1 
ATOM   304  N N   . GLY A 1 53  ? 1.455   -16.902 -8.321  1.00 99.70  ? 43  GLY A N   1 
ATOM   305  C CA  . GLY A 1 53  ? 2.312   -15.798 -7.960  1.00 98.33  ? 43  GLY A CA  1 
ATOM   306  C C   . GLY A 1 53  ? 3.525   -15.780 -8.861  1.00 97.11  ? 43  GLY A C   1 
ATOM   307  O O   . GLY A 1 53  ? 4.624   -15.435 -8.427  1.00 97.02  ? 43  GLY A O   1 
ATOM   308  N N   . GLY A 1 54  ? 3.322   -16.162 -10.117 1.00 95.68  ? 44  GLY A N   1 
ATOM   309  C CA  . GLY A 1 54  ? 4.415   -16.159 -11.069 1.00 94.33  ? 44  GLY A CA  1 
ATOM   310  C C   . GLY A 1 54  ? 4.815   -14.734 -11.394 1.00 93.27  ? 44  GLY A C   1 
ATOM   311  O O   . GLY A 1 54  ? 4.197   -14.081 -12.230 1.00 94.10  ? 44  GLY A O   1 
ATOM   312  N N   . ILE A 1 55  ? 5.849   -14.241 -10.728 1.00 91.76  ? 45  ILE A N   1 
ATOM   313  C CA  . ILE A 1 55  ? 6.306   -12.881 -10.967 1.00 90.93  ? 45  ILE A CA  1 
ATOM   314  C C   . ILE A 1 55  ? 6.511   -12.609 -12.452 1.00 89.98  ? 45  ILE A C   1 
ATOM   315  O O   . ILE A 1 55  ? 7.477   -13.064 -13.042 1.00 89.09  ? 45  ILE A O   1 
ATOM   316  C CB  . ILE A 1 55  ? 7.628   -12.609 -10.238 1.00 90.99  ? 45  ILE A CB  1 
ATOM   317  C CG1 . ILE A 1 55  ? 7.446   -12.865 -8.740  1.00 91.56  ? 45  ILE A CG1 1 
ATOM   318  C CG2 . ILE A 1 55  ? 8.092   -11.177 -10.512 1.00 90.06  ? 45  ILE A CG2 1 
ATOM   319  C CD1 . ILE A 1 55  ? 8.701   -12.632 -7.922  1.00 92.17  ? 45  ILE A CD1 1 
ATOM   320  N N   . LEU A 1 56  ? 5.602   -11.858 -13.056 1.00 90.05  ? 46  LEU A N   1 
ATOM   321  C CA  . LEU A 1 56  ? 5.723   -11.550 -14.474 1.00 90.62  ? 46  LEU A CA  1 
ATOM   322  C C   . LEU A 1 56  ? 6.755   -10.456 -14.710 1.00 91.12  ? 46  LEU A C   1 
ATOM   323  O O   . LEU A 1 56  ? 7.681   -10.620 -15.510 1.00 91.38  ? 46  LEU A O   1 
ATOM   324  C CB  . LEU A 1 56  ? 4.374   -11.109 -15.041 1.00 90.63  ? 46  LEU A CB  1 
ATOM   325  C CG  . LEU A 1 56  ? 4.347   -10.868 -16.553 1.00 91.82  ? 46  LEU A CG  1 
ATOM   326  C CD1 . LEU A 1 56  ? 4.720   -12.151 -17.285 1.00 92.89  ? 46  LEU A CD1 1 
ATOM   327  C CD2 . LEU A 1 56  ? 2.959   -10.403 -16.974 1.00 91.72  ? 46  LEU A CD2 1 
ATOM   328  N N   . SER A 1 57  ? 6.577   -9.335  -14.015 1.00 91.30  ? 47  SER A N   1 
ATOM   329  C CA  . SER A 1 57  ? 7.479   -8.196  -14.126 1.00 90.31  ? 47  SER A CA  1 
ATOM   330  C C   . SER A 1 57  ? 7.646   -7.579  -12.761 1.00 89.69  ? 47  SER A C   1 
ATOM   331  O O   . SER A 1 57  ? 6.865   -7.856  -11.852 1.00 88.98  ? 47  SER A O   1 
ATOM   332  C CB  . SER A 1 57  ? 6.923   -7.143  -15.084 1.00 89.91  ? 47  SER A CB  1 
ATOM   333  O OG  . SER A 1 57  ? 7.905   -6.154  -15.345 1.00 89.32  ? 47  SER A OG  1 
ATOM   334  N N   . TYR A 1 58  ? 8.657   -6.731  -12.624 1.00 89.96  ? 48  TYR A N   1 
ATOM   335  C CA  . TYR A 1 58  ? 8.920   -6.085  -11.347 1.00 90.80  ? 48  TYR A CA  1 
ATOM   336  C C   . TYR A 1 58  ? 9.961   -4.973  -11.462 1.00 89.46  ? 48  TYR A C   1 
ATOM   337  O O   . TYR A 1 58  ? 10.662  -4.868  -12.469 1.00 89.64  ? 48  TYR A O   1 
ATOM   338  C CB  . TYR A 1 58  ? 9.404   -7.135  -10.353 1.00 93.28  ? 48  TYR A CB  1 
ATOM   339  C CG  . TYR A 1 58  ? 10.770  -7.687  -10.698 1.00 96.84  ? 48  TYR A CG  1 
ATOM   340  C CD1 . TYR A 1 58  ? 11.924  -6.947  -10.441 1.00 97.87  ? 48  TYR A CD1 1 
ATOM   341  C CD2 . TYR A 1 58  ? 10.911  -8.945  -11.285 1.00 98.33  ? 48  TYR A CD2 1 
ATOM   342  C CE1 . TYR A 1 58  ? 13.178  -7.441  -10.756 1.00 99.67  ? 48  TYR A CE1 1 
ATOM   343  C CE2 . TYR A 1 58  ? 12.170  -9.453  -11.605 1.00 99.32  ? 48  TYR A CE2 1 
ATOM   344  C CZ  . TYR A 1 58  ? 13.299  -8.693  -11.332 1.00 100.02 ? 48  TYR A CZ  1 
ATOM   345  O OH  . TYR A 1 58  ? 14.559  -9.175  -11.606 1.00 101.46 ? 48  TYR A OH  1 
ATOM   346  N N   . ALA A 1 59  ? 10.064  -4.158  -10.417 1.00 88.28  ? 49  ALA A N   1 
ATOM   347  C CA  . ALA A 1 59  ? 11.026  -3.059  -10.378 1.00 88.20  ? 49  ALA A CA  1 
ATOM   348  C C   . ALA A 1 59  ? 11.438  -2.779  -8.928  1.00 87.88  ? 49  ALA A C   1 
ATOM   349  O O   . ALA A 1 59  ? 10.635  -2.963  -8.011  1.00 88.80  ? 49  ALA A O   1 
ATOM   350  C CB  . ALA A 1 59  ? 10.420  -1.811  -11.006 1.00 87.85  ? 49  ALA A CB  1 
ATOM   351  N N   . THR A 1 60  ? 12.682  -2.342  -8.719  1.00 87.25  ? 50  THR A N   1 
ATOM   352  C CA  . THR A 1 60  ? 13.171  -2.053  -7.367  1.00 87.02  ? 50  THR A CA  1 
ATOM   353  C C   . THR A 1 60  ? 13.931  -0.738  -7.213  1.00 87.42  ? 50  THR A C   1 
ATOM   354  O O   . THR A 1 60  ? 13.878  0.131   -8.079  1.00 86.25  ? 50  THR A O   1 
ATOM   355  C CB  . THR A 1 60  ? 14.064  -3.188  -6.840  1.00 86.41  ? 50  THR A CB  1 
ATOM   356  O OG1 . THR A 1 60  ? 15.037  -3.530  -7.832  1.00 87.49  ? 50  THR A OG1 1 
ATOM   357  C CG2 . THR A 1 60  ? 13.229  -4.405  -6.502  1.00 86.16  ? 50  THR A CG2 1 
ATOM   358  N N   . SER A 1 61  ? 14.658  -0.607  -6.108  1.00 89.29  ? 51  SER A N   1 
ATOM   359  C CA  . SER A 1 61  ? 15.395  0.619   -5.828  1.00 90.39  ? 51  SER A CA  1 
ATOM   360  C C   . SER A 1 61  ? 16.847  0.446   -5.364  1.00 91.60  ? 51  SER A C   1 
ATOM   361  O O   . SER A 1 61  ? 17.550  1.439   -5.152  1.00 91.24  ? 51  SER A O   1 
ATOM   362  C CB  . SER A 1 61  ? 14.614  1.419   -4.793  1.00 89.78  ? 51  SER A CB  1 
ATOM   363  O OG  . SER A 1 61  ? 13.228  1.356   -5.084  1.00 89.35  ? 51  SER A OG  1 
ATOM   364  N N   . ASN A 1 62  ? 17.300  -0.800  -5.216  1.00 92.93  ? 52  ASN A N   1 
ATOM   365  C CA  . ASN A 1 62  ? 18.674  -1.061  -4.774  1.00 94.28  ? 52  ASN A CA  1 
ATOM   366  C C   . ASN A 1 62  ? 19.424  -2.126  -5.600  1.00 95.02  ? 52  ASN A C   1 
ATOM   367  O O   . ASN A 1 62  ? 18.944  -3.246  -5.820  1.00 94.68  ? 52  ASN A O   1 
ATOM   368  C CB  . ASN A 1 62  ? 18.678  -1.441  -3.285  1.00 93.68  ? 52  ASN A CB  1 
ATOM   369  N N   . SER A 1 75  ? 17.737  -10.915 -2.360  1.00 110.20 ? 65  SER A N   1 
ATOM   370  C CA  . SER A 1 75  ? 17.911  -10.778 -3.802  1.00 110.25 ? 65  SER A CA  1 
ATOM   371  C C   . SER A 1 75  ? 16.573  -10.954 -4.510  1.00 110.53 ? 65  SER A C   1 
ATOM   372  O O   . SER A 1 75  ? 15.514  -10.745 -3.907  1.00 110.75 ? 65  SER A O   1 
ATOM   373  C CB  . SER A 1 75  ? 18.937  -11.810 -4.313  1.00 109.95 ? 65  SER A CB  1 
ATOM   374  O OG  . SER A 1 75  ? 18.757  -13.082 -3.713  1.00 109.21 ? 65  SER A OG  1 
ATOM   375  N N   . VAL A 1 76  ? 16.617  -11.310 -5.792  1.00 110.48 ? 66  VAL A N   1 
ATOM   376  C CA  . VAL A 1 76  ? 15.391  -11.539 -6.552  1.00 109.84 ? 66  VAL A CA  1 
ATOM   377  C C   . VAL A 1 76  ? 14.691  -12.689 -5.816  1.00 109.03 ? 66  VAL A C   1 
ATOM   378  O O   . VAL A 1 76  ? 13.489  -12.925 -5.970  1.00 108.95 ? 66  VAL A O   1 
ATOM   379  C CB  . VAL A 1 76  ? 15.703  -11.941 -8.024  1.00 109.99 ? 66  VAL A CB  1 
ATOM   380  C CG1 . VAL A 1 76  ? 14.406  -12.170 -8.793  1.00 110.51 ? 66  VAL A CG1 1 
ATOM   381  C CG2 . VAL A 1 76  ? 16.534  -10.849 -8.702  1.00 109.39 ? 66  VAL A CG2 1 
ATOM   382  N N   . ASN A 1 77  ? 15.482  -13.391 -5.006  1.00 107.73 ? 67  ASN A N   1 
ATOM   383  C CA  . ASN A 1 77  ? 15.025  -14.505 -4.182  1.00 106.14 ? 67  ASN A CA  1 
ATOM   384  C C   . ASN A 1 77  ? 13.994  -13.944 -3.236  1.00 104.30 ? 67  ASN A C   1 
ATOM   385  O O   . ASN A 1 77  ? 12.800  -14.235 -3.307  1.00 104.25 ? 67  ASN A O   1 
ATOM   386  C CB  . ASN A 1 77  ? 16.182  -15.042 -3.335  1.00 106.84 ? 67  ASN A CB  1 
ATOM   387  C CG  . ASN A 1 77  ? 16.973  -16.112 -4.036  1.00 107.08 ? 67  ASN A CG  1 
ATOM   388  O OD1 . ASN A 1 77  ? 16.419  -17.127 -4.461  1.00 106.48 ? 67  ASN A OD1 1 
ATOM   389  N ND2 . ASN A 1 77  ? 18.282  -15.899 -4.157  1.00 107.64 ? 67  ASN A ND2 1 
ATOM   390  N N   . ASN A 1 78  ? 14.516  -13.142 -2.323  1.00 102.16 ? 68  ASN A N   1 
ATOM   391  C CA  . ASN A 1 78  ? 13.733  -12.476 -1.320  1.00 100.08 ? 68  ASN A CA  1 
ATOM   392  C C   . ASN A 1 78  ? 12.424  -11.926 -1.891  1.00 98.64  ? 68  ASN A C   1 
ATOM   393  O O   . ASN A 1 78  ? 11.367  -12.061 -1.278  1.00 97.81  ? 68  ASN A O   1 
ATOM   394  C CB  . ASN A 1 78  ? 14.569  -11.352 -0.737  1.00 99.64  ? 68  ASN A CB  1 
ATOM   395  C CG  . ASN A 1 78  ? 13.774  -10.469 0.153   1.00 99.79  ? 68  ASN A CG  1 
ATOM   396  O OD1 . ASN A 1 78  ? 13.161  -10.940 1.108   1.00 99.50  ? 68  ASN A OD1 1 
ATOM   397  N ND2 . ASN A 1 78  ? 13.764  -9.172  -0.149  1.00 100.46 ? 68  ASN A ND2 1 
ATOM   398  N N   . LEU A 1 79  ? 12.490  -11.312 -3.067  1.00 97.13  ? 69  LEU A N   1 
ATOM   399  C CA  . LEU A 1 79  ? 11.289  -10.760 -3.681  1.00 96.25  ? 69  LEU A CA  1 
ATOM   400  C C   . LEU A 1 79  ? 10.236  -11.831 -3.863  1.00 95.33  ? 69  LEU A C   1 
ATOM   401  O O   . LEU A 1 79  ? 9.113   -11.693 -3.382  1.00 95.25  ? 69  LEU A O   1 
ATOM   402  C CB  . LEU A 1 79  ? 11.606  -10.138 -5.040  1.00 97.30  ? 69  LEU A CB  1 
ATOM   403  C CG  . LEU A 1 79  ? 12.544  -8.929  -5.052  1.00 98.45  ? 69  LEU A CG  1 
ATOM   404  C CD1 . LEU A 1 79  ? 12.616  -8.384  -6.480  1.00 98.69  ? 69  LEU A CD1 1 
ATOM   405  C CD2 . LEU A 1 79  ? 12.052  -7.850  -4.080  1.00 97.80  ? 69  LEU A CD2 1 
ATOM   406  N N   . LYS A 1 80  ? 10.611  -12.898 -4.565  1.00 94.92  ? 70  LYS A N   1 
ATOM   407  C CA  . LYS A 1 80  ? 9.718   -14.025 -4.832  1.00 93.31  ? 70  LYS A CA  1 
ATOM   408  C C   . LYS A 1 80  ? 9.091   -14.544 -3.559  1.00 91.71  ? 70  LYS A C   1 
ATOM   409  O O   . LYS A 1 80  ? 7.922   -14.915 -3.546  1.00 89.71  ? 70  LYS A O   1 
ATOM   410  C CB  . LYS A 1 80  ? 10.487  -15.146 -5.519  1.00 94.34  ? 70  LYS A CB  1 
ATOM   411  C CG  . LYS A 1 80  ? 11.119  -14.704 -6.816  1.00 96.11  ? 70  LYS A CG  1 
ATOM   412  C CD  . LYS A 1 80  ? 11.873  -15.832 -7.492  1.00 97.97  ? 70  LYS A CD  1 
ATOM   413  C CE  . LYS A 1 80  ? 12.579  -15.326 -8.751  1.00 99.15  ? 70  LYS A CE  1 
ATOM   414  N NZ  . LYS A 1 80  ? 13.304  -16.406 -9.484  1.00 100.02 ? 70  LYS A NZ  1 
ATOM   415  N N   . MET A 1 81  ? 9.881   -14.581 -2.495  1.00 91.93  ? 71  MET A N   1 
ATOM   416  C CA  . MET A 1 81  ? 9.393   -15.027 -1.202  1.00 93.62  ? 71  MET A CA  1 
ATOM   417  C C   . MET A 1 81  ? 8.075   -14.314 -0.949  1.00 93.80  ? 71  MET A C   1 
ATOM   418  O O   . MET A 1 81  ? 7.077   -14.929 -0.561  1.00 93.49  ? 71  MET A O   1 
ATOM   419  C CB  . MET A 1 81  ? 10.383  -14.638 -0.108  1.00 95.87  ? 71  MET A CB  1 
ATOM   420  C CG  . MET A 1 81  ? 11.624  -15.503 -0.028  1.00 99.65  ? 71  MET A CG  1 
ATOM   421  S SD  . MET A 1 81  ? 11.285  -17.023 0.876   1.00 103.68 ? 71  MET A SD  1 
ATOM   422  C CE  . MET A 1 81  ? 11.505  -16.467 2.587   1.00 101.82 ? 71  MET A CE  1 
ATOM   423  N N   . MET A 1 82  ? 8.094   -13.005 -1.191  1.00 94.07  ? 72  MET A N   1 
ATOM   424  C CA  . MET A 1 82  ? 6.940   -12.133 -0.988  1.00 93.09  ? 72  MET A CA  1 
ATOM   425  C C   . MET A 1 82  ? 5.862   -12.288 -2.063  1.00 92.26  ? 72  MET A C   1 
ATOM   426  O O   . MET A 1 82  ? 4.684   -12.434 -1.738  1.00 91.61  ? 72  MET A O   1 
ATOM   427  C CB  . MET A 1 82  ? 7.420   -10.687 -0.914  1.00 93.40  ? 72  MET A CB  1 
ATOM   428  C CG  . MET A 1 82  ? 8.624   -10.520 0.000   1.00 93.92  ? 72  MET A CG  1 
ATOM   429  S SD  . MET A 1 82  ? 9.272   -8.836  0.106   1.00 95.93  ? 72  MET A SD  1 
ATOM   430  C CE  . MET A 1 82  ? 9.905   -8.585  -1.585  1.00 94.48  ? 72  MET A CE  1 
ATOM   431  N N   . SER A 1 83  ? 6.253   -12.265 -3.333  1.00 91.38  ? 73  SER A N   1 
ATOM   432  C CA  . SER A 1 83  ? 5.285   -12.431 -4.410  1.00 91.74  ? 73  SER A CA  1 
ATOM   433  C C   . SER A 1 83  ? 4.343   -13.586 -4.113  1.00 92.84  ? 73  SER A C   1 
ATOM   434  O O   . SER A 1 83  ? 3.162   -13.541 -4.454  1.00 93.07  ? 73  SER A O   1 
ATOM   435  C CB  . SER A 1 83  ? 5.991   -12.709 -5.724  1.00 90.88  ? 73  SER A CB  1 
ATOM   436  O OG  . SER A 1 83  ? 6.828   -11.631 -6.048  1.00 90.64  ? 73  SER A OG  1 
ATOM   437  N N   . LEU A 1 84  ? 4.876   -14.631 -3.487  1.00 93.97  ? 74  LEU A N   1 
ATOM   438  C CA  . LEU A 1 84  ? 4.076   -15.798 -3.138  1.00 94.30  ? 74  LEU A CA  1 
ATOM   439  C C   . LEU A 1 84  ? 3.411   -15.582 -1.792  1.00 93.33  ? 74  LEU A C   1 
ATOM   440  O O   . LEU A 1 84  ? 2.216   -15.824 -1.633  1.00 93.44  ? 74  LEU A O   1 
ATOM   441  C CB  . LEU A 1 84  ? 4.945   -17.058 -3.066  1.00 95.67  ? 74  LEU A CB  1 
ATOM   442  C CG  . LEU A 1 84  ? 4.156   -18.347 -2.800  1.00 96.88  ? 74  LEU A CG  1 
ATOM   443  C CD1 . LEU A 1 84  ? 3.323   -18.666 -4.044  1.00 97.24  ? 74  LEU A CD1 1 
ATOM   444  C CD2 . LEU A 1 84  ? 5.095   -19.507 -2.458  1.00 96.38  ? 74  LEU A CD2 1 
ATOM   445  N N   . LEU A 1 85  ? 4.200   -15.126 -0.825  1.00 92.92  ? 75  LEU A N   1 
ATOM   446  C CA  . LEU A 1 85  ? 3.711   -14.885 0.525   1.00 92.48  ? 75  LEU A CA  1 
ATOM   447  C C   . LEU A 1 85  ? 2.494   -13.977 0.502   1.00 93.13  ? 75  LEU A C   1 
ATOM   448  O O   . LEU A 1 85  ? 1.446   -14.299 1.068   1.00 93.06  ? 75  LEU A O   1 
ATOM   449  C CB  . LEU A 1 85  ? 4.815   -14.265 1.381   1.00 89.68  ? 75  LEU A CB  1 
ATOM   450  C CG  . LEU A 1 85  ? 4.525   -14.105 2.873   1.00 88.97  ? 75  LEU A CG  1 
ATOM   451  C CD1 . LEU A 1 85  ? 3.938   -15.387 3.442   1.00 88.17  ? 75  LEU A CD1 1 
ATOM   452  C CD2 . LEU A 1 85  ? 5.817   -13.747 3.594   1.00 88.45  ? 75  LEU A CD2 1 
ATOM   453  N N   . ILE A 1 86  ? 2.637   -12.840 -0.165  1.00 94.25  ? 76  ILE A N   1 
ATOM   454  C CA  . ILE A 1 86  ? 1.540   -11.896 -0.262  1.00 95.47  ? 76  ILE A CA  1 
ATOM   455  C C   . ILE A 1 86  ? 0.356   -12.557 -0.958  1.00 96.63  ? 76  ILE A C   1 
ATOM   456  O O   . ILE A 1 86  ? -0.731  -12.634 -0.374  1.00 97.57  ? 76  ILE A O   1 
ATOM   457  C CB  . ILE A 1 86  ? 1.945   -10.622 -1.044  1.00 95.08  ? 76  ILE A CB  1 
ATOM   458  C CG1 . ILE A 1 86  ? 3.072   -9.896  -0.316  1.00 93.86  ? 76  ILE A CG1 1 
ATOM   459  C CG2 . ILE A 1 86  ? 0.764   -9.686  -1.157  1.00 95.13  ? 76  ILE A CG2 1 
ATOM   460  C CD1 . ILE A 1 86  ? 3.580   -8.678  -1.042  1.00 93.39  ? 76  ILE A CD1 1 
ATOM   461  N N   . LYS A 1 87  ? 0.561   -13.039 -2.189  1.00 96.93  ? 77  LYS A N   1 
ATOM   462  C CA  . LYS A 1 87  ? -0.516  -13.695 -2.947  1.00 97.16  ? 77  LYS A CA  1 
ATOM   463  C C   . LYS A 1 87  ? -1.264  -14.660 -2.044  1.00 96.57  ? 77  LYS A C   1 
ATOM   464  O O   . LYS A 1 87  ? -2.483  -14.788 -2.125  1.00 96.27  ? 77  LYS A O   1 
ATOM   465  C CB  . LYS A 1 87  ? 0.018   -14.474 -4.151  1.00 97.63  ? 77  LYS A CB  1 
ATOM   466  C CG  . LYS A 1 87  ? -1.087  -15.187 -4.920  1.00 98.94  ? 77  LYS A CG  1 
ATOM   467  C CD  . LYS A 1 87  ? -0.545  -16.159 -5.953  1.00 101.42 ? 77  LYS A CD  1 
ATOM   468  C CE  . LYS A 1 87  ? -0.814  -17.616 -5.548  1.00 102.85 ? 77  LYS A CE  1 
ATOM   469  N NZ  . LYS A 1 87  ? -2.270  -17.925 -5.361  1.00 103.89 ? 77  LYS A NZ  1 
ATOM   470  N N   . ASP A 1 88  ? -0.525  -15.352 -1.192  1.00 96.58  ? 78  ASP A N   1 
ATOM   471  C CA  . ASP A 1 88  ? -1.142  -16.271 -0.260  1.00 97.88  ? 78  ASP A CA  1 
ATOM   472  C C   . ASP A 1 88  ? -2.124  -15.461 0.582   1.00 97.74  ? 78  ASP A C   1 
ATOM   473  O O   . ASP A 1 88  ? -3.335  -15.699 0.540   1.00 97.27  ? 78  ASP A O   1 
ATOM   474  C CB  . ASP A 1 88  ? -0.073  -16.913 0.631   1.00 99.34  ? 78  ASP A CB  1 
ATOM   475  C CG  . ASP A 1 88  ? 0.563   -18.141 -0.004  1.00 100.52 ? 78  ASP A CG  1 
ATOM   476  O OD1 . ASP A 1 88  ? 0.709   -18.172 -1.255  1.00 100.11 ? 78  ASP A OD1 1 
ATOM   477  O OD2 . ASP A 1 88  ? 0.924   -19.069 0.758   1.00 99.94  ? 78  ASP A OD2 1 
ATOM   478  N N   . LYS A 1 89  ? -1.587  -14.491 1.323   1.00 97.62  ? 79  LYS A N   1 
ATOM   479  C CA  . LYS A 1 89  ? -2.387  -13.620 2.184   1.00 97.01  ? 79  LYS A CA  1 
ATOM   480  C C   . LYS A 1 89  ? -3.558  -12.995 1.426   1.00 97.12  ? 79  LYS A C   1 
ATOM   481  O O   . LYS A 1 89  ? -4.557  -12.605 2.027   1.00 96.68  ? 79  LYS A O   1 
ATOM   482  C CB  . LYS A 1 89  ? -1.516  -12.505 2.761   1.00 96.04  ? 79  LYS A CB  1 
ATOM   483  C CG  . LYS A 1 89  ? -2.110  -11.843 3.991   1.00 95.17  ? 79  LYS A CG  1 
ATOM   484  C CD  . LYS A 1 89  ? -1.859  -12.684 5.230   1.00 95.25  ? 79  LYS A CD  1 
ATOM   485  C CE  . LYS A 1 89  ? -2.469  -12.067 6.476   1.00 94.42  ? 79  LYS A CE  1 
ATOM   486  N NZ  . LYS A 1 89  ? -2.097  -12.819 7.712   1.00 94.23  ? 79  LYS A NZ  1 
ATOM   487  N N   . TRP A 1 90  ? -3.421  -12.910 0.105   1.00 97.14  ? 80  TRP A N   1 
ATOM   488  C CA  . TRP A 1 90  ? -4.446  -12.343 -0.762  1.00 97.82  ? 80  TRP A CA  1 
ATOM   489  C C   . TRP A 1 90  ? -5.673  -13.229 -0.888  1.00 99.25  ? 80  TRP A C   1 
ATOM   490  O O   . TRP A 1 90  ? -6.764  -12.871 -0.439  1.00 100.55 ? 80  TRP A O   1 
ATOM   491  C CB  . TRP A 1 90  ? -3.882  -12.119 -2.151  1.00 97.22  ? 80  TRP A CB  1 
ATOM   492  C CG  . TRP A 1 90  ? -4.880  -11.552 -3.084  1.00 97.31  ? 80  TRP A CG  1 
ATOM   493  C CD1 . TRP A 1 90  ? -5.419  -10.304 -3.043  1.00 96.96  ? 80  TRP A CD1 1 
ATOM   494  C CD2 . TRP A 1 90  ? -5.442  -12.197 -4.226  1.00 98.03  ? 80  TRP A CD2 1 
ATOM   495  N NE1 . TRP A 1 90  ? -6.287  -10.125 -4.089  1.00 97.67  ? 80  TRP A NE1 1 
ATOM   496  C CE2 . TRP A 1 90  ? -6.330  -11.275 -4.826  1.00 98.08  ? 80  TRP A CE2 1 
ATOM   497  C CE3 . TRP A 1 90  ? -5.302  -13.471 -4.788  1.00 98.04  ? 80  TRP A CE3 1 
ATOM   498  C CZ2 . TRP A 1 90  ? -7.049  -11.576 -5.985  1.00 98.46  ? 80  TRP A CZ2 1 
ATOM   499  C CZ3 . TRP A 1 90  ? -6.019  -13.774 -5.943  1.00 98.70  ? 80  TRP A CZ3 1 
ATOM   500  C CH2 . TRP A 1 90  ? -6.893  -12.831 -6.522  1.00 98.83  ? 80  TRP A CH2 1 
ATOM   501  N N   . SER A 1 91  ? -5.490  -14.374 -1.537  1.00 100.23 ? 81  SER A N   1 
ATOM   502  C CA  . SER A 1 91  ? -6.565  -15.332 -1.732  1.00 99.98  ? 81  SER A CA  1 
ATOM   503  C C   . SER A 1 91  ? -7.068  -15.805 -0.375  1.00 100.91 ? 81  SER A C   1 
ATOM   504  O O   . SER A 1 91  ? -8.170  -16.331 -0.266  1.00 100.67 ? 81  SER A O   1 
ATOM   505  C CB  . SER A 1 91  ? -6.058  -16.515 -2.545  1.00 99.21  ? 81  SER A CB  1 
ATOM   506  O OG  . SER A 1 91  ? -5.427  -16.060 -3.724  1.00 98.03  ? 81  SER A OG  1 
ATOM   507  N N   . GLU A 1 92  ? -6.254  -15.620 0.659   1.00 102.29 ? 82  GLU A N   1 
ATOM   508  C CA  . GLU A 1 92  ? -6.652  -16.012 2.004   1.00 104.99 ? 82  GLU A CA  1 
ATOM   509  C C   . GLU A 1 92  ? -7.640  -14.997 2.570   1.00 105.99 ? 82  GLU A C   1 
ATOM   510  O O   . GLU A 1 92  ? -8.210  -15.216 3.639   1.00 106.44 ? 82  GLU A O   1 
ATOM   511  C CB  . GLU A 1 92  ? -5.446  -16.092 2.951   1.00 106.37 ? 82  GLU A CB  1 
ATOM   512  C CG  . GLU A 1 92  ? -4.444  -17.198 2.653   1.00 108.77 ? 82  GLU A CG  1 
ATOM   513  C CD  . GLU A 1 92  ? -3.403  -17.363 3.758   1.00 109.88 ? 82  GLU A CD  1 
ATOM   514  O OE1 . GLU A 1 92  ? -2.791  -16.351 4.166   1.00 109.89 ? 82  GLU A OE1 1 
ATOM   515  O OE2 . GLU A 1 92  ? -3.190  -18.509 4.216   1.00 110.94 ? 82  GLU A OE2 1 
ATOM   516  N N   . ASP A 1 93  ? -7.823  -13.884 1.862   1.00 106.82 ? 83  ASP A N   1 
ATOM   517  C CA  . ASP A 1 93  ? -8.745  -12.833 2.296   1.00 107.43 ? 83  ASP A CA  1 
ATOM   518  C C   . ASP A 1 93  ? -9.873  -12.637 1.300   1.00 107.34 ? 83  ASP A C   1 
ATOM   519  O O   . ASP A 1 93  ? -10.968 -12.200 1.666   1.00 107.00 ? 83  ASP A O   1 
ATOM   520  C CB  . ASP A 1 93  ? -8.007  -11.505 2.493   1.00 108.30 ? 83  ASP A CB  1 
ATOM   521  C CG  . ASP A 1 93  ? -7.116  -11.512 3.718   1.00 108.80 ? 83  ASP A CG  1 
ATOM   522  O OD1 . ASP A 1 93  ? -7.599  -11.891 4.807   1.00 109.29 ? 83  ASP A OD1 1 
ATOM   523  O OD2 . ASP A 1 93  ? -5.936  -11.135 3.593   1.00 109.52 ? 83  ASP A OD2 1 
ATOM   524  N N   . GLU A 1 94  ? -9.601  -12.957 0.038   1.00 107.56 ? 84  GLU A N   1 
ATOM   525  C CA  . GLU A 1 94  ? -10.615 -12.826 -0.994  1.00 108.10 ? 84  GLU A CA  1 
ATOM   526  C C   . GLU A 1 94  ? -11.551 -14.031 -0.937  1.00 108.76 ? 84  GLU A C   1 
ATOM   527  O O   . GLU A 1 94  ? -12.534 -14.122 -1.676  1.00 109.10 ? 84  GLU A O   1 
ATOM   528  C CB  . GLU A 1 94  ? -9.975  -12.710 -2.373  1.00 106.60 ? 84  GLU A CB  1 
ATOM   529  C CG  . GLU A 1 94  ? -10.942 -12.127 -3.366  1.00 107.45 ? 84  GLU A CG  1 
ATOM   530  C CD  . GLU A 1 94  ? -10.257 -11.493 -4.544  1.00 108.52 ? 84  GLU A CD  1 
ATOM   531  O OE1 . GLU A 1 94  ? -9.668  -12.244 -5.343  1.00 109.33 ? 84  GLU A OE1 1 
ATOM   532  O OE2 . GLU A 1 94  ? -10.306 -10.247 -4.672  1.00 108.20 ? 84  GLU A OE2 1 
ATOM   533  N N   . ASN A 1 95  ? -11.225 -14.957 -0.042  1.00 109.00 ? 85  ASN A N   1 
ATOM   534  C CA  . ASN A 1 95  ? -12.023 -16.148 0.171   1.00 109.34 ? 85  ASN A CA  1 
ATOM   535  C C   . ASN A 1 95  ? -12.309 -16.467 1.628   1.00 109.96 ? 85  ASN A C   1 
ATOM   536  O O   . ASN A 1 95  ? -13.462 -16.485 2.049   1.00 110.41 ? 85  ASN A O   1 
ATOM   537  C CB  . ASN A 1 95  ? -11.289 -17.403 -0.319  1.00 109.09 ? 85  ASN A CB  1 
ATOM   538  C CG  . ASN A 1 95  ? -10.967 -17.356 -1.807  1.00 109.53 ? 85  ASN A CG  1 
ATOM   539  O OD1 . ASN A 1 95  ? -11.834 -17.062 -2.632  1.00 109.12 ? 85  ASN A OD1 1 
ATOM   540  N ND2 . ASN A 1 95  ? -9.716  -17.656 -2.156  1.00 108.87 ? 85  ASN A ND2 1 
ATOM   541  N N   . ASP A 1 96  ? -11.244 -16.676 2.397   1.00 110.83 ? 86  ASP A N   1 
ATOM   542  C CA  . ASP A 1 96  ? -11.330 -17.008 3.823   1.00 112.03 ? 86  ASP A CA  1 
ATOM   543  C C   . ASP A 1 96  ? -11.818 -15.783 4.627   1.00 112.11 ? 86  ASP A C   1 
ATOM   544  O O   . ASP A 1 96  ? -12.384 -15.940 5.716   1.00 112.39 ? 86  ASP A O   1 
ATOM   545  C CB  . ASP A 1 96  ? -9.939  -17.452 4.328   1.00 112.33 ? 86  ASP A CB  1 
ATOM   546  C CG  . ASP A 1 96  ? -9.927  -17.815 5.816   1.00 112.88 ? 86  ASP A CG  1 
ATOM   547  O OD1 . ASP A 1 96  ? -9.965  -16.893 6.667   1.00 112.77 ? 86  ASP A OD1 1 
ATOM   548  O OD2 . ASP A 1 96  ? -9.878  -19.030 6.127   1.00 112.11 ? 86  ASP A OD2 1 
ATOM   549  N N   . THR A 1 97  ? -11.605 -14.579 4.090   1.00 111.41 ? 87  THR A N   1 
ATOM   550  C CA  . THR A 1 97  ? -12.008 -13.334 4.755   1.00 110.13 ? 87  THR A CA  1 
ATOM   551  C C   . THR A 1 97  ? -11.255 -13.108 6.072   1.00 109.38 ? 87  THR A C   1 
ATOM   552  O O   . THR A 1 97  ? -11.765 -13.363 7.161   1.00 108.63 ? 87  THR A O   1 
ATOM   553  C CB  . THR A 1 97  ? -13.542 -13.308 5.008   1.00 109.61 ? 87  THR A CB  1 
ATOM   554  O OG1 . THR A 1 97  ? -14.222 -13.162 3.755   1.00 108.65 ? 87  THR A OG1 1 
ATOM   555  C CG2 . THR A 1 97  ? -13.933 -12.157 5.933   1.00 109.42 ? 87  THR A CG2 1 
ATOM   556  N N   . HIS A 1 101 ? -13.577 -9.830  4.508   1.00 108.84 ? 91  HIS A N   1 
ATOM   557  C CA  . HIS A 1 101 ? -12.983 -8.540  4.832   1.00 108.88 ? 91  HIS A CA  1 
ATOM   558  C C   . HIS A 1 101 ? -13.974 -7.370  4.736   1.00 108.22 ? 91  HIS A C   1 
ATOM   559  O O   . HIS A 1 101 ? -14.835 -7.327  3.849   1.00 107.65 ? 91  HIS A O   1 
ATOM   560  C CB  . HIS A 1 101 ? -11.782 -8.285  3.913   1.00 110.03 ? 91  HIS A CB  1 
ATOM   561  C CG  . HIS A 1 101 ? -10.453 -8.491  4.575   1.00 111.08 ? 91  HIS A CG  1 
ATOM   562  N ND1 . HIS A 1 101 ? -9.318  -7.752  4.547   1.00 110.58 ? 91  HIS A ND1 1 
ATOM   563  C CD2 . HIS A 1 101 ? -10.178 -9.581  5.377   1.00 110.61 ? 91  HIS A CD2 1 
ATOM   564  C CE1 . HIS A 1 101 ? -8.388  -8.399  5.322   1.00 110.79 ? 91  HIS A CE1 1 
ATOM   565  N NE2 . HIS A 1 101 ? -8.934  -9.501  5.812   1.00 110.39 ? 91  HIS A NE2 1 
ATOM   566  N N   . SER A 1 102 ? -13.840 -6.423  5.661   1.00 107.42 ? 92  SER A N   1 
ATOM   567  C CA  . SER A 1 102 ? -14.694 -5.239  5.693   1.00 106.45 ? 92  SER A CA  1 
ATOM   568  C C   . SER A 1 102 ? -13.906 -3.955  6.006   1.00 106.45 ? 92  SER A C   1 
ATOM   569  O O   . SER A 1 102 ? -14.201 -2.893  5.457   1.00 107.03 ? 92  SER A O   1 
ATOM   570  C CB  . SER A 1 102 ? -15.814 -5.435  6.718   1.00 105.23 ? 92  SER A CB  1 
ATOM   571  O OG  . SER A 1 102 ? -16.654 -6.509  6.335   1.00 104.23 ? 92  SER A OG  1 
ATOM   572  N N   . ASN A 1 103 ? -12.897 -4.057  6.872   1.00 105.88 ? 93  ASN A N   1 
ATOM   573  C CA  . ASN A 1 103 ? -12.087 -2.896  7.254   1.00 105.10 ? 93  ASN A CA  1 
ATOM   574  C C   . ASN A 1 103 ? -10.945 -2.574  6.289   1.00 103.44 ? 93  ASN A C   1 
ATOM   575  O O   . ASN A 1 103 ? -10.867 -1.475  5.743   1.00 104.15 ? 93  ASN A O   1 
ATOM   576  C CB  . ASN A 1 103 ? -11.482 -3.080  8.660   1.00 107.10 ? 93  ASN A CB  1 
ATOM   577  C CG  . ASN A 1 103 ? -12.537 -3.141  9.770   1.00 109.17 ? 93  ASN A CG  1 
ATOM   578  O OD1 . ASN A 1 103 ? -13.556 -2.441  9.733   1.00 109.72 ? 93  ASN A OD1 1 
ATOM   579  N ND2 . ASN A 1 103 ? -12.274 -3.967  10.779  1.00 110.12 ? 93  ASN A ND2 1 
ATOM   580  N N   . SER A 1 104 ? -10.058 -3.545  6.095   1.00 100.97 ? 94  SER A N   1 
ATOM   581  C CA  . SER A 1 104 ? -8.887  -3.390  5.237   1.00 97.40  ? 94  SER A CA  1 
ATOM   582  C C   . SER A 1 104 ? -9.061  -3.675  3.749   1.00 95.78  ? 94  SER A C   1 
ATOM   583  O O   . SER A 1 104 ? -8.078  -3.757  3.011   1.00 95.27  ? 94  SER A O   1 
ATOM   584  C CB  . SER A 1 104 ? -7.761  -4.267  5.760   1.00 97.39  ? 94  SER A CB  1 
ATOM   585  O OG  . SER A 1 104 ? -6.709  -4.308  4.821   1.00 96.60  ? 94  SER A OG  1 
ATOM   586  N N   . CYS A 1 105 ? -10.295 -3.848  3.301   1.00 93.97  ? 95  CYS A N   1 
ATOM   587  C CA  . CYS A 1 105 ? -10.537 -4.097  1.885   1.00 92.05  ? 95  CYS A CA  1 
ATOM   588  C C   . CYS A 1 105 ? -11.016 -2.780  1.266   1.00 91.59  ? 95  CYS A C   1 
ATOM   589  O O   . CYS A 1 105 ? -11.758 -2.028  1.899   1.00 92.37  ? 95  CYS A O   1 
ATOM   590  C CB  . CYS A 1 105 ? -11.593 -5.189  1.716   1.00 91.04  ? 95  CYS A CB  1 
ATOM   591  S SG  . CYS A 1 105 ? -11.722 -5.834  0.039   1.00 91.29  ? 95  CYS A SG  1 
ATOM   592  N N   . TYR A 1 106 ? -10.575 -2.482  0.048   1.00 90.44  ? 96  TYR A N   1 
ATOM   593  C CA  . TYR A 1 106 ? -10.971 -1.243  -0.621  1.00 90.40  ? 96  TYR A CA  1 
ATOM   594  C C   . TYR A 1 106 ? -11.406 -1.526  -2.056  1.00 91.11  ? 96  TYR A C   1 
ATOM   595  O O   . TYR A 1 106 ? -10.639 -1.317  -3.001  1.00 90.84  ? 96  TYR A O   1 
ATOM   596  C CB  . TYR A 1 106 ? -9.810  -0.235  -0.656  1.00 89.04  ? 96  TYR A CB  1 
ATOM   597  C CG  . TYR A 1 106 ? -9.197  0.100   0.686   1.00 88.07  ? 96  TYR A CG  1 
ATOM   598  C CD1 . TYR A 1 106 ? -8.490  -0.859  1.405   1.00 88.72  ? 96  TYR A CD1 1 
ATOM   599  C CD2 . TYR A 1 106 ? -9.295  1.383   1.220   1.00 86.96  ? 96  TYR A CD2 1 
ATOM   600  C CE1 . TYR A 1 106 ? -7.890  -0.555  2.617   1.00 88.09  ? 96  TYR A CE1 1 
ATOM   601  C CE2 . TYR A 1 106 ? -8.702  1.698   2.435   1.00 86.67  ? 96  TYR A CE2 1 
ATOM   602  C CZ  . TYR A 1 106 ? -8.001  0.721   3.124   1.00 87.89  ? 96  TYR A CZ  1 
ATOM   603  O OH  . TYR A 1 106 ? -7.408  0.993   4.330   1.00 88.71  ? 96  TYR A OH  1 
ATOM   604  N N   . PRO A 1 107 ? -12.655 -1.986  -2.240  1.00 91.08  ? 97  PRO A N   1 
ATOM   605  C CA  . PRO A 1 107 ? -13.232 -2.313  -3.548  1.00 90.49  ? 97  PRO A CA  1 
ATOM   606  C C   . PRO A 1 107 ? -13.358 -1.113  -4.470  1.00 90.38  ? 97  PRO A C   1 
ATOM   607  O O   . PRO A 1 107 ? -13.725 -0.025  -4.039  1.00 90.48  ? 97  PRO A O   1 
ATOM   608  C CB  . PRO A 1 107 ? -14.589 -2.875  -3.178  1.00 90.83  ? 97  PRO A CB  1 
ATOM   609  C CG  . PRO A 1 107 ? -14.949 -2.024  -2.000  1.00 90.95  ? 97  PRO A CG  1 
ATOM   610  C CD  . PRO A 1 107 ? -13.686 -2.056  -1.190  1.00 90.24  ? 97  PRO A CD  1 
ATOM   611  N N   . VAL A 1 108 ? -13.062 -1.322  -5.745  1.00 91.14  ? 98  VAL A N   1 
ATOM   612  C CA  . VAL A 1 108 ? -13.151 -0.255  -6.732  1.00 92.91  ? 98  VAL A CA  1 
ATOM   613  C C   . VAL A 1 108 ? -13.556 -0.851  -8.066  1.00 95.08  ? 98  VAL A C   1 
ATOM   614  O O   . VAL A 1 108 ? -13.567 -2.065  -8.228  1.00 95.18  ? 98  VAL A O   1 
ATOM   615  C CB  . VAL A 1 108 ? -11.800 0.467   -6.929  1.00 92.02  ? 98  VAL A CB  1 
ATOM   616  C CG1 . VAL A 1 108 ? -11.371 1.143   -5.641  1.00 91.39  ? 98  VAL A CG1 1 
ATOM   617  C CG2 . VAL A 1 108 ? -10.751 -0.526  -7.387  1.00 90.13  ? 98  VAL A CG2 1 
ATOM   618  N N   . GLU A 1 109 ? -13.890 0.009   -9.020  1.00 97.78  ? 99  GLU A N   1 
ATOM   619  C CA  . GLU A 1 109 ? -14.277 -0.450  -10.344 1.00 101.31 ? 99  GLU A CA  1 
ATOM   620  C C   . GLU A 1 109 ? -13.499 0.347   -11.356 1.00 102.74 ? 99  GLU A C   1 
ATOM   621  O O   . GLU A 1 109 ? -13.574 1.570   -11.387 1.00 103.71 ? 99  GLU A O   1 
ATOM   622  C CB  . GLU A 1 109 ? -15.758 -0.233  -10.586 1.00 103.24 ? 99  GLU A CB  1 
ATOM   623  C CG  . GLU A 1 109 ? -16.630 -0.836  -9.532  1.00 107.96 ? 99  GLU A CG  1 
ATOM   624  C CD  . GLU A 1 109 ? -18.085 -0.535  -9.779  1.00 111.00 ? 99  GLU A CD  1 
ATOM   625  O OE1 . GLU A 1 109 ? -18.387 0.609   -10.199 1.00 113.33 ? 99  GLU A OE1 1 
ATOM   626  O OE2 . GLU A 1 109 ? -18.924 -1.434  -9.546  1.00 112.25 ? 99  GLU A OE2 1 
ATOM   627  N N   . ILE A 1 110 ? -12.749 -0.348  -12.195 1.00 104.12 ? 100 ILE A N   1 
ATOM   628  C CA  . ILE A 1 110 ? -11.954 0.330   -13.194 1.00 105.30 ? 100 ILE A CA  1 
ATOM   629  C C   . ILE A 1 110 ? -12.319 -0.183  -14.567 1.00 106.06 ? 100 ILE A C   1 
ATOM   630  O O   . ILE A 1 110 ? -12.443 -1.390  -14.791 1.00 105.71 ? 100 ILE A O   1 
ATOM   631  C CB  . ILE A 1 110 ? -10.438 0.132   -12.917 1.00 105.53 ? 100 ILE A CB  1 
ATOM   632  C CG1 . ILE A 1 110 ? -10.105 0.707   -11.536 1.00 105.30 ? 100 ILE A CG1 1 
ATOM   633  C CG2 . ILE A 1 110 ? -9.595  0.807   -14.002 1.00 104.90 ? 100 ILE A CG2 1 
ATOM   634  C CD1 . ILE A 1 110 ? -8.674  0.574   -11.140 1.00 104.25 ? 100 ILE A CD1 1 
ATOM   635  N N   . ASP A 1 111 ? -12.515 0.764   -15.475 1.00 107.19 ? 101 ASP A N   1 
ATOM   636  C CA  . ASP A 1 111 ? -12.870 0.453   -16.839 1.00 108.29 ? 101 ASP A CA  1 
ATOM   637  C C   . ASP A 1 111 ? -13.988 -0.588  -16.845 1.00 107.54 ? 101 ASP A C   1 
ATOM   638  O O   . ASP A 1 111 ? -13.863 -1.668  -17.427 1.00 108.37 ? 101 ASP A O   1 
ATOM   639  C CB  . ASP A 1 111 ? -11.617 -0.019  -17.586 1.00 110.31 ? 101 ASP A CB  1 
ATOM   640  C CG  . ASP A 1 111 ? -10.459 0.976   -17.448 1.00 112.35 ? 101 ASP A CG  1 
ATOM   641  O OD1 . ASP A 1 111 ? -10.736 2.199   -17.413 1.00 111.78 ? 101 ASP A OD1 1 
ATOM   642  O OD2 . ASP A 1 111 ? -9.284  0.544   -17.379 1.00 113.68 ? 101 ASP A OD2 1 
ATOM   643  N N   . SER A 1 112 ? -15.070 -0.241  -16.148 1.00 105.80 ? 102 SER A N   1 
ATOM   644  C CA  . SER A 1 112 ? -16.268 -1.068  -16.053 1.00 103.64 ? 102 SER A CA  1 
ATOM   645  C C   . SER A 1 112 ? -16.118 -2.485  -15.476 1.00 102.70 ? 102 SER A C   1 
ATOM   646  O O   . SER A 1 112 ? -17.046 -3.291  -15.564 1.00 102.59 ? 102 SER A O   1 
ATOM   647  C CB  . SER A 1 112 ? -16.922 -1.141  -17.431 1.00 102.94 ? 102 SER A CB  1 
ATOM   648  O OG  . SER A 1 112 ? -18.040 -2.003  -17.410 1.00 102.49 ? 102 SER A OG  1 
ATOM   649  N N   . PHE A 1 113 ? -14.962 -2.794  -14.897 1.00 100.70 ? 103 PHE A N   1 
ATOM   650  C CA  . PHE A 1 113 ? -14.731 -4.110  -14.302 1.00 98.75  ? 103 PHE A CA  1 
ATOM   651  C C   . PHE A 1 113 ? -14.443 -3.856  -12.828 1.00 97.79  ? 103 PHE A C   1 
ATOM   652  O O   . PHE A 1 113 ? -14.157 -2.722  -12.458 1.00 98.00  ? 103 PHE A O   1 
ATOM   653  C CB  . PHE A 1 113 ? -13.548 -4.787  -14.972 1.00 97.49  ? 103 PHE A CB  1 
ATOM   654  N N   . LYS A 1 114 ? -14.517 -4.884  -11.985 1.00 96.58  ? 104 LYS A N   1 
ATOM   655  C CA  . LYS A 1 114 ? -14.268 -4.693  -10.554 1.00 95.64  ? 104 LYS A CA  1 
ATOM   656  C C   . LYS A 1 114 ? -13.022 -5.402  -10.044 1.00 95.28  ? 104 LYS A C   1 
ATOM   657  O O   . LYS A 1 114 ? -12.603 -6.427  -10.590 1.00 95.71  ? 104 LYS A O   1 
ATOM   658  C CB  . LYS A 1 114 ? -15.485 -5.134  -9.735  1.00 94.57  ? 104 LYS A CB  1 
ATOM   659  N N   . THR A 1 115 ? -12.444 -4.829  -8.988  1.00 94.30  ? 105 THR A N   1 
ATOM   660  C CA  . THR A 1 115 ? -11.243 -5.346  -8.342  1.00 93.06  ? 105 THR A CA  1 
ATOM   661  C C   . THR A 1 115 ? -11.254 -4.935  -6.878  1.00 91.67  ? 105 THR A C   1 
ATOM   662  O O   . THR A 1 115 ? -11.905 -3.962  -6.497  1.00 92.34  ? 105 THR A O   1 
ATOM   663  C CB  . THR A 1 115 ? -9.959  -4.769  -8.960  1.00 93.96  ? 105 THR A CB  1 
ATOM   664  O OG1 . THR A 1 115 ? -9.918  -5.062  -10.363 1.00 95.79  ? 105 THR A OG1 1 
ATOM   665  C CG2 . THR A 1 115 ? -8.735  -5.367  -8.269  1.00 95.42  ? 105 THR A CG2 1 
ATOM   666  N N   . LYS A 1 116 ? -10.525 -5.676  -6.060  1.00 89.86  ? 106 LYS A N   1 
ATOM   667  C CA  . LYS A 1 116 ? -10.457 -5.372  -4.643  1.00 87.56  ? 106 LYS A CA  1 
ATOM   668  C C   . LYS A 1 116 ? -9.003  -5.025  -4.364  1.00 85.12  ? 106 LYS A C   1 
ATOM   669  O O   . LYS A 1 116 ? -8.107  -5.611  -4.983  1.00 84.22  ? 106 LYS A O   1 
ATOM   670  C CB  . LYS A 1 116 ? -10.843 -6.599  -3.801  1.00 89.65  ? 106 LYS A CB  1 
ATOM   671  C CG  . LYS A 1 116 ? -12.163 -7.288  -4.139  1.00 90.34  ? 106 LYS A CG  1 
ATOM   672  C CD  . LYS A 1 116 ? -13.378 -6.590  -3.550  1.00 90.87  ? 106 LYS A CD  1 
ATOM   673  C CE  . LYS A 1 116 ? -14.637 -7.442  -3.754  1.00 91.53  ? 106 LYS A CE  1 
ATOM   674  N NZ  . LYS A 1 116 ? -15.861 -6.767  -3.233  1.00 91.97  ? 106 LYS A NZ  1 
ATOM   675  N N   . ILE A 1 117 ? -8.781  -4.066  -3.459  1.00 81.98  ? 107 ILE A N   1 
ATOM   676  C CA  . ILE A 1 117 ? -7.436  -3.641  -3.047  1.00 78.80  ? 107 ILE A CA  1 
ATOM   677  C C   . ILE A 1 117 ? -7.249  -4.048  -1.582  1.00 78.45  ? 107 ILE A C   1 
ATOM   678  O O   . ILE A 1 117 ? -8.128  -3.821  -0.744  1.00 76.91  ? 107 ILE A O   1 
ATOM   679  C CB  . ILE A 1 117 ? -7.234  -2.099  -3.149  1.00 76.91  ? 107 ILE A CB  1 
ATOM   680  C CG1 . ILE A 1 117 ? -7.304  -1.634  -4.606  1.00 74.16  ? 107 ILE A CG1 1 
ATOM   681  C CG2 . ILE A 1 117 ? -5.895  -1.717  -2.557  1.00 75.08  ? 107 ILE A CG2 1 
ATOM   682  C CD1 . ILE A 1 117 ? -7.373  -0.120  -4.758  1.00 71.48  ? 107 ILE A CD1 1 
ATOM   683  N N   . TYR A 1 118 ? -6.116  -4.660  -1.266  1.00 78.17  ? 108 TYR A N   1 
ATOM   684  C CA  . TYR A 1 118 ? -5.891  -5.068  0.113   1.00 78.47  ? 108 TYR A CA  1 
ATOM   685  C C   . TYR A 1 118 ? -4.549  -4.551  0.605   1.00 77.88  ? 108 TYR A C   1 
ATOM   686  O O   . TYR A 1 118 ? -3.607  -4.412  -0.177  1.00 77.16  ? 108 TYR A O   1 
ATOM   687  C CB  . TYR A 1 118 ? -5.892  -6.594  0.228   1.00 79.31  ? 108 TYR A CB  1 
ATOM   688  C CG  . TYR A 1 118 ? -7.091  -7.312  -0.363  1.00 80.29  ? 108 TYR A CG  1 
ATOM   689  C CD1 . TYR A 1 118 ? -8.181  -7.672  0.431   1.00 81.10  ? 108 TYR A CD1 1 
ATOM   690  C CD2 . TYR A 1 118 ? -7.113  -7.671  -1.715  1.00 79.97  ? 108 TYR A CD2 1 
ATOM   691  C CE1 . TYR A 1 118 ? -9.267  -8.382  -0.108  1.00 81.59  ? 108 TYR A CE1 1 
ATOM   692  C CE2 . TYR A 1 118 ? -8.187  -8.377  -2.262  1.00 79.89  ? 108 TYR A CE2 1 
ATOM   693  C CZ  . TYR A 1 118 ? -9.261  -8.731  -1.457  1.00 81.25  ? 108 TYR A CZ  1 
ATOM   694  O OH  . TYR A 1 118 ? -10.323 -9.431  -2.003  1.00 80.28  ? 108 TYR A OH  1 
ATOM   695  N N   . THR A 1 119 ? -4.473  -4.249  1.897   1.00 77.97  ? 109 THR A N   1 
ATOM   696  C CA  . THR A 1 119 ? -3.222  -3.797  2.497   1.00 79.27  ? 109 THR A CA  1 
ATOM   697  C C   . THR A 1 119 ? -2.826  -4.959  3.390   1.00 80.46  ? 109 THR A C   1 
ATOM   698  O O   . THR A 1 119 ? -3.649  -5.820  3.664   1.00 80.25  ? 109 THR A O   1 
ATOM   699  C CB  . THR A 1 119 ? -3.386  -2.522  3.369   1.00 77.80  ? 109 THR A CB  1 
ATOM   700  O OG1 . THR A 1 119 ? -4.270  -2.792  4.460   1.00 77.45  ? 109 THR A OG1 1 
ATOM   701  C CG2 . THR A 1 119 ? -3.914  -1.372  2.542   1.00 76.56  ? 109 THR A CG2 1 
ATOM   702  N N   . TYR A 1 120 ? -1.583  -4.989  3.846   1.00 82.64  ? 110 TYR A N   1 
ATOM   703  C CA  . TYR A 1 120 ? -1.130  -6.080  4.687   1.00 85.12  ? 110 TYR A CA  1 
ATOM   704  C C   . TYR A 1 120 ? 0.308   -5.874  5.081   1.00 85.67  ? 110 TYR A C   1 
ATOM   705  O O   . TYR A 1 120 ? 1.171   -5.698  4.226   1.00 85.43  ? 110 TYR A O   1 
ATOM   706  C CB  . TYR A 1 120 ? -1.265  -7.413  3.932   1.00 88.33  ? 110 TYR A CB  1 
ATOM   707  C CG  . TYR A 1 120 ? -0.417  -8.571  4.458   1.00 91.08  ? 110 TYR A CG  1 
ATOM   708  C CD1 . TYR A 1 120 ? -0.484  -8.972  5.798   1.00 91.70  ? 110 TYR A CD1 1 
ATOM   709  C CD2 . TYR A 1 120 ? 0.430   -9.290  3.598   1.00 91.78  ? 110 TYR A CD2 1 
ATOM   710  C CE1 . TYR A 1 120 ? 0.275   -10.066 6.271   1.00 92.85  ? 110 TYR A CE1 1 
ATOM   711  C CE2 . TYR A 1 120 ? 1.190   -10.383 4.059   1.00 92.68  ? 110 TYR A CE2 1 
ATOM   712  C CZ  . TYR A 1 120 ? 1.107   -10.765 5.396   1.00 93.47  ? 110 TYR A CZ  1 
ATOM   713  O OH  . TYR A 1 120 ? 1.857   -11.834 5.851   1.00 92.59  ? 110 TYR A OH  1 
ATOM   714  N N   . GLU A 1 121 ? 0.568   -5.888  6.379   1.00 87.31  ? 111 GLU A N   1 
ATOM   715  C CA  . GLU A 1 121 ? 1.930   -5.743  6.840   1.00 89.93  ? 111 GLU A CA  1 
ATOM   716  C C   . GLU A 1 121 ? 2.567   -7.122  6.922   1.00 91.32  ? 111 GLU A C   1 
ATOM   717  O O   . GLU A 1 121 ? 2.034   -8.039  7.552   1.00 90.78  ? 111 GLU A O   1 
ATOM   718  C CB  . GLU A 1 121 ? 1.988   -5.065  8.210   1.00 90.86  ? 111 GLU A CB  1 
ATOM   719  C CG  . GLU A 1 121 ? 3.376   -5.114  8.829   1.00 93.88  ? 111 GLU A CG  1 
ATOM   720  C CD  . GLU A 1 121 ? 3.666   -3.934  9.730   1.00 95.83  ? 111 GLU A CD  1 
ATOM   721  O OE1 . GLU A 1 121 ? 2.769   -3.534  10.493  1.00 98.18  ? 111 GLU A OE1 1 
ATOM   722  O OE2 . GLU A 1 121 ? 4.795   -3.407  9.688   1.00 97.82  ? 111 GLU A OE2 1 
ATOM   723  N N   . MET A 1 122 ? 3.704   -7.266  6.256   1.00 92.73  ? 112 MET A N   1 
ATOM   724  C CA  . MET A 1 122 ? 4.426   -8.516  6.263   1.00 93.95  ? 112 MET A CA  1 
ATOM   725  C C   . MET A 1 122 ? 5.862   -8.202  6.620   1.00 93.91  ? 112 MET A C   1 
ATOM   726  O O   . MET A 1 122 ? 6.604   -7.653  5.811   1.00 93.61  ? 112 MET A O   1 
ATOM   727  C CB  . MET A 1 122 ? 4.344   -9.189  4.888   1.00 95.90  ? 112 MET A CB  1 
ATOM   728  C CG  . MET A 1 122 ? 4.948   -8.399  3.740   1.00 98.10  ? 112 MET A CG  1 
ATOM   729  S SD  . MET A 1 122 ? 4.712   -9.249  2.163   1.00 100.28 ? 112 MET A SD  1 
ATOM   730  C CE  . MET A 1 122 ? 5.785   -10.651 2.360   1.00 101.40 ? 112 MET A CE  1 
ATOM   731  N N   . GLU A 1 123 ? 6.240   -8.516  7.850   1.00 95.22  ? 113 GLU A N   1 
ATOM   732  C CA  . GLU A 1 123 ? 7.605   -8.281  8.296   1.00 96.52  ? 113 GLU A CA  1 
ATOM   733  C C   . GLU A 1 123 ? 7.880   -6.772  8.334   1.00 95.86  ? 113 GLU A C   1 
ATOM   734  O O   . GLU A 1 123 ? 8.880   -6.296  7.794   1.00 96.30  ? 113 GLU A O   1 
ATOM   735  C CB  . GLU A 1 123 ? 8.570   -8.987  7.327   1.00 99.07  ? 113 GLU A CB  1 
ATOM   736  C CG  . GLU A 1 123 ? 10.016  -9.149  7.802   1.00 102.04 ? 113 GLU A CG  1 
ATOM   737  C CD  . GLU A 1 123 ? 10.953  -9.580  6.679   1.00 103.10 ? 113 GLU A CD  1 
ATOM   738  O OE1 . GLU A 1 123 ? 10.461  -10.152 5.681   1.00 104.32 ? 113 GLU A OE1 1 
ATOM   739  O OE2 . GLU A 1 123 ? 12.178  -9.354  6.798   1.00 103.60 ? 113 GLU A OE2 1 
ATOM   740  N N   . ASP A 1 124 ? 6.982   -6.020  8.964   1.00 94.54  ? 114 ASP A N   1 
ATOM   741  C CA  . ASP A 1 124 ? 7.131   -4.563  9.080   1.00 92.44  ? 114 ASP A CA  1 
ATOM   742  C C   . ASP A 1 124 ? 7.173   -3.774  7.771   1.00 88.40  ? 114 ASP A C   1 
ATOM   743  O O   . ASP A 1 124 ? 7.911   -2.803  7.650   1.00 88.47  ? 114 ASP A O   1 
ATOM   744  C CB  . ASP A 1 124 ? 8.376   -4.212  9.897   1.00 96.37  ? 114 ASP A CB  1 
ATOM   745  C CG  . ASP A 1 124 ? 8.394   -4.902  11.235  1.00 100.69 ? 114 ASP A CG  1 
ATOM   746  O OD1 . ASP A 1 124 ? 7.302   -5.019  11.835  1.00 104.30 ? 114 ASP A OD1 1 
ATOM   747  O OD2 . ASP A 1 124 ? 9.488   -5.319  11.688  1.00 102.34 ? 114 ASP A OD2 1 
ATOM   748  N N   . LEU A 1 125 ? 6.396   -4.193  6.787   1.00 82.77  ? 115 LEU A N   1 
ATOM   749  C CA  . LEU A 1 125 ? 6.352   -3.472  5.533   1.00 77.94  ? 115 LEU A CA  1 
ATOM   750  C C   . LEU A 1 125 ? 4.889   -3.314  5.171   1.00 75.38  ? 115 LEU A C   1 
ATOM   751  O O   . LEU A 1 125 ? 4.050   -4.107  5.599   1.00 74.81  ? 115 LEU A O   1 
ATOM   752  C CB  . LEU A 1 125 ? 7.064   -4.248  4.428   1.00 77.75  ? 115 LEU A CB  1 
ATOM   753  C CG  . LEU A 1 125 ? 8.574   -4.441  4.527   1.00 76.63  ? 115 LEU A CG  1 
ATOM   754  C CD1 . LEU A 1 125 ? 9.067   -5.046  3.239   1.00 75.10  ? 115 LEU A CD1 1 
ATOM   755  C CD2 . LEU A 1 125 ? 9.261   -3.116  4.755   1.00 77.76  ? 115 LEU A CD2 1 
ATOM   756  N N   . HIS A 1 126 ? 4.574   -2.282  4.400   1.00 71.31  ? 116 HIS A N   1 
ATOM   757  C CA  . HIS A 1 126 ? 3.203   -2.072  3.978   1.00 67.40  ? 116 HIS A CA  1 
ATOM   758  C C   . HIS A 1 126 ? 3.135   -2.565  2.534   1.00 64.34  ? 116 HIS A C   1 
ATOM   759  O O   . HIS A 1 126 ? 3.976   -2.189  1.714   1.00 61.55  ? 116 HIS A O   1 
ATOM   760  C CB  . HIS A 1 126 ? 2.832   -0.581  4.037   1.00 68.56  ? 116 HIS A CB  1 
ATOM   761  C CG  . HIS A 1 126 ? 3.012   0.049   5.383   1.00 68.77  ? 116 HIS A CG  1 
ATOM   762  N ND1 . HIS A 1 126 ? 2.627   -0.559  6.556   1.00 70.18  ? 116 HIS A ND1 1 
ATOM   763  C CD2 . HIS A 1 126 ? 3.491   1.266   5.731   1.00 69.61  ? 116 HIS A CD2 1 
ATOM   764  C CE1 . HIS A 1 126 ? 2.859   0.257   7.572   1.00 69.77  ? 116 HIS A CE1 1 
ATOM   765  N NE2 . HIS A 1 126 ? 3.382   1.370   7.099   1.00 68.90  ? 116 HIS A NE2 1 
ATOM   766  N N   . THR A 1 127 ? 2.153   -3.410  2.223   1.00 61.90  ? 117 THR A N   1 
ATOM   767  C CA  . THR A 1 127 ? 2.005   -3.928  0.863   1.00 60.81  ? 117 THR A CA  1 
ATOM   768  C C   . THR A 1 127 ? 0.578   -3.758  0.327   1.00 61.57  ? 117 THR A C   1 
ATOM   769  O O   . THR A 1 127 ? -0.350  -3.506  1.092   1.00 58.71  ? 117 THR A O   1 
ATOM   770  C CB  . THR A 1 127 ? 2.402   -5.420  0.790   1.00 58.71  ? 117 THR A CB  1 
ATOM   771  O OG1 . THR A 1 127 ? 1.549   -6.189  1.646   1.00 54.24  ? 117 THR A OG1 1 
ATOM   772  C CG2 . THR A 1 127 ? 3.853   -5.600  1.224   1.00 56.93  ? 117 THR A CG2 1 
ATOM   773  N N   . CYS A 1 128 ? 0.415   -3.899  -0.987  1.00 63.48  ? 118 CYS A N   1 
ATOM   774  C CA  . CYS A 1 128 ? -0.894  -3.761  -1.618  1.00 66.28  ? 118 CYS A CA  1 
ATOM   775  C C   . CYS A 1 128 ? -1.126  -4.744  -2.744  1.00 67.05  ? 118 CYS A C   1 
ATOM   776  O O   . CYS A 1 128 ? -0.313  -4.889  -3.647  1.00 69.10  ? 118 CYS A O   1 
ATOM   777  C CB  . CYS A 1 128 ? -1.080  -2.356  -2.194  1.00 69.17  ? 118 CYS A CB  1 
ATOM   778  S SG  . CYS A 1 128 ? -1.790  -1.151  -1.066  1.00 69.04  ? 118 CYS A SG  1 
ATOM   779  N N   . VAL A 1 129 ? -2.261  -5.408  -2.701  1.00 67.56  ? 119 VAL A N   1 
ATOM   780  C CA  . VAL A 1 129 ? -2.598  -6.353  -3.734  1.00 68.10  ? 119 VAL A CA  1 
ATOM   781  C C   . VAL A 1 129 ? -3.977  -6.068  -4.248  1.00 71.34  ? 119 VAL A C   1 
ATOM   782  O O   . VAL A 1 129 ? -4.939  -5.893  -3.497  1.00 69.24  ? 119 VAL A O   1 
ATOM   783  C CB  . VAL A 1 129 ? -2.574  -7.812  -3.231  1.00 65.41  ? 119 VAL A CB  1 
ATOM   784  C CG1 . VAL A 1 129 ? -1.216  -8.395  -3.426  1.00 66.63  ? 119 VAL A CG1 1 
ATOM   785  C CG2 . VAL A 1 129 ? -2.963  -7.875  -1.759  1.00 60.81  ? 119 VAL A CG2 1 
ATOM   786  N N   . ALA A 1 130 ? -4.053  -6.007  -5.560  1.00 75.29  ? 120 ALA A N   1 
ATOM   787  C CA  . ALA A 1 130 ? -5.313  -5.792  -6.232  1.00 80.05  ? 120 ALA A CA  1 
ATOM   788  C C   . ALA A 1 130 ? -5.160  -6.644  -7.500  1.00 84.48  ? 120 ALA A C   1 
ATOM   789  O O   . ALA A 1 130 ? -4.049  -6.835  -8.023  1.00 85.23  ? 120 ALA A O   1 
ATOM   790  C CB  . ALA A 1 130 ? -5.482  -4.277  -6.575  1.00 79.80  ? 120 ALA A CB  1 
ATOM   791  N N   . GLN A 1 131 ? -6.286  -7.089  -8.033  1.00 88.82  ? 121 GLN A N   1 
ATOM   792  C CA  . GLN A 1 131 ? -6.330  -7.916  -9.216  1.00 91.45  ? 121 GLN A CA  1 
ATOM   793  C C   . GLN A 1 131 ? -6.677  -7.139  -10.524 1.00 92.62  ? 121 GLN A C   1 
ATOM   794  O O   . GLN A 1 131 ? -7.327  -6.115  -10.516 1.00 92.55  ? 121 GLN A O   1 
ATOM   795  C CB  . GLN A 1 131 ? -7.386  -8.974  -8.984  1.00 93.79  ? 121 GLN A CB  1 
ATOM   796  C CG  . GLN A 1 131 ? -7.266  -10.195 -9.856  1.00 96.10  ? 121 GLN A CG  1 
ATOM   797  C CD  . GLN A 1 131 ? -8.251  -11.222 -9.426  1.00 96.32  ? 121 GLN A CD  1 
ATOM   798  O OE1 . GLN A 1 131 ? -8.962  -11.013 -8.456  1.00 96.97  ? 121 GLN A OE1 1 
ATOM   799  N NE2 . GLN A 1 131 ? -8.310  -12.330 -10.123 1.00 97.18  ? 121 GLN A NE2 1 
ATOM   800  N N   . ILE A 1 132 ? -6.224  -7.678  -11.647 1.00 95.09  ? 122 ILE A N   1 
ATOM   801  C CA  . ILE A 1 132 ? -6.499  -7.084  -12.933 1.00 97.50  ? 122 ILE A CA  1 
ATOM   802  C C   . ILE A 1 132 ? -7.521  -7.992  -13.582 1.00 100.43 ? 122 ILE A C   1 
ATOM   803  O O   . ILE A 1 132 ? -7.333  -9.220  -13.692 1.00 101.09 ? 122 ILE A O   1 
ATOM   804  C CB  . ILE A 1 132 ? -5.277  -6.985  -13.780 1.00 96.06  ? 122 ILE A CB  1 
ATOM   805  C CG1 . ILE A 1 132 ? -4.257  -6.146  -13.007 1.00 93.24  ? 122 ILE A CG1 1 
ATOM   806  C CG2 . ILE A 1 132 ? -5.609  -6.474  -15.107 1.00 96.92  ? 122 ILE A CG2 1 
ATOM   807  C CD1 . ILE A 1 132 ? -2.901  -6.181  -13.588 1.00 93.04  ? 122 ILE A CD1 1 
ATOM   808  N N   . PRO A 1 133 ? -8.649  -7.399  -14.005 1.00 102.66 ? 123 PRO A N   1 
ATOM   809  C CA  . PRO A 1 133 ? -9.761  -8.089  -14.647 1.00 105.25 ? 123 PRO A CA  1 
ATOM   810  C C   . PRO A 1 133 ? -9.348  -8.707  -15.990 1.00 107.21 ? 123 PRO A C   1 
ATOM   811  O O   . PRO A 1 133 ? -9.711  -9.833  -16.345 1.00 107.13 ? 123 PRO A O   1 
ATOM   812  C CB  . PRO A 1 133 ? -10.761 -6.961  -14.816 1.00 105.81 ? 123 PRO A CB  1 
ATOM   813  C CG  . PRO A 1 133 ? -9.924  -5.820  -15.205 1.00 104.39 ? 123 PRO A CG  1 
ATOM   814  C CD  . PRO A 1 133 ? -8.842  -5.940  -14.116 1.00 102.56 ? 123 PRO A CD  1 
ATOM   815  N N   . ASN A 1 134 ? -8.603  -7.927  -16.758 1.00 109.47 ? 124 ASN A N   1 
ATOM   816  C CA  . ASN A 1 134 ? -8.121  -8.344  -18.069 1.00 111.97 ? 124 ASN A CA  1 
ATOM   817  C C   . ASN A 1 134 ? -7.231  -9.585  -18.045 1.00 112.21 ? 124 ASN A C   1 
ATOM   818  O O   . ASN A 1 134 ? -7.494  -10.527 -18.777 1.00 112.01 ? 124 ASN A O   1 
ATOM   819  C CB  . ASN A 1 134 ? -7.396  -7.164  -18.707 1.00 114.09 ? 124 ASN A CB  1 
ATOM   820  C CG  . ASN A 1 134 ? -8.280  -5.967  -18.793 1.00 115.61 ? 124 ASN A CG  1 
ATOM   821  O OD1 . ASN A 1 134 ? -7.725  -4.790  -18.548 1.00 117.92 ? 124 ASN A OD1 1 
ATOM   822  N ND2 . ASN A 1 134 ? -9.470  -6.099  -19.078 1.00 114.38 ? 124 ASN A ND2 1 
ATOM   823  N N   . SER A 1 135 ? -6.214  -9.635  -17.187 1.00 112.58 ? 125 SER A N   1 
ATOM   824  C CA  . SER A 1 135 ? -5.341  -10.807 -17.211 1.00 112.47 ? 125 SER A CA  1 
ATOM   825  C C   . SER A 1 135 ? -5.368  -11.712 -15.957 1.00 111.99 ? 125 SER A C   1 
ATOM   826  O O   . SER A 1 135 ? -4.659  -12.733 -15.883 1.00 112.51 ? 125 SER A O   1 
ATOM   827  C CB  . SER A 1 135 ? -3.916  -10.358 -17.548 1.00 113.07 ? 125 SER A CB  1 
ATOM   828  O OG  . SER A 1 135 ? -3.933  -9.762  -18.843 1.00 112.23 ? 125 SER A OG  1 
ATOM   829  N N   . ASP A 1 136 ? -6.203  -11.368 -14.980 1.00 109.88 ? 126 ASP A N   1 
ATOM   830  C CA  . ASP A 1 136 ? -6.308  -12.163 -13.770 1.00 108.67 ? 126 ASP A CA  1 
ATOM   831  C C   . ASP A 1 136 ? -5.073  -12.152 -12.905 1.00 106.59 ? 126 ASP A C   1 
ATOM   832  O O   . ASP A 1 136 ? -4.963  -12.970 -11.956 1.00 106.43 ? 126 ASP A O   1 
ATOM   833  C CB  . ASP A 1 136 ? -6.566  -13.638 -14.080 1.00 111.01 ? 126 ASP A CB  1 
ATOM   834  C CG  . ASP A 1 136 ? -7.607  -13.801 -15.094 1.00 113.36 ? 126 ASP A CG  1 
ATOM   835  O OD1 . ASP A 1 136 ? -8.492  -12.912 -15.070 1.00 114.92 ? 126 ASP A OD1 1 
ATOM   836  O OD2 . ASP A 1 136 ? -7.573  -14.751 -15.910 1.00 114.50 ? 126 ASP A OD2 1 
ATOM   837  N N   . LEU A 1 137 ? -4.143  -11.250 -13.215 1.00 102.50 ? 127 LEU A N   1 
ATOM   838  C CA  . LEU A 1 137 ? -2.918  -11.080 -12.442 1.00 97.25  ? 127 LEU A CA  1 
ATOM   839  C C   . LEU A 1 137 ? -3.146  -10.158 -11.240 1.00 93.58  ? 127 LEU A C   1 
ATOM   840  O O   . LEU A 1 137 ? -4.171  -9.463  -11.145 1.00 93.30  ? 127 LEU A O   1 
ATOM   841  C CB  . LEU A 1 137 ? -1.821  -10.474 -13.347 1.00 97.05  ? 127 LEU A CB  1 
ATOM   842  C CG  . LEU A 1 137 ? -1.898  -11.347 -14.634 1.00 95.79  ? 127 LEU A CG  1 
ATOM   843  C CD1 . LEU A 1 137 ? -1.094  -10.824 -15.778 1.00 94.10  ? 127 LEU A CD1 1 
ATOM   844  C CD2 . LEU A 1 137 ? -1.545  -12.815 -14.313 1.00 96.84  ? 127 LEU A CD2 1 
ATOM   845  N N   . LEU A 1 138 ? -2.153  -10.096 -10.363 1.00 88.88  ? 128 LEU A N   1 
ATOM   846  C CA  . LEU A 1 138 ? -2.208  -9.286  -9.176  1.00 83.76  ? 128 LEU A CA  1 
ATOM   847  C C   . LEU A 1 138 ? -1.154  -8.207  -9.326  1.00 80.41  ? 128 LEU A C   1 
ATOM   848  O O   . LEU A 1 138 ? -0.058  -8.468  -9.821  1.00 80.69  ? 128 LEU A O   1 
ATOM   849  C CB  . LEU A 1 138 ? -1.936  -10.169 -7.956  1.00 81.68  ? 128 LEU A CB  1 
ATOM   850  C CG  . LEU A 1 138 ? -3.026  -11.195 -7.642  1.00 81.17  ? 128 LEU A CG  1 
ATOM   851  C CD1 . LEU A 1 138 ? -2.659  -11.909 -6.353  1.00 80.16  ? 128 LEU A CD1 1 
ATOM   852  C CD2 . LEU A 1 138 ? -4.379  -10.505 -7.496  1.00 80.42  ? 128 LEU A CD2 1 
ATOM   853  N N   . LEU A 1 139 ? -1.523  -6.973  -9.007  1.00 76.18  ? 129 LEU A N   1 
ATOM   854  C CA  . LEU A 1 139 ? -0.576  -5.876  -9.061  1.00 70.35  ? 129 LEU A CA  1 
ATOM   855  C C   . LEU A 1 139 ? -0.106  -5.752  -7.620  1.00 67.63  ? 129 LEU A C   1 
ATOM   856  O O   . LEU A 1 139 ? -0.871  -5.986  -6.684  1.00 65.40  ? 129 LEU A O   1 
ATOM   857  C CB  . LEU A 1 139 ? -1.255  -4.599  -9.541  1.00 68.18  ? 129 LEU A CB  1 
ATOM   858  C CG  . LEU A 1 139 ? -0.326  -3.390  -9.557  1.00 67.14  ? 129 LEU A CG  1 
ATOM   859  C CD1 . LEU A 1 139 ? 0.954   -3.771  -10.265 1.00 64.07  ? 129 LEU A CD1 1 
ATOM   860  C CD2 . LEU A 1 139 ? -1.008  -2.185  -10.228 1.00 64.73  ? 129 LEU A CD2 1 
ATOM   861  N N   . LEU A 1 140 ? 1.144   -5.376  -7.418  1.00 65.64  ? 130 LEU A N   1 
ATOM   862  C CA  . LEU A 1 140 ? 1.629   -5.348  -6.053  1.00 63.91  ? 130 LEU A CA  1 
ATOM   863  C C   . LEU A 1 140 ? 2.671   -4.315  -5.666  1.00 61.51  ? 130 LEU A C   1 
ATOM   864  O O   . LEU A 1 140 ? 3.667   -4.138  -6.366  1.00 61.49  ? 130 LEU A O   1 
ATOM   865  C CB  . LEU A 1 140 ? 2.165   -6.733  -5.727  1.00 66.46  ? 130 LEU A CB  1 
ATOM   866  C CG  . LEU A 1 140 ? 3.005   -6.852  -4.468  1.00 69.92  ? 130 LEU A CG  1 
ATOM   867  C CD1 . LEU A 1 140 ? 2.160   -6.475  -3.262  1.00 72.34  ? 130 LEU A CD1 1 
ATOM   868  C CD2 . LEU A 1 140 ? 3.512   -8.260  -4.341  1.00 72.77  ? 130 LEU A CD2 1 
ATOM   869  N N   . PHE A 1 141 ? 2.449   -3.638  -4.543  1.00 58.26  ? 131 PHE A N   1 
ATOM   870  C CA  . PHE A 1 141 ? 3.429   -2.664  -4.073  1.00 58.36  ? 131 PHE A CA  1 
ATOM   871  C C   . PHE A 1 141 ? 3.923   -3.113  -2.709  1.00 57.43  ? 131 PHE A C   1 
ATOM   872  O O   . PHE A 1 141 ? 3.166   -3.658  -1.909  1.00 55.20  ? 131 PHE A O   1 
ATOM   873  C CB  . PHE A 1 141 ? 2.842   -1.247  -3.876  1.00 58.64  ? 131 PHE A CB  1 
ATOM   874  C CG  . PHE A 1 141 ? 2.309   -0.594  -5.117  1.00 57.83  ? 131 PHE A CG  1 
ATOM   875  C CD1 . PHE A 1 141 ? 1.460   0.507   -5.003  1.00 58.61  ? 131 PHE A CD1 1 
ATOM   876  C CD2 . PHE A 1 141 ? 2.634   -1.053  -6.385  1.00 60.35  ? 131 PHE A CD2 1 
ATOM   877  C CE1 . PHE A 1 141 ? 0.921   1.135   -6.133  1.00 58.91  ? 131 PHE A CE1 1 
ATOM   878  C CE2 . PHE A 1 141 ? 2.096   -0.433  -7.534  1.00 61.38  ? 131 PHE A CE2 1 
ATOM   879  C CZ  . PHE A 1 141 ? 1.241   0.672   -7.399  1.00 60.45  ? 131 PHE A CZ  1 
ATOM   880  N N   . ILE A 1 142 ? 5.193   -2.853  -2.448  1.00 57.84  ? 132 ILE A N   1 
ATOM   881  C CA  . ILE A 1 142 ? 5.790   -3.160  -1.162  1.00 60.03  ? 132 ILE A CA  1 
ATOM   882  C C   . ILE A 1 142 ? 6.542   -1.892  -0.743  1.00 59.63  ? 132 ILE A C   1 
ATOM   883  O O   . ILE A 1 142 ? 7.237   -1.266  -1.549  1.00 59.19  ? 132 ILE A O   1 
ATOM   884  C CB  . ILE A 1 142 ? 6.786   -4.325  -1.261  1.00 61.98  ? 132 ILE A CB  1 
ATOM   885  C CG1 . ILE A 1 142 ? 6.157   -5.471  -2.049  1.00 63.94  ? 132 ILE A CG1 1 
ATOM   886  C CG2 . ILE A 1 142 ? 7.185   -4.780  0.138   1.00 60.19  ? 132 ILE A CG2 1 
ATOM   887  C CD1 . ILE A 1 142 ? 7.093   -6.624  -2.289  1.00 66.49  ? 132 ILE A CD1 1 
ATOM   888  N N   . ALA A 1 143 ? 6.405   -1.501  0.513   1.00 58.93  ? 133 ALA A N   1 
ATOM   889  C CA  . ALA A 1 143 ? 7.090   -0.301  0.959   1.00 60.41  ? 133 ALA A CA  1 
ATOM   890  C C   . ALA A 1 143 ? 7.393   -0.389  2.444   1.00 60.63  ? 133 ALA A C   1 
ATOM   891  O O   . ALA A 1 143 ? 6.916   -1.305  3.124   1.00 60.06  ? 133 ALA A O   1 
ATOM   892  C CB  . ALA A 1 143 ? 6.218   0.939   0.668   1.00 58.67  ? 133 ALA A CB  1 
ATOM   893  N N   . GLU A 1 144 ? 8.187   0.567   2.928   1.00 60.14  ? 134 GLU A N   1 
ATOM   894  C CA  . GLU A 1 144 ? 8.547   0.652   4.336   1.00 61.34  ? 134 GLU A CA  1 
ATOM   895  C C   . GLU A 1 144 ? 7.286   0.713   5.183   1.00 60.73  ? 134 GLU A C   1 
ATOM   896  O O   . GLU A 1 144 ? 6.168   0.826   4.669   1.00 60.38  ? 134 GLU A O   1 
ATOM   897  C CB  . GLU A 1 144 ? 9.354   1.914   4.599   1.00 65.30  ? 134 GLU A CB  1 
ATOM   898  C CG  . GLU A 1 144 ? 10.467  2.149   3.610   1.00 71.97  ? 134 GLU A CG  1 
ATOM   899  C CD  . GLU A 1 144 ? 11.577  1.133   3.745   1.00 75.25  ? 134 GLU A CD  1 
ATOM   900  O OE1 . GLU A 1 144 ? 11.290  -0.087  3.745   1.00 74.54  ? 134 GLU A OE1 1 
ATOM   901  O OE2 . GLU A 1 144 ? 12.746  1.569   3.850   1.00 79.20  ? 134 GLU A OE2 1 
ATOM   902  N N   . GLY A 1 145 ? 7.466   0.642   6.490   1.00 59.68  ? 135 GLY A N   1 
ATOM   903  C CA  . GLY A 1 145 ? 6.326   0.707   7.377   1.00 59.21  ? 135 GLY A CA  1 
ATOM   904  C C   . GLY A 1 145 ? 6.184   2.167   7.707   1.00 58.39  ? 135 GLY A C   1 
ATOM   905  O O   . GLY A 1 145 ? 5.471   2.548   8.629   1.00 60.33  ? 135 GLY A O   1 
ATOM   906  N N   . SER A 1 146 ? 6.900   2.979   6.940   1.00 57.26  ? 136 SER A N   1 
ATOM   907  C CA  . SER A 1 146 ? 6.894   4.420   7.108   1.00 56.02  ? 136 SER A CA  1 
ATOM   908  C C   . SER A 1 146 ? 6.107   5.065   5.964   1.00 56.17  ? 136 SER A C   1 
ATOM   909  O O   . SER A 1 146 ? 5.976   6.301   5.915   1.00 56.93  ? 136 SER A O   1 
ATOM   910  C CB  . SER A 1 146 ? 8.326   4.945   7.128   1.00 53.95  ? 136 SER A CB  1 
ATOM   911  O OG  . SER A 1 146 ? 8.959   4.687   5.891   1.00 56.12  ? 136 SER A OG  1 
ATOM   912  N N   . PHE A 1 147 ? 5.583   4.227   5.060   1.00 52.86  ? 137 PHE A N   1 
ATOM   913  C CA  . PHE A 1 147 ? 4.784   4.695   3.924   1.00 52.26  ? 137 PHE A CA  1 
ATOM   914  C C   . PHE A 1 147 ? 3.312   4.593   4.299   1.00 52.44  ? 137 PHE A C   1 
ATOM   915  O O   . PHE A 1 147 ? 2.807   3.507   4.489   1.00 53.43  ? 137 PHE A O   1 
ATOM   916  C CB  . PHE A 1 147 ? 5.060   3.853   2.680   1.00 49.79  ? 137 PHE A CB  1 
ATOM   917  C CG  . PHE A 1 147 ? 4.593   4.495   1.384   1.00 47.79  ? 137 PHE A CG  1 
ATOM   918  C CD1 . PHE A 1 147 ? 5.491   4.716   0.342   1.00 45.87  ? 137 PHE A CD1 1 
ATOM   919  C CD2 . PHE A 1 147 ? 3.252   4.827   1.185   1.00 48.11  ? 137 PHE A CD2 1 
ATOM   920  C CE1 . PHE A 1 147 ? 5.066   5.253   -0.868  1.00 43.94  ? 137 PHE A CE1 1 
ATOM   921  C CE2 . PHE A 1 147 ? 2.811   5.371   -0.032  1.00 43.41  ? 137 PHE A CE2 1 
ATOM   922  C CZ  . PHE A 1 147 ? 3.719   5.576   -1.055  1.00 44.83  ? 137 PHE A CZ  1 
ATOM   923  N N   . PRO A 1 148 ? 2.603   5.735   4.374   1.00 53.71  ? 138 PRO A N   1 
ATOM   924  C CA  . PRO A 1 148 ? 1.185   5.834   4.735   1.00 52.80  ? 138 PRO A CA  1 
ATOM   925  C C   . PRO A 1 148 ? 0.249   4.961   3.921   1.00 53.75  ? 138 PRO A C   1 
ATOM   926  O O   . PRO A 1 148 ? 0.012   5.232   2.757   1.00 56.27  ? 138 PRO A O   1 
ATOM   927  C CB  . PRO A 1 148 ? 0.878   7.316   4.536   1.00 55.27  ? 138 PRO A CB  1 
ATOM   928  C CG  . PRO A 1 148 ? 2.217   7.988   4.693   1.00 55.89  ? 138 PRO A CG  1 
ATOM   929  C CD  . PRO A 1 148 ? 3.107   7.047   3.930   1.00 54.11  ? 138 PRO A CD  1 
ATOM   930  N N   . TYR A 1 149 ? -0.302  3.925   4.537   1.00 54.17  ? 139 TYR A N   1 
ATOM   931  C CA  . TYR A 1 149 ? -1.224  3.026   3.851   1.00 54.39  ? 139 TYR A CA  1 
ATOM   932  C C   . TYR A 1 149 ? -2.278  3.744   3.008   1.00 53.70  ? 139 TYR A C   1 
ATOM   933  O O   . TYR A 1 149 ? -2.639  3.267   1.918   1.00 51.83  ? 139 TYR A O   1 
ATOM   934  C CB  . TYR A 1 149 ? -1.947  2.129   4.858   1.00 55.64  ? 139 TYR A CB  1 
ATOM   935  C CG  . TYR A 1 149 ? -1.215  0.860   5.235   1.00 59.63  ? 139 TYR A CG  1 
ATOM   936  C CD1 . TYR A 1 149 ? -0.975  -0.145  4.286   1.00 60.79  ? 139 TYR A CD1 1 
ATOM   937  C CD2 . TYR A 1 149 ? -0.794  0.642   6.556   1.00 57.82  ? 139 TYR A CD2 1 
ATOM   938  C CE1 . TYR A 1 149 ? -0.331  -1.343  4.654   1.00 60.99  ? 139 TYR A CE1 1 
ATOM   939  C CE2 . TYR A 1 149 ? -0.164  -0.531  6.927   1.00 58.11  ? 139 TYR A CE2 1 
ATOM   940  C CZ  . TYR A 1 149 ? 0.070   -1.520  5.979   1.00 59.95  ? 139 TYR A CZ  1 
ATOM   941  O OH  . TYR A 1 149 ? 0.729   -2.657  6.367   1.00 58.56  ? 139 TYR A OH  1 
ATOM   942  N N   . GLY A 1 150 ? -2.786  4.867   3.524   1.00 52.08  ? 140 GLY A N   1 
ATOM   943  C CA  . GLY A 1 150 ? -3.797  5.619   2.805   1.00 48.60  ? 140 GLY A CA  1 
ATOM   944  C C   . GLY A 1 150 ? -3.278  6.017   1.443   1.00 47.98  ? 140 GLY A C   1 
ATOM   945  O O   . GLY A 1 150 ? -3.888  5.719   0.418   1.00 48.20  ? 140 GLY A O   1 
ATOM   946  N N   . LEU A 1 151 ? -2.137  6.687   1.420   1.00 45.76  ? 141 LEU A N   1 
ATOM   947  C CA  . LEU A 1 151 ? -1.573  7.104   0.162   1.00 48.40  ? 141 LEU A CA  1 
ATOM   948  C C   . LEU A 1 151 ? -1.272  5.884   -0.698  1.00 48.99  ? 141 LEU A C   1 
ATOM   949  O O   . LEU A 1 151 ? -1.315  5.940   -1.924  1.00 50.85  ? 141 LEU A O   1 
ATOM   950  C CB  . LEU A 1 151 ? -0.299  7.912   0.411   1.00 50.63  ? 141 LEU A CB  1 
ATOM   951  C CG  . LEU A 1 151 ? -0.459  9.116   1.350   1.00 51.74  ? 141 LEU A CG  1 
ATOM   952  C CD1 . LEU A 1 151 ? 0.898   9.659   1.766   1.00 46.68  ? 141 LEU A CD1 1 
ATOM   953  C CD2 . LEU A 1 151 ? -1.313  10.185  0.648   1.00 51.21  ? 141 LEU A CD2 1 
ATOM   954  N N   . LEU A 1 152 ? -0.983  4.766   -0.050  1.00 50.05  ? 142 LEU A N   1 
ATOM   955  C CA  . LEU A 1 152 ? -0.653  3.539   -0.768  1.00 49.41  ? 142 LEU A CA  1 
ATOM   956  C C   . LEU A 1 152 ? -1.847  2.958   -1.537  1.00 49.09  ? 142 LEU A C   1 
ATOM   957  O O   . LEU A 1 152 ? -1.719  2.625   -2.719  1.00 48.65  ? 142 LEU A O   1 
ATOM   958  C CB  . LEU A 1 152 ? -0.071  2.514   0.209   1.00 46.88  ? 142 LEU A CB  1 
ATOM   959  C CG  . LEU A 1 152 ? 0.929   1.516   -0.406  1.00 46.09  ? 142 LEU A CG  1 
ATOM   960  C CD1 . LEU A 1 152 ? 2.152   2.273   -0.915  1.00 37.23  ? 142 LEU A CD1 1 
ATOM   961  C CD2 . LEU A 1 152 ? 1.300   0.423   0.626   1.00 41.47  ? 142 LEU A CD2 1 
ATOM   962  N N   . VAL A 1 153 ? -2.996  2.847   -0.867  1.00 48.24  ? 143 VAL A N   1 
ATOM   963  C CA  . VAL A 1 153 ? -4.241  2.350   -1.468  1.00 47.23  ? 143 VAL A CA  1 
ATOM   964  C C   . VAL A 1 153 ? -4.609  3.278   -2.630  1.00 48.01  ? 143 VAL A C   1 
ATOM   965  O O   . VAL A 1 153 ? -5.015  2.839   -3.710  1.00 46.83  ? 143 VAL A O   1 
ATOM   966  C CB  . VAL A 1 153 ? -5.398  2.364   -0.418  1.00 48.57  ? 143 VAL A CB  1 
ATOM   967  C CG1 . VAL A 1 153 ? -6.746  2.015   -1.077  1.00 48.34  ? 143 VAL A CG1 1 
ATOM   968  C CG2 . VAL A 1 153 ? -5.069  1.402   0.719   1.00 46.04  ? 143 VAL A CG2 1 
ATOM   969  N N   . ILE A 1 154 ? -4.467  4.575   -2.389  1.00 46.86  ? 144 ILE A N   1 
ATOM   970  C CA  . ILE A 1 154 ? -4.748  5.570   -3.412  1.00 47.95  ? 144 ILE A CA  1 
ATOM   971  C C   . ILE A 1 154 ? -3.764  5.430   -4.557  1.00 45.65  ? 144 ILE A C   1 
ATOM   972  O O   . ILE A 1 154 ? -4.124  5.481   -5.721  1.00 44.52  ? 144 ILE A O   1 
ATOM   973  C CB  . ILE A 1 154 ? -4.658  7.035   -2.834  1.00 48.56  ? 144 ILE A CB  1 
ATOM   974  C CG1 . ILE A 1 154 ? -5.916  7.351   -2.027  1.00 47.79  ? 144 ILE A CG1 1 
ATOM   975  C CG2 . ILE A 1 154 ? -4.498  8.047   -3.950  1.00 45.76  ? 144 ILE A CG2 1 
ATOM   976  C CD1 . ILE A 1 154 ? -7.185  7.042   -2.781  1.00 46.61  ? 144 ILE A CD1 1 
ATOM   977  N N   . LYS A 1 155 ? -2.506  5.247   -4.218  1.00 47.86  ? 145 LYS A N   1 
ATOM   978  C CA  . LYS A 1 155 ? -1.499  5.115   -5.248  1.00 50.88  ? 145 LYS A CA  1 
ATOM   979  C C   . LYS A 1 155 ? -1.751  3.905   -6.164  1.00 51.30  ? 145 LYS A C   1 
ATOM   980  O O   . LYS A 1 155 ? -1.645  3.998   -7.393  1.00 47.64  ? 145 LYS A O   1 
ATOM   981  C CB  . LYS A 1 155 ? -0.113  5.031   -4.603  1.00 50.32  ? 145 LYS A CB  1 
ATOM   982  C CG  . LYS A 1 155 ? 0.931   5.679   -5.462  1.00 50.55  ? 145 LYS A CG  1 
ATOM   983  C CD  . LYS A 1 155 ? 2.325   5.321   -5.060  1.00 50.82  ? 145 LYS A CD  1 
ATOM   984  C CE  . LYS A 1 155 ? 3.287   5.825   -6.112  1.00 50.58  ? 145 LYS A CE  1 
ATOM   985  N NZ  . LYS A 1 155 ? 4.593   5.139   -5.991  1.00 51.93  ? 145 LYS A NZ  1 
ATOM   986  N N   . ILE A 1 156 ? -2.119  2.777   -5.568  1.00 53.94  ? 146 ILE A N   1 
ATOM   987  C CA  . ILE A 1 156 ? -2.355  1.577   -6.359  1.00 57.96  ? 146 ILE A CA  1 
ATOM   988  C C   . ILE A 1 156 ? -3.618  1.692   -7.211  1.00 60.39  ? 146 ILE A C   1 
ATOM   989  O O   . ILE A 1 156 ? -3.705  1.120   -8.303  1.00 59.58  ? 146 ILE A O   1 
ATOM   990  C CB  . ILE A 1 156 ? -2.412  0.329   -5.452  1.00 57.84  ? 146 ILE A CB  1 
ATOM   991  C CG1 . ILE A 1 156 ? -2.262  -0.930  -6.303  1.00 57.93  ? 146 ILE A CG1 1 
ATOM   992  C CG2 . ILE A 1 156 ? -3.682  0.334   -4.632  1.00 55.90  ? 146 ILE A CG2 1 
ATOM   993  C CD1 . ILE A 1 156 ? -1.786  -2.138  -5.529  1.00 59.98  ? 146 ILE A CD1 1 
ATOM   994  N N   . GLU A 1 157 ? -4.584  2.452   -6.709  1.00 63.62  ? 147 GLU A N   1 
ATOM   995  C CA  . GLU A 1 157 ? -5.843  2.678   -7.407  1.00 66.15  ? 147 GLU A CA  1 
ATOM   996  C C   . GLU A 1 157 ? -5.574  3.313   -8.773  1.00 67.01  ? 147 GLU A C   1 
ATOM   997  O O   . GLU A 1 157 ? -5.997  2.802   -9.810  1.00 65.38  ? 147 GLU A O   1 
ATOM   998  C CB  . GLU A 1 157 ? -6.772  3.566   -6.577  1.00 20.00  ? 147 GLU A CB  1 
ATOM   999  C CG  . GLU A 1 157 ? -8.139  3.793   -7.204  1.00 20.00  ? 147 GLU A CG  1 
ATOM   1000 C CD  . GLU A 1 157 ? -8.260  5.157   -7.856  1.00 20.00  ? 147 GLU A CD  1 
ATOM   1001 O OE1 . GLU A 1 157 ? -7.528  6.081   -7.446  1.00 20.00  ? 147 GLU A OE1 1 
ATOM   1002 O OE2 . GLU A 1 157 ? -9.090  5.306   -8.777  1.00 20.00  ? 147 GLU A OE2 1 
ATOM   1003 N N   . ARG A 1 158 ? -4.852  4.422   -8.773  1.00 67.82  ? 148 ARG A N   1 
ATOM   1004 C CA  . ARG A 1 158 ? -4.561  5.097   -10.016 1.00 70.76  ? 148 ARG A CA  1 
ATOM   1005 C C   . ARG A 1 158 ? -3.712  4.217   -10.874 1.00 72.54  ? 148 ARG A C   1 
ATOM   1006 O O   . ARG A 1 158 ? -3.817  4.238   -12.099 1.00 73.49  ? 148 ARG A O   1 
ATOM   1007 C CB  . ARG A 1 158 ? -3.847  6.406   -9.741  1.00 71.58  ? 148 ARG A CB  1 
ATOM   1008 C CG  . ARG A 1 158 ? -4.720  7.361   -8.985  1.00 72.64  ? 148 ARG A CG  1 
ATOM   1009 C CD  . ARG A 1 158 ? -3.961  8.580   -8.598  1.00 73.91  ? 148 ARG A CD  1 
ATOM   1010 N NE  . ARG A 1 158 ? -4.835  9.551   -7.963  1.00 76.35  ? 148 ARG A NE  1 
ATOM   1011 C CZ  . ARG A 1 158 ? -4.398  10.540  -7.194  1.00 79.04  ? 148 ARG A CZ  1 
ATOM   1012 N NH1 . ARG A 1 158 ? -3.100  10.675  -6.968  1.00 79.38  ? 148 ARG A NH1 1 
ATOM   1013 N NH2 . ARG A 1 158 ? -5.254  11.399  -6.662  1.00 80.75  ? 148 ARG A NH2 1 
ATOM   1014 N N   . ALA A 1 159 ? -2.862  3.436   -10.223 1.00 75.06  ? 149 ALA A N   1 
ATOM   1015 C CA  . ALA A 1 159 ? -1.990  2.520   -10.941 1.00 77.32  ? 149 ALA A CA  1 
ATOM   1016 C C   . ALA A 1 159 ? -2.834  1.558   -11.788 1.00 77.83  ? 149 ALA A C   1 
ATOM   1017 O O   . ALA A 1 159 ? -2.550  1.363   -12.966 1.00 77.38  ? 149 ALA A O   1 
ATOM   1018 C CB  . ALA A 1 159 ? -1.113  1.748   -9.955  1.00 77.64  ? 149 ALA A CB  1 
ATOM   1019 N N   . MET A 1 160 ? -3.870  0.972   -11.188 1.00 78.57  ? 150 MET A N   1 
ATOM   1020 C CA  . MET A 1 160 ? -4.747  0.049   -11.904 1.00 80.94  ? 150 MET A CA  1 
ATOM   1021 C C   . MET A 1 160 ? -5.402  0.733   -13.093 1.00 82.50  ? 150 MET A C   1 
ATOM   1022 O O   . MET A 1 160 ? -5.382  0.208   -14.203 1.00 82.48  ? 150 MET A O   1 
ATOM   1023 C CB  . MET A 1 160 ? -5.850  -0.480  -10.988 1.00 81.82  ? 150 MET A CB  1 
ATOM   1024 C CG  . MET A 1 160 ? -5.447  -1.576  -10.016 1.00 83.54  ? 150 MET A CG  1 
ATOM   1025 S SD  . MET A 1 160 ? -4.711  -2.990  -10.851 1.00 85.58  ? 150 MET A SD  1 
ATOM   1026 C CE  . MET A 1 160 ? -6.049  -3.503  -12.016 1.00 85.83  ? 150 MET A CE  1 
ATOM   1027 N N   . ARG A 1 161 ? -5.991  1.901   -12.851 1.00 84.61  ? 151 ARG A N   1 
ATOM   1028 C CA  . ARG A 1 161 ? -6.657  2.659   -13.905 1.00 86.66  ? 151 ARG A CA  1 
ATOM   1029 C C   . ARG A 1 161 ? -5.677  2.869   -15.046 1.00 86.32  ? 151 ARG A C   1 
ATOM   1030 O O   . ARG A 1 161 ? -5.908  2.426   -16.166 1.00 85.22  ? 151 ARG A O   1 
ATOM   1031 C CB  . ARG A 1 161 ? -7.141  4.011   -13.359 1.00 89.06  ? 151 ARG A CB  1 
ATOM   1032 C CG  . ARG A 1 161 ? -7.790  4.953   -14.389 1.00 93.08  ? 151 ARG A CG  1 
ATOM   1033 C CD  . ARG A 1 161 ? -9.108  4.403   -14.959 1.00 96.24  ? 151 ARG A CD  1 
ATOM   1034 N NE  . ARG A 1 161 ? -9.923  5.434   -15.613 1.00 98.60  ? 151 ARG A NE  1 
ATOM   1035 C CZ  . ARG A 1 161 ? -11.191 5.268   -15.990 1.00 99.83  ? 151 ARG A CZ  1 
ATOM   1036 N NH1 . ARG A 1 161 ? -11.803 4.109   -15.785 1.00 99.50  ? 151 ARG A NH1 1 
ATOM   1037 N NH2 . ARG A 1 161 ? -11.858 6.266   -16.564 1.00 101.45 ? 151 ARG A NH2 1 
ATOM   1038 N N   . GLU A 1 162 ? -4.573  3.538   -14.741 1.00 88.14  ? 152 GLU A N   1 
ATOM   1039 C CA  . GLU A 1 162 ? -3.538  3.819   -15.725 1.00 89.96  ? 152 GLU A CA  1 
ATOM   1040 C C   . GLU A 1 162 ? -3.067  2.533   -16.386 1.00 89.94  ? 152 GLU A C   1 
ATOM   1041 O O   . GLU A 1 162 ? -2.696  2.524   -17.560 1.00 89.32  ? 152 GLU A O   1 
ATOM   1042 C CB  . GLU A 1 162 ? -2.354  4.526   -15.055 1.00 92.01  ? 152 GLU A CB  1 
ATOM   1043 C CG  . GLU A 1 162 ? -1.094  4.576   -15.905 1.00 96.46  ? 152 GLU A CG  1 
ATOM   1044 C CD  . GLU A 1 162 ? -1.339  5.142   -17.297 1.00 99.84  ? 152 GLU A CD  1 
ATOM   1045 O OE1 . GLU A 1 162 ? -1.725  6.332   -17.404 1.00 101.71 ? 152 GLU A OE1 1 
ATOM   1046 O OE2 . GLU A 1 162 ? -1.145  4.395   -18.287 1.00 100.68 ? 152 GLU A OE2 1 
ATOM   1047 N N   . LEU A 1 163 ? -3.085  1.446   -15.627 1.00 89.98  ? 153 LEU A N   1 
ATOM   1048 C CA  . LEU A 1 163 ? -2.655  0.169   -16.155 1.00 90.42  ? 153 LEU A CA  1 
ATOM   1049 C C   . LEU A 1 163 ? -3.649  -0.299  -17.200 1.00 91.74  ? 153 LEU A C   1 
ATOM   1050 O O   . LEU A 1 163 ? -3.312  -0.403  -18.380 1.00 92.09  ? 153 LEU A O   1 
ATOM   1051 C CB  . LEU A 1 163 ? -2.539  -0.868  -15.032 1.00 90.42  ? 153 LEU A CB  1 
ATOM   1052 C CG  . LEU A 1 163 ? -2.024  -2.268  -15.414 1.00 89.88  ? 153 LEU A CG  1 
ATOM   1053 C CD1 . LEU A 1 163 ? -0.775  -2.149  -16.281 1.00 88.96  ? 153 LEU A CD1 1 
ATOM   1054 C CD2 . LEU A 1 163 ? -1.731  -3.075  -14.152 1.00 88.40  ? 153 LEU A CD2 1 
ATOM   1055 N N   . THR A 1 164 ? -4.881  -0.563  -16.770 1.00 92.67  ? 154 THR A N   1 
ATOM   1056 C CA  . THR A 1 164 ? -5.911  -1.027  -17.689 1.00 92.75  ? 154 THR A CA  1 
ATOM   1057 C C   . THR A 1 164 ? -6.143  -0.059  -18.856 1.00 94.02  ? 154 THR A C   1 
ATOM   1058 O O   . THR A 1 164 ? -6.610  -0.474  -19.915 1.00 93.62  ? 154 THR A O   1 
ATOM   1059 C CB  . THR A 1 164 ? -7.237  -1.296  -16.947 1.00 91.64  ? 154 THR A CB  1 
ATOM   1060 O OG1 . THR A 1 164 ? -6.999  -2.171  -15.839 1.00 91.01  ? 154 THR A OG1 1 
ATOM   1061 C CG2 . THR A 1 164 ? -8.226  -1.978  -17.871 1.00 91.34  ? 154 THR A CG2 1 
ATOM   1062 N N   . ASP A 1 165 ? -5.807  1.219   -18.678 1.00 96.22  ? 155 ASP A N   1 
ATOM   1063 C CA  . ASP A 1 165 ? -5.968  2.194   -19.761 1.00 99.47  ? 155 ASP A CA  1 
ATOM   1064 C C   . ASP A 1 165 ? -5.072  1.829   -20.937 1.00 101.45 ? 155 ASP A C   1 
ATOM   1065 O O   . ASP A 1 165 ? -5.492  1.883   -22.095 1.00 102.34 ? 155 ASP A O   1 
ATOM   1066 C CB  . ASP A 1 165 ? -5.599  3.611   -19.312 1.00 99.62  ? 155 ASP A CB  1 
ATOM   1067 C CG  . ASP A 1 165 ? -6.641  4.230   -18.419 1.00 100.77 ? 155 ASP A CG  1 
ATOM   1068 O OD1 . ASP A 1 165 ? -7.841  4.167   -18.772 1.00 99.22  ? 155 ASP A OD1 1 
ATOM   1069 O OD2 . ASP A 1 165 ? -6.252  4.790   -17.371 1.00 102.42 ? 155 ASP A OD2 1 
ATOM   1070 N N   . LEU A 1 166 ? -3.832  1.462   -20.629 1.00 103.32 ? 156 LEU A N   1 
ATOM   1071 C CA  . LEU A 1 166 ? -2.861  1.096   -21.653 1.00 105.31 ? 156 LEU A CA  1 
ATOM   1072 C C   . LEU A 1 166 ? -3.072  -0.323  -22.203 1.00 107.09 ? 156 LEU A C   1 
ATOM   1073 O O   . LEU A 1 166 ? -2.307  -0.782  -23.051 1.00 107.39 ? 156 LEU A O   1 
ATOM   1074 C CB  . LEU A 1 166 ? -1.436  1.229   -21.096 1.00 104.65 ? 156 LEU A CB  1 
ATOM   1075 C CG  . LEU A 1 166 ? -1.046  2.544   -20.404 1.00 105.02 ? 156 LEU A CG  1 
ATOM   1076 C CD1 . LEU A 1 166 ? 0.383   2.427   -19.896 1.00 104.49 ? 156 LEU A CD1 1 
ATOM   1077 C CD2 . LEU A 1 166 ? -1.180  3.732   -21.350 1.00 104.08 ? 156 LEU A CD2 1 
ATOM   1078 N N   . PHE A 1 167 ? -4.096  -1.021  -21.719 1.00 109.09 ? 157 PHE A N   1 
ATOM   1079 C CA  . PHE A 1 167 ? -4.381  -2.377  -22.196 1.00 111.40 ? 157 PHE A CA  1 
ATOM   1080 C C   . PHE A 1 167 ? -5.891  -2.643  -22.203 1.00 112.29 ? 157 PHE A C   1 
ATOM   1081 O O   . PHE A 1 167 ? -6.483  -2.892  -21.153 1.00 112.84 ? 157 PHE A O   1 
ATOM   1082 C CB  . PHE A 1 167 ? -3.679  -3.420  -21.315 1.00 112.01 ? 157 PHE A CB  1 
ATOM   1083 C CG  . PHE A 1 167 ? -2.214  -3.150  -21.094 1.00 114.07 ? 157 PHE A CG  1 
ATOM   1084 C CD1 . PHE A 1 167 ? -1.798  -2.218  -20.147 1.00 115.34 ? 157 PHE A CD1 1 
ATOM   1085 C CD2 . PHE A 1 167 ? -1.247  -3.824  -21.833 1.00 115.07 ? 157 PHE A CD2 1 
ATOM   1086 C CE1 . PHE A 1 167 ? -0.436  -1.964  -19.933 1.00 116.34 ? 157 PHE A CE1 1 
ATOM   1087 C CE2 . PHE A 1 167 ? 0.116   -3.578  -21.630 1.00 115.80 ? 157 PHE A CE2 1 
ATOM   1088 C CZ  . PHE A 1 167 ? 0.521   -2.647  -20.678 1.00 116.31 ? 157 PHE A CZ  1 
ATOM   1089 N N   . GLY A 1 168 ? -6.519  -2.596  -23.387 1.00 20.00  ? 158 GLY A N   1 
ATOM   1090 C CA  . GLY A 1 168 ? -7.949  -2.813  -23.516 1.00 20.00  ? 158 GLY A CA  1 
ATOM   1091 C C   . GLY A 1 168 ? -8.295  -3.702  -24.694 1.00 20.00  ? 158 GLY A C   1 
ATOM   1092 O O   . GLY A 1 168 ? -9.095  -4.662  -24.525 1.00 113.14 ? 158 GLY A O   1 
HETATM 1093 O O   . HOH B 2 .   ? -5.882  -0.325  6.170   1.00 54.47  ? 163 HOH A O   1 
HETATM 1094 O O   . HOH B 2 .   ? 2.554   -11.604 8.255   1.00 63.04  ? 164 HOH A O   1 
# 
